data_9HGA
#
_entry.id   9HGA
#
_cell.length_a   1.00
_cell.length_b   1.00
_cell.length_c   1.00
_cell.angle_alpha   90.00
_cell.angle_beta   90.00
_cell.angle_gamma   90.00
#
_symmetry.space_group_name_H-M   'P 1'
#
loop_
_entity.id
_entity.type
_entity.pdbx_description
1 polymer 'Outer membrane protein assembly factor BamA'
2 polymer 'Outer membrane protein assembly factor BamB'
3 polymer 'Outer membrane protein assembly factor BamC'
4 polymer 'Outer membrane protein assembly factor BamD'
5 polymer 'Outer membrane protein assembly factor BamE'
6 polymer 'Chaperone SurA'
7 polymer 'Darobactin A'
#
loop_
_entity_poly.entity_id
_entity_poly.type
_entity_poly.pdbx_seq_one_letter_code
_entity_poly.pdbx_strand_id
1 'polypeptide(L)'
;AEGFVVKDIHFEGLQRVAVGAALLSMPVRTGDTVNDEDISNTIRALFATGNFEDVRVLRDGDTLLVQVKERPTIASITFS
GNKSVKDDMLKQNLEASGVRVGESLDRTTIADIEKGLEDFYYSVGKYSASVKAVVTPLPRNRVDLKLVFQEGVSAEIQQI
NIVGNHAFTTDELISHFQLRDEVPWWNVVGDRKYQKQKLAGDLETLRSYYLDRGYARFNIDSTQVSLTPDKKGIYVTVNI
TEGDQYKLSGVEVSGNLAGHSAEIEQLTKIEPGELYNGTKVTKMEDDIKKLLGRYGYAYPRVQSMPEINDADKTVKLRVN
VDAGNRFYVRKIRFEGNDTSKDAVLRREMRQMEGAWLGSDLVDQGKERLNRLGFFETVDTDTQRVPGSPDQVDVVYKVKE
RNTGSFNFGIGYGTESGVSFQAGVQQDNWLGTGYAVGINGTKNDYQTYAELSVTNPYFTVDGVSLGGRLFYNDFQADDAD
LSDYTNKSYGTDVTLGFPINEYNSLRAGLGYVHNSLSNMQPQVAMWRYLYSMGEHPSTSDQDNSFKTDDFTFNYGWTYNK
LDRGYFPTDGSRVNLTGKVTIPGSDNEYYKVTLDTATYVPIDDDHKWVVLGRTRWGYGDGLGGKEMPFYENFYAGGSSTV
RGFQSNTIGPKAVYFPHQASNYDPDYDYECATQDGAKDLCKSDDAVGGNAMAVASLEFITPTPFISDKYANSVRTSFFWD
MGTVWDTNWDSSQYSGYPDYSDPSNIRMSAGIALQWMSPLGPLVFSYAQPFKKYDGDKAEQFQFNIGKTW
;
A
2 'polypeptide(L)'
;CSLFNSEEDVVKMSPLPTVENQFTPTTAWSTSVGSGIGNFYSNLHPALADNVVYAADRAGLVKALNADDGKEIWSVSLAE
KDGWFSKEPALLSGGVTVSGGHVYIGSEKAQVYALNTSDGTVAWQTKVAGEALSRPVVSDGLVLIHTSNGQLQALNEADG
AVKWTVNLDMPSLSLRGESAPTTAFGAAVVGGDNGRVSAVLMEQGQMIWQQRISQATGSTEIDRLSDVDTTPVVVNGVVF
ALAYNGNLTALDLRSGQIMWKRELGSVNDFIVDGNRIYLVDQNDRVMALTIDGGVTLWTQSDLLHRLLTSPVLYNGNLVV
GDSEGYLHWINVEDGRFVAQQKVDSSGFQTEPVAADGKLLIQAKDGTVYSITRWSHPQFEK
;
B
3 'polypeptide(L)'
;CSSDSRYKRQVSGDEAYLEAAPLAELHAPAGMILPVTSGDYAIPVTNGSGAVGKALDIRPPAQPLALVSGARTQFTGDTA
SLLVENGRGNTLWPQVVSVLQAKNYTITQRDDAGQTLTTDWVQWNRLDEDEQYRGRYQISVKPQGYQQAVTVKLLNLEQA
GKPVADAASMQRYSTEMMNVISAGLDKSATDAANAAQNRASTTMDVQSAADDTGLPMLVVRGPFNVVWQRLPAALEKVGM
KVTDSTRSQGNMAVTYKPLSDSDWQELGASDPGLASGDYKLQVGDLDNRSSLQFIDPKGHTLTQSQNDALVAVFQAAFSK
;
C
4 'polypeptide(L)'
;CSGSKEEVPDNPPNEIYATAQQKLQDGNWRQAITQLEALDNRYPFGPYSQQVQLDLIYAYYKNADLPLAQAAIDRFIRLN
PTHPNIDYVMYMRGLTNMALDDSALQGFFGVDRSDRDPQHARAAFSDFSKLVRGYPNSQYTTDATKRLVFLKDRLAKYEY
SVAEYYTERGAWVAVVNRVEGMLRDYPDTQATRDALPLMENAYRQMQMNAQAEKVAKIIAANSSNT
;
D
5 'polypeptide(L)'
;CSTLERVVYRPDINQGNYLTANDVSKIRVGMTQQQVAYALGTPLMSDPFGTNTWFYVFRQQPGHEGVTQQTLTLTFNSSG
VLTNIDNKPALSGNKLHHHHHH
;
E
6 'polypeptide(L)'
;GSHMAPQVVDKVAAVVNNGVVLESDVDGLMQSVKLNAAQARQQLPDDATLRHQIMERLIMDQIILQMGQKMGVKISDEQL
DQAIANIAKQNNMTLDQMRSRLAYDGLNYNTYRNQIRKEMIISEVRNNEVRRRITILPQEVESLAQQVGNQNDASTELNL
SHILIPLPENPTSDQVNEAESQARAIVDQARNGADFGKLAIAHSADQQALNGGQMGWGRIQELPGIFAQALSTAKKGDIV
GPIRSGVGFHILKVNDLRGESKNISVTEVHARHILLKPSPIMTDEQARVKLEQIAADIKSGKTTFAAAAKEFSQDPGSAN
QGGDLGWATPDIFDPAFRDALTRLNKGQMSAPVHSSFGWHLIELLDTRNVDKTDAAQKDRAYRMLMNRKFSEEAASWMQE
QRASAYVKILSN
;
F
7 'polypeptide(L)' WN(UX8)SKSF G
#
# COMPACT_ATOMS: atom_id res chain seq x y z
N PHE A 4 -51.99 -20.30 -26.00
CA PHE A 4 -51.51 -21.22 -27.08
C PHE A 4 -50.97 -22.51 -26.49
N VAL A 5 -51.61 -23.63 -26.81
CA VAL A 5 -51.12 -24.93 -26.35
C VAL A 5 -49.77 -25.22 -26.99
N VAL A 6 -48.84 -25.72 -26.18
CA VAL A 6 -47.48 -26.02 -26.62
C VAL A 6 -47.31 -27.53 -26.63
N LYS A 7 -46.89 -28.06 -27.78
CA LYS A 7 -46.62 -29.49 -27.91
C LYS A 7 -45.14 -29.82 -28.01
N ASP A 8 -44.28 -28.83 -28.26
CA ASP A 8 -42.85 -29.05 -28.34
C ASP A 8 -42.13 -27.79 -27.88
N ILE A 9 -40.91 -27.98 -27.39
CA ILE A 9 -40.07 -26.89 -26.90
C ILE A 9 -38.72 -26.99 -27.58
N HIS A 10 -38.24 -25.89 -28.14
CA HIS A 10 -36.96 -25.83 -28.81
C HIS A 10 -36.21 -24.57 -28.42
N PHE A 11 -34.88 -24.65 -28.48
CA PHE A 11 -34.02 -23.51 -28.15
C PHE A 11 -32.93 -23.39 -29.20
N GLU A 12 -32.44 -22.17 -29.36
CA GLU A 12 -31.29 -21.89 -30.23
C GLU A 12 -30.36 -20.95 -29.50
N GLY A 13 -29.06 -21.24 -29.57
CA GLY A 13 -28.06 -20.44 -28.90
C GLY A 13 -27.67 -20.93 -27.53
N LEU A 14 -28.27 -22.00 -27.03
CA LEU A 14 -27.89 -22.56 -25.74
C LEU A 14 -26.51 -23.21 -25.87
N GLN A 15 -25.50 -22.60 -25.24
CA GLN A 15 -24.13 -23.08 -25.34
C GLN A 15 -23.60 -23.60 -24.01
N ARG A 16 -23.65 -22.79 -22.95
CA ARG A 16 -23.12 -23.18 -21.65
C ARG A 16 -24.18 -23.68 -20.69
N VAL A 17 -25.41 -23.20 -20.83
CA VAL A 17 -26.52 -23.63 -19.96
C VAL A 17 -27.14 -24.88 -20.57
N ALA A 18 -27.27 -25.93 -19.75
CA ALA A 18 -27.85 -27.18 -20.22
C ALA A 18 -29.33 -26.99 -20.55
N VAL A 19 -29.79 -27.76 -21.53
CA VAL A 19 -31.20 -27.69 -21.93
C VAL A 19 -32.10 -28.05 -20.76
N GLY A 20 -31.73 -29.09 -20.00
CA GLY A 20 -32.53 -29.46 -18.85
C GLY A 20 -32.56 -28.38 -17.79
N ALA A 21 -31.42 -27.75 -17.52
CA ALA A 21 -31.38 -26.66 -16.55
C ALA A 21 -32.24 -25.50 -17.00
N ALA A 22 -32.19 -25.15 -18.28
CA ALA A 22 -33.02 -24.08 -18.78
C ALA A 22 -34.50 -24.47 -18.71
N LEU A 23 -34.82 -25.74 -18.98
CA LEU A 23 -36.20 -26.19 -18.91
C LEU A 23 -36.74 -26.08 -17.50
N LEU A 24 -35.92 -26.45 -16.51
CA LEU A 24 -36.28 -26.22 -15.11
C LEU A 24 -36.46 -24.74 -14.84
N SER A 25 -35.61 -23.90 -15.44
CA SER A 25 -35.66 -22.47 -15.17
C SER A 25 -36.99 -21.87 -15.65
N MET A 26 -37.36 -22.10 -16.90
CA MET A 26 -38.60 -21.50 -17.39
C MET A 26 -39.79 -22.16 -16.70
N PRO A 27 -40.69 -21.39 -16.08
CA PRO A 27 -41.90 -22.01 -15.50
C PRO A 27 -42.74 -22.75 -16.52
N VAL A 28 -42.83 -22.23 -17.75
CA VAL A 28 -43.66 -22.87 -18.76
C VAL A 28 -43.12 -24.26 -19.06
N ARG A 29 -44.03 -25.16 -19.44
CA ARG A 29 -43.66 -26.52 -19.79
C ARG A 29 -44.50 -27.00 -20.96
N THR A 30 -43.98 -28.00 -21.66
CA THR A 30 -44.65 -28.53 -22.85
C THR A 30 -46.00 -29.12 -22.46
N GLY A 31 -46.97 -28.98 -23.35
CA GLY A 31 -48.31 -29.49 -23.10
C GLY A 31 -49.17 -28.58 -22.25
N ASP A 32 -49.07 -27.26 -22.44
CA ASP A 32 -49.85 -26.32 -21.67
C ASP A 32 -50.10 -25.08 -22.51
N THR A 33 -51.15 -24.35 -22.15
CA THR A 33 -51.47 -23.11 -22.83
C THR A 33 -50.47 -22.03 -22.45
N VAL A 34 -50.12 -21.19 -23.42
CA VAL A 34 -49.12 -20.14 -23.24
C VAL A 34 -49.67 -18.84 -23.81
N ASN A 35 -49.40 -17.74 -23.12
CA ASN A 35 -49.80 -16.41 -23.54
C ASN A 35 -48.58 -15.49 -23.52
N ASP A 36 -48.77 -14.27 -24.03
CA ASP A 36 -47.68 -13.31 -24.06
C ASP A 36 -47.16 -13.02 -22.65
N GLU A 37 -48.04 -13.07 -21.65
CA GLU A 37 -47.59 -12.88 -20.28
C GLU A 37 -46.62 -13.97 -19.86
N ASP A 38 -46.94 -15.23 -20.18
CA ASP A 38 -46.03 -16.33 -19.87
C ASP A 38 -44.73 -16.21 -20.64
N ILE A 39 -44.81 -15.78 -21.91
CA ILE A 39 -43.60 -15.58 -22.69
C ILE A 39 -42.71 -14.53 -22.05
N SER A 40 -43.32 -13.42 -21.61
CA SER A 40 -42.56 -12.37 -20.94
C SER A 40 -41.93 -12.88 -19.64
N ASN A 41 -42.69 -13.68 -18.87
CA ASN A 41 -42.16 -14.22 -17.63
C ASN A 41 -40.96 -15.12 -17.91
N THR A 42 -41.07 -15.99 -18.92
CA THR A 42 -39.96 -16.87 -19.26
C THR A 42 -38.75 -16.07 -19.72
N ILE A 43 -38.96 -15.03 -20.53
CA ILE A 43 -37.85 -14.19 -20.97
C ILE A 43 -37.17 -13.53 -19.79
N ARG A 44 -37.98 -13.01 -18.84
CA ARG A 44 -37.43 -12.37 -17.66
C ARG A 44 -36.62 -13.37 -16.84
N ALA A 45 -37.13 -14.59 -16.67
CA ALA A 45 -36.37 -15.60 -15.94
C ALA A 45 -35.06 -15.92 -16.63
N LEU A 46 -35.09 -16.07 -17.96
CA LEU A 46 -33.87 -16.37 -18.70
C LEU A 46 -32.85 -15.26 -18.53
N PHE A 47 -33.28 -14.00 -18.61
CA PHE A 47 -32.35 -12.90 -18.44
C PHE A 47 -31.83 -12.82 -17.01
N ALA A 48 -32.68 -13.10 -16.02
CA ALA A 48 -32.24 -13.13 -14.63
C ALA A 48 -31.26 -14.28 -14.38
N THR A 49 -31.26 -15.30 -15.25
CA THR A 49 -30.29 -16.37 -15.12
C THR A 49 -28.86 -15.82 -15.07
N GLY A 50 -28.59 -14.75 -15.80
CA GLY A 50 -27.30 -14.09 -15.80
C GLY A 50 -26.39 -14.45 -16.95
N ASN A 51 -26.67 -15.55 -17.64
CA ASN A 51 -25.90 -15.97 -18.81
C ASN A 51 -26.58 -15.62 -20.12
N PHE A 52 -27.55 -14.72 -20.08
CA PHE A 52 -28.39 -14.39 -21.23
C PHE A 52 -28.20 -12.93 -21.60
N GLU A 53 -27.99 -12.66 -22.88
CA GLU A 53 -27.73 -11.31 -23.38
C GLU A 53 -28.87 -10.76 -24.22
N ASP A 54 -29.34 -11.51 -25.21
CA ASP A 54 -30.46 -11.09 -26.05
C ASP A 54 -31.47 -12.23 -26.09
N VAL A 55 -32.62 -12.02 -25.47
CA VAL A 55 -33.66 -13.05 -25.34
C VAL A 55 -34.83 -12.66 -26.23
N ARG A 56 -35.29 -13.60 -27.04
CA ARG A 56 -36.43 -13.38 -27.93
C ARG A 56 -37.14 -14.71 -28.12
N VAL A 57 -38.20 -14.93 -27.34
CA VAL A 57 -39.00 -16.14 -27.49
C VAL A 57 -39.81 -16.06 -28.77
N LEU A 58 -39.76 -17.12 -29.57
CA LEU A 58 -40.36 -17.12 -30.89
C LEU A 58 -41.25 -18.35 -31.05
N ARG A 59 -42.42 -18.14 -31.65
CA ARG A 59 -43.35 -19.23 -31.96
C ARG A 59 -43.17 -19.64 -33.41
N ASP A 60 -42.81 -20.90 -33.63
CA ASP A 60 -42.71 -21.45 -34.97
C ASP A 60 -44.12 -21.79 -35.45
N GLY A 61 -44.23 -22.53 -36.55
CA GLY A 61 -45.55 -22.97 -37.00
C GLY A 61 -46.29 -23.71 -35.91
N ASP A 62 -45.60 -24.58 -35.18
CA ASP A 62 -46.16 -25.24 -34.01
C ASP A 62 -45.26 -25.15 -32.79
N THR A 63 -43.95 -25.16 -32.98
CA THR A 63 -43.01 -25.18 -31.87
C THR A 63 -42.74 -23.77 -31.34
N LEU A 64 -42.30 -23.70 -30.08
CA LEU A 64 -41.91 -22.46 -29.44
C LEU A 64 -40.39 -22.36 -29.51
N LEU A 65 -39.90 -21.68 -30.54
CA LEU A 65 -38.46 -21.56 -30.76
C LEU A 65 -37.89 -20.40 -29.94
N VAL A 66 -36.66 -20.58 -29.47
CA VAL A 66 -35.96 -19.57 -28.70
C VAL A 66 -34.60 -19.30 -29.33
N GLN A 67 -34.28 -18.02 -29.48
CA GLN A 67 -33.01 -17.57 -30.04
C GLN A 67 -32.32 -16.67 -29.04
N VAL A 68 -31.00 -16.79 -28.93
CA VAL A 68 -30.24 -15.96 -27.99
C VAL A 68 -28.79 -15.92 -28.41
N LYS A 69 -28.20 -14.72 -28.34
CA LYS A 69 -26.76 -14.58 -28.51
C LYS A 69 -26.00 -15.00 -27.26
N GLU A 70 -26.57 -14.71 -26.09
CA GLU A 70 -25.97 -15.00 -24.78
C GLU A 70 -24.85 -14.01 -24.49
N ARG A 71 -24.45 -13.92 -23.24
CA ARG A 71 -23.39 -12.99 -22.87
C ARG A 71 -22.05 -13.53 -23.40
N PRO A 72 -21.33 -12.76 -24.21
CA PRO A 72 -20.12 -13.31 -24.83
C PRO A 72 -19.08 -13.71 -23.80
N THR A 73 -18.38 -14.80 -24.08
CA THR A 73 -17.36 -15.30 -23.18
C THR A 73 -16.07 -14.50 -23.33
N ILE A 74 -15.42 -14.23 -22.20
CA ILE A 74 -14.18 -13.47 -22.19
C ILE A 74 -13.06 -14.40 -22.64
N ALA A 75 -12.47 -14.10 -23.80
CA ALA A 75 -11.40 -14.93 -24.35
C ALA A 75 -10.04 -14.57 -23.78
N SER A 76 -9.75 -13.28 -23.65
CA SER A 76 -8.45 -12.85 -23.14
C SER A 76 -8.59 -11.43 -22.61
N ILE A 77 -7.60 -11.03 -21.81
CA ILE A 77 -7.53 -9.70 -21.23
C ILE A 77 -6.18 -9.09 -21.60
N THR A 78 -6.19 -7.84 -22.06
CA THR A 78 -4.98 -7.14 -22.46
C THR A 78 -4.89 -5.83 -21.70
N PHE A 79 -3.65 -5.37 -21.50
CA PHE A 79 -3.38 -4.16 -20.73
C PHE A 79 -2.41 -3.28 -21.50
N SER A 80 -2.51 -1.98 -21.27
CA SER A 80 -1.66 -1.00 -21.94
C SER A 80 -1.52 0.23 -21.07
N GLY A 81 -0.29 0.74 -20.95
CA GLY A 81 -0.02 1.94 -20.21
C GLY A 81 0.31 1.74 -18.75
N ASN A 82 0.22 0.51 -18.23
CA ASN A 82 0.52 0.23 -16.83
C ASN A 82 2.04 0.18 -16.65
N LYS A 83 2.65 1.36 -16.72
CA LYS A 83 4.11 1.44 -16.62
C LYS A 83 4.59 1.05 -15.23
N SER A 84 3.95 1.60 -14.19
CA SER A 84 4.33 1.34 -12.81
C SER A 84 3.51 0.23 -12.15
N VAL A 85 2.61 -0.40 -12.89
CA VAL A 85 1.75 -1.46 -12.36
C VAL A 85 1.99 -2.71 -13.20
N LYS A 86 2.21 -3.84 -12.53
CA LYS A 86 2.60 -5.06 -13.21
C LYS A 86 1.37 -5.82 -13.71
N ASP A 87 1.50 -6.39 -14.91
CA ASP A 87 0.36 -7.00 -15.58
C ASP A 87 -0.19 -8.20 -14.80
N ASP A 88 0.69 -9.05 -14.26
CA ASP A 88 0.21 -10.24 -13.57
C ASP A 88 -0.59 -9.89 -12.33
N MET A 89 -0.08 -8.95 -11.52
CA MET A 89 -0.81 -8.56 -10.32
C MET A 89 -2.09 -7.79 -10.68
N LEU A 90 -2.07 -7.01 -11.76
CA LEU A 90 -3.30 -6.36 -12.21
C LEU A 90 -4.34 -7.40 -12.60
N LYS A 91 -3.93 -8.45 -13.30
CA LYS A 91 -4.85 -9.53 -13.64
C LYS A 91 -5.35 -10.23 -12.39
N GLN A 92 -4.49 -10.40 -11.39
CA GLN A 92 -4.92 -10.98 -10.13
C GLN A 92 -6.00 -10.13 -9.48
N ASN A 93 -5.80 -8.81 -9.48
CA ASN A 93 -6.82 -7.90 -8.94
C ASN A 93 -8.11 -8.01 -9.72
N LEU A 94 -8.02 -8.10 -11.06
CA LEU A 94 -9.23 -8.20 -11.88
C LEU A 94 -9.99 -9.47 -11.57
N GLU A 95 -9.29 -10.62 -11.49
CA GLU A 95 -9.97 -11.87 -11.21
C GLU A 95 -10.52 -11.89 -9.80
N ALA A 96 -9.84 -11.25 -8.84
CA ALA A 96 -10.41 -11.10 -7.51
C ALA A 96 -11.71 -10.30 -7.57
N SER A 97 -11.71 -9.22 -8.35
CA SER A 97 -12.96 -8.47 -8.55
C SER A 97 -14.02 -9.35 -9.20
N GLY A 98 -13.61 -10.35 -9.97
CA GLY A 98 -14.53 -11.30 -10.56
C GLY A 98 -14.32 -11.56 -12.03
N VAL A 99 -13.93 -10.52 -12.77
CA VAL A 99 -13.74 -10.64 -14.21
C VAL A 99 -12.42 -11.38 -14.48
N ARG A 100 -12.51 -12.45 -15.27
CA ARG A 100 -11.33 -13.24 -15.62
C ARG A 100 -11.62 -13.99 -16.91
N VAL A 101 -10.62 -14.74 -17.37
CA VAL A 101 -10.79 -15.51 -18.60
C VAL A 101 -11.84 -16.60 -18.39
N GLY A 102 -12.61 -16.87 -19.45
CA GLY A 102 -13.59 -17.92 -19.46
C GLY A 102 -14.98 -17.50 -19.01
N GLU A 103 -15.07 -16.41 -18.26
CA GLU A 103 -16.37 -15.92 -17.80
C GLU A 103 -16.96 -14.95 -18.81
N SER A 104 -18.28 -14.77 -18.71
CA SER A 104 -18.98 -13.84 -19.59
C SER A 104 -18.70 -12.40 -19.17
N LEU A 105 -18.75 -11.51 -20.15
CA LEU A 105 -18.49 -10.09 -19.94
C LEU A 105 -19.83 -9.35 -19.88
N ASP A 106 -20.13 -8.76 -18.72
CA ASP A 106 -21.34 -7.98 -18.59
C ASP A 106 -21.17 -6.63 -19.28
N ARG A 107 -22.08 -6.31 -20.19
CA ARG A 107 -22.01 -5.07 -20.95
C ARG A 107 -22.53 -3.87 -20.17
N THR A 108 -22.72 -4.00 -18.86
CA THR A 108 -23.24 -2.93 -18.03
C THR A 108 -22.26 -2.43 -16.98
N THR A 109 -21.22 -3.22 -16.66
CA THR A 109 -20.32 -2.92 -15.55
C THR A 109 -19.02 -2.28 -16.00
N ILE A 110 -18.88 -1.95 -17.29
CA ILE A 110 -17.62 -1.42 -17.80
C ILE A 110 -17.14 -0.27 -16.92
N ALA A 111 -18.05 0.65 -16.61
CA ALA A 111 -17.72 1.73 -15.70
C ALA A 111 -17.33 1.18 -14.33
N ASP A 112 -17.93 0.07 -13.91
CA ASP A 112 -17.61 -0.48 -12.59
C ASP A 112 -16.15 -0.94 -12.53
N ILE A 113 -15.71 -1.70 -13.54
CA ILE A 113 -14.31 -2.14 -13.53
C ILE A 113 -13.38 -0.95 -13.71
N GLU A 114 -13.76 0.02 -14.53
CA GLU A 114 -12.92 1.21 -14.70
C GLU A 114 -12.74 1.93 -13.36
N LYS A 115 -13.83 2.12 -12.63
CA LYS A 115 -13.76 2.81 -11.34
C LYS A 115 -13.00 1.99 -10.31
N GLY A 116 -13.14 0.66 -10.36
CA GLY A 116 -12.35 -0.16 -9.45
C GLY A 116 -10.86 -0.04 -9.70
N LEU A 117 -10.45 -0.08 -10.96
CA LEU A 117 -9.04 0.10 -11.28
C LEU A 117 -8.55 1.50 -10.91
N GLU A 118 -9.40 2.51 -11.11
CA GLU A 118 -9.02 3.86 -10.69
C GLU A 118 -8.88 3.94 -9.18
N ASP A 119 -9.75 3.24 -8.45
CA ASP A 119 -9.63 3.19 -7.00
C ASP A 119 -8.33 2.52 -6.58
N PHE A 120 -7.94 1.45 -7.27
CA PHE A 120 -6.65 0.83 -6.99
C PHE A 120 -5.51 1.81 -7.25
N TYR A 121 -5.59 2.56 -8.33
CA TYR A 121 -4.58 3.57 -8.62
C TYR A 121 -4.51 4.61 -7.52
N TYR A 122 -5.67 5.07 -7.04
CA TYR A 122 -5.69 6.02 -5.94
C TYR A 122 -5.05 5.43 -4.70
N SER A 123 -5.35 4.17 -4.40
CA SER A 123 -4.78 3.52 -3.22
C SER A 123 -3.26 3.44 -3.32
N VAL A 124 -2.74 3.07 -4.50
CA VAL A 124 -1.30 2.97 -4.67
C VAL A 124 -0.62 4.33 -4.82
N GLY A 125 -1.39 5.39 -5.02
CA GLY A 125 -0.82 6.73 -4.97
C GLY A 125 -1.26 7.66 -6.08
N LYS A 126 -1.39 7.14 -7.30
CA LYS A 126 -1.76 7.99 -8.42
C LYS A 126 -3.23 8.36 -8.33
N TYR A 127 -3.53 9.66 -8.42
CA TYR A 127 -4.88 10.16 -8.25
C TYR A 127 -5.54 10.62 -9.54
N SER A 128 -4.77 10.93 -10.57
CA SER A 128 -5.31 11.39 -11.84
C SER A 128 -5.42 10.28 -12.87
N ALA A 129 -5.25 9.03 -12.45
CA ALA A 129 -5.26 7.91 -13.39
C ALA A 129 -6.63 7.78 -14.06
N SER A 130 -6.63 7.51 -15.36
CA SER A 130 -7.83 7.29 -16.13
C SER A 130 -7.72 5.94 -16.84
N VAL A 131 -8.77 5.13 -16.73
CA VAL A 131 -8.77 3.78 -17.30
C VAL A 131 -9.92 3.69 -18.29
N LYS A 132 -9.61 3.31 -19.52
CA LYS A 132 -10.59 3.15 -20.58
C LYS A 132 -10.54 1.73 -21.10
N ALA A 133 -11.71 1.14 -21.33
CA ALA A 133 -11.85 -0.23 -21.78
C ALA A 133 -12.37 -0.26 -23.21
N VAL A 134 -11.74 -1.10 -24.05
CA VAL A 134 -12.14 -1.27 -25.44
C VAL A 134 -12.59 -2.71 -25.62
N VAL A 135 -13.75 -2.90 -26.23
CA VAL A 135 -14.36 -4.21 -26.41
C VAL A 135 -14.34 -4.56 -27.90
N THR A 136 -13.80 -5.73 -28.22
CA THR A 136 -13.70 -6.20 -29.61
C THR A 136 -14.52 -7.47 -29.76
N PRO A 137 -15.72 -7.40 -30.35
CA PRO A 137 -16.50 -8.64 -30.57
C PRO A 137 -15.77 -9.61 -31.48
N LEU A 138 -15.98 -10.89 -31.22
CA LEU A 138 -15.38 -11.97 -32.00
C LEU A 138 -16.44 -13.01 -32.32
N PRO A 139 -16.23 -13.83 -33.35
CA PRO A 139 -17.23 -14.84 -33.71
C PRO A 139 -17.47 -15.82 -32.57
N ARG A 140 -18.49 -16.65 -32.75
CA ARG A 140 -18.88 -17.64 -31.74
C ARG A 140 -19.24 -16.98 -30.42
N ASN A 141 -19.78 -15.76 -30.48
CA ASN A 141 -20.13 -15.00 -29.28
C ASN A 141 -18.93 -14.87 -28.34
N ARG A 142 -17.76 -14.65 -28.92
CA ARG A 142 -16.54 -14.41 -28.16
C ARG A 142 -16.20 -12.92 -28.18
N VAL A 143 -15.64 -12.44 -27.08
CA VAL A 143 -15.34 -11.02 -26.91
C VAL A 143 -13.94 -10.88 -26.30
N ASP A 144 -13.24 -9.83 -26.74
CA ASP A 144 -11.92 -9.49 -26.22
C ASP A 144 -11.98 -8.05 -25.71
N LEU A 145 -11.46 -7.85 -24.50
CA LEU A 145 -11.47 -6.53 -23.86
C LEU A 145 -10.03 -6.05 -23.69
N LYS A 146 -9.80 -4.79 -24.02
CA LYS A 146 -8.49 -4.15 -23.88
C LYS A 146 -8.62 -2.94 -22.98
N LEU A 147 -7.74 -2.84 -21.99
CA LEU A 147 -7.75 -1.75 -21.02
C LEU A 147 -6.62 -0.79 -21.33
N VAL A 148 -6.95 0.50 -21.42
CA VAL A 148 -5.97 1.56 -21.67
C VAL A 148 -5.80 2.33 -20.38
N PHE A 149 -4.56 2.41 -19.90
CA PHE A 149 -4.23 3.04 -18.64
C PHE A 149 -3.42 4.31 -18.87
N GLN A 150 -3.89 5.41 -18.30
CA GLN A 150 -3.17 6.69 -18.30
C GLN A 150 -2.76 6.96 -16.85
N GLU A 151 -1.59 6.45 -16.47
CA GLU A 151 -1.17 6.53 -15.07
C GLU A 151 -0.95 7.95 -14.58
N GLY A 152 -0.77 8.90 -15.49
CA GLY A 152 -0.55 10.28 -15.06
C GLY A 152 0.68 10.37 -14.19
N VAL A 153 0.55 11.08 -13.07
CA VAL A 153 1.64 11.30 -12.14
C VAL A 153 1.17 10.95 -10.73
N SER A 154 2.14 10.67 -9.86
CA SER A 154 1.87 10.34 -8.47
C SER A 154 2.18 11.56 -7.60
N ALA A 155 1.20 11.97 -6.80
CA ALA A 155 1.37 13.12 -5.94
C ALA A 155 2.41 12.82 -4.86
N GLU A 156 3.14 13.86 -4.46
CA GLU A 156 4.18 13.77 -3.46
C GLU A 156 3.92 14.77 -2.34
N ILE A 157 4.39 14.44 -1.14
CA ILE A 157 4.19 15.31 0.01
C ILE A 157 4.98 16.59 -0.19
N GLN A 158 4.32 17.73 -0.06
CA GLN A 158 4.95 19.03 -0.17
C GLN A 158 5.31 19.63 1.19
N GLN A 159 4.77 19.09 2.28
CA GLN A 159 5.02 19.66 3.60
C GLN A 159 4.40 18.74 4.64
N ILE A 160 4.98 18.75 5.84
CA ILE A 160 4.45 18.04 6.99
C ILE A 160 4.50 19.01 8.16
N ASN A 161 3.38 19.65 8.46
CA ASN A 161 3.32 20.69 9.49
C ASN A 161 2.70 20.14 10.76
N ILE A 162 3.27 20.53 11.90
CA ILE A 162 2.75 20.20 13.22
C ILE A 162 2.46 21.51 13.95
N VAL A 163 1.26 21.62 14.49
CA VAL A 163 0.81 22.83 15.16
C VAL A 163 0.61 22.55 16.64
N GLY A 164 0.93 23.56 17.46
CA GLY A 164 0.77 23.46 18.89
C GLY A 164 2.03 23.06 19.64
N ASN A 165 3.04 22.56 18.95
CA ASN A 165 4.27 22.18 19.61
C ASN A 165 5.09 23.41 20.00
N HIS A 166 5.59 23.42 21.24
CA HIS A 166 6.39 24.52 21.73
C HIS A 166 7.70 24.01 22.33
N ALA A 167 7.69 22.80 22.89
CA ALA A 167 8.87 22.28 23.54
C ALA A 167 9.92 21.84 22.52
N PHE A 168 9.50 21.36 21.35
CA PHE A 168 10.41 20.85 20.35
C PHE A 168 10.09 21.46 19.00
N THR A 169 11.13 21.68 18.19
CA THR A 169 10.95 22.23 16.87
C THR A 169 10.30 21.21 15.94
N THR A 170 9.48 21.72 15.01
CA THR A 170 8.79 20.84 14.09
C THR A 170 9.78 20.04 13.23
N ASP A 171 10.88 20.68 12.84
CA ASP A 171 11.89 19.97 12.06
C ASP A 171 12.45 18.78 12.84
N GLU A 172 12.77 19.00 14.12
CA GLU A 172 13.27 17.91 14.94
C GLU A 172 12.23 16.81 15.09
N LEU A 173 10.96 17.20 15.27
CA LEU A 173 9.92 16.19 15.40
C LEU A 173 9.80 15.35 14.13
N ILE A 174 9.84 16.00 12.97
CA ILE A 174 9.78 15.25 11.71
C ILE A 174 11.05 14.47 11.45
N SER A 175 12.14 14.79 12.15
CA SER A 175 13.41 14.10 11.89
C SER A 175 13.26 12.59 12.03
N HIS A 176 12.35 12.13 12.88
CA HIS A 176 12.18 10.71 13.14
C HIS A 176 10.99 10.11 12.39
N PHE A 177 10.43 10.82 11.42
CA PHE A 177 9.25 10.37 10.70
C PHE A 177 9.65 9.52 9.50
N GLN A 178 8.93 8.41 9.29
CA GLN A 178 9.14 7.61 8.09
C GLN A 178 8.80 8.41 6.83
N LEU A 179 7.69 9.15 6.86
CA LEU A 179 7.37 10.04 5.76
C LEU A 179 8.34 11.21 5.74
N ARG A 180 8.53 11.79 4.55
CA ARG A 180 9.48 12.87 4.39
C ARG A 180 8.97 13.85 3.34
N ASP A 181 9.46 15.08 3.44
CA ASP A 181 9.09 16.15 2.52
C ASP A 181 10.25 16.72 1.72
N GLU A 182 11.47 16.60 2.23
CA GLU A 182 12.68 16.98 1.50
C GLU A 182 13.52 15.75 1.25
N VAL A 183 13.97 15.58 0.01
CA VAL A 183 14.82 14.47 -0.39
C VAL A 183 16.03 15.03 -1.12
N PRO A 184 17.04 15.50 -0.39
CA PRO A 184 18.23 16.06 -1.06
C PRO A 184 18.88 15.02 -1.97
N TRP A 185 19.34 15.49 -3.13
CA TRP A 185 19.99 14.61 -4.09
C TRP A 185 21.29 14.03 -3.53
N TRP A 186 21.89 14.67 -2.52
CA TRP A 186 23.14 14.22 -1.93
C TRP A 186 22.94 13.37 -0.67
N ASN A 187 21.69 13.06 -0.32
CA ASN A 187 21.40 12.26 0.86
C ASN A 187 20.43 11.13 0.49
N VAL A 188 20.64 9.97 1.11
CA VAL A 188 19.75 8.83 0.92
C VAL A 188 18.86 8.79 2.17
N VAL A 189 17.68 9.40 2.06
CA VAL A 189 16.79 9.53 3.20
C VAL A 189 15.49 8.76 2.94
N GLY A 190 15.13 8.61 1.67
CA GLY A 190 13.96 7.87 1.29
C GLY A 190 13.21 8.59 0.18
N ASP A 191 12.01 8.09 -0.11
CA ASP A 191 11.18 8.65 -1.17
C ASP A 191 10.29 9.74 -0.60
N ARG A 192 9.32 10.21 -1.40
CA ARG A 192 8.41 11.27 -1.02
C ARG A 192 6.97 10.87 -1.31
N LYS A 193 6.62 9.63 -1.01
CA LYS A 193 5.28 9.10 -1.24
C LYS A 193 4.47 9.10 0.05
N TYR A 194 3.16 8.92 -0.10
CA TYR A 194 2.22 8.98 1.00
C TYR A 194 1.51 7.64 1.15
N GLN A 195 1.41 7.15 2.38
CA GLN A 195 0.73 5.89 2.67
C GLN A 195 0.11 5.97 4.06
N LYS A 196 -1.06 5.35 4.20
CA LYS A 196 -1.77 5.39 5.48
C LYS A 196 -0.98 4.67 6.57
N GLN A 197 -0.38 3.53 6.24
CA GLN A 197 0.42 2.81 7.22
C GLN A 197 1.60 3.66 7.68
N LYS A 198 2.27 4.33 6.73
CA LYS A 198 3.37 5.21 7.10
C LYS A 198 2.90 6.35 7.98
N LEU A 199 1.74 6.93 7.67
CA LEU A 199 1.21 8.01 8.51
C LEU A 199 0.92 7.52 9.92
N ALA A 200 0.32 6.34 10.04
CA ALA A 200 0.05 5.79 11.37
C ALA A 200 1.34 5.51 12.14
N GLY A 201 2.34 4.97 11.45
CA GLY A 201 3.62 4.75 12.10
C GLY A 201 4.26 6.04 12.57
N ASP A 202 4.17 7.09 11.75
CA ASP A 202 4.70 8.39 12.15
C ASP A 202 3.96 8.93 13.36
N LEU A 203 2.64 8.78 13.39
CA LEU A 203 1.88 9.23 14.55
C LEU A 203 2.30 8.49 15.82
N GLU A 204 2.46 7.16 15.71
CA GLU A 204 2.90 6.39 16.87
C GLU A 204 4.30 6.80 17.31
N THR A 205 5.20 7.05 16.35
CA THR A 205 6.54 7.49 16.70
C THR A 205 6.51 8.83 17.42
N LEU A 206 5.68 9.77 16.94
CA LEU A 206 5.55 11.05 17.61
C LEU A 206 5.02 10.89 19.02
N ARG A 207 4.00 10.03 19.20
CA ARG A 207 3.46 9.80 20.52
C ARG A 207 4.51 9.22 21.45
N SER A 208 5.29 8.25 20.97
CA SER A 208 6.34 7.67 21.80
C SER A 208 7.40 8.70 22.15
N TYR A 209 7.79 9.53 21.18
CA TYR A 209 8.77 10.58 21.44
C TYR A 209 8.28 11.51 22.55
N TYR A 210 7.02 11.95 22.45
CA TYR A 210 6.50 12.85 23.47
C TYR A 210 6.40 12.16 24.82
N LEU A 211 5.96 10.90 24.84
CA LEU A 211 5.83 10.19 26.11
C LEU A 211 7.18 9.88 26.74
N ASP A 212 8.25 9.89 25.96
CA ASP A 212 9.59 9.64 26.48
C ASP A 212 10.25 10.90 27.03
N ARG A 213 9.46 11.93 27.34
CA ARG A 213 10.02 13.17 27.88
C ARG A 213 9.20 13.72 29.04
N GLY A 214 8.28 12.94 29.60
CA GLY A 214 7.48 13.37 30.72
C GLY A 214 6.15 14.02 30.36
N TYR A 215 5.79 14.06 29.09
CA TYR A 215 4.52 14.66 28.65
C TYR A 215 3.45 13.58 28.64
N ALA A 216 3.02 13.21 29.85
CA ALA A 216 2.04 12.13 29.98
C ALA A 216 0.71 12.50 29.34
N ARG A 217 0.27 13.75 29.50
CA ARG A 217 -1.01 14.20 28.98
C ARG A 217 -0.96 14.53 27.50
N PHE A 218 0.08 14.12 26.78
CA PHE A 218 0.15 14.36 25.36
C PHE A 218 -1.05 13.75 24.65
N ASN A 219 -1.63 14.49 23.72
CA ASN A 219 -2.80 14.03 22.98
C ASN A 219 -2.76 14.59 21.58
N ILE A 220 -3.28 13.81 20.63
CA ILE A 220 -3.39 14.20 19.24
C ILE A 220 -4.86 14.50 18.97
N ASP A 221 -5.19 15.78 18.79
CA ASP A 221 -6.59 16.17 18.60
C ASP A 221 -7.15 15.56 17.32
N SER A 222 -6.42 15.69 16.21
CA SER A 222 -6.86 15.16 14.93
C SER A 222 -5.76 15.43 13.90
N THR A 223 -5.96 14.88 12.71
CA THR A 223 -5.04 15.08 11.59
C THR A 223 -5.84 15.38 10.34
N GLN A 224 -5.20 16.09 9.41
CA GLN A 224 -5.83 16.48 8.15
C GLN A 224 -4.91 16.13 7.00
N VAL A 225 -5.51 15.68 5.90
CA VAL A 225 -4.78 15.41 4.66
C VAL A 225 -5.48 16.19 3.55
N SER A 226 -4.71 17.01 2.84
CA SER A 226 -5.25 17.87 1.80
C SER A 226 -4.45 17.69 0.52
N LEU A 227 -5.12 17.94 -0.62
CA LEU A 227 -4.52 17.83 -1.93
C LEU A 227 -4.60 19.16 -2.65
N THR A 228 -3.69 19.37 -3.58
CA THR A 228 -3.72 20.55 -4.42
C THR A 228 -4.76 20.37 -5.52
N PRO A 229 -5.23 21.46 -6.12
CA PRO A 229 -6.22 21.33 -7.20
C PRO A 229 -5.72 20.47 -8.34
N ASP A 230 -4.42 20.55 -8.66
CA ASP A 230 -3.84 19.70 -9.69
C ASP A 230 -3.71 18.25 -9.23
N LYS A 231 -3.95 17.95 -7.96
CA LYS A 231 -3.83 16.59 -7.42
C LYS A 231 -2.41 16.06 -7.62
N LYS A 232 -1.43 16.96 -7.48
CA LYS A 232 -0.02 16.58 -7.56
C LYS A 232 0.74 16.81 -6.27
N GLY A 233 0.21 17.61 -5.35
CA GLY A 233 0.86 17.86 -4.08
C GLY A 233 -0.02 17.42 -2.92
N ILE A 234 0.61 16.95 -1.86
CA ILE A 234 -0.10 16.44 -0.68
C ILE A 234 0.42 17.18 0.54
N TYR A 235 -0.51 17.62 1.39
CA TYR A 235 -0.20 18.32 2.62
C TYR A 235 -0.70 17.51 3.81
N VAL A 236 0.15 17.38 4.83
CA VAL A 236 -0.16 16.64 6.03
C VAL A 236 -0.04 17.58 7.23
N THR A 237 -1.10 17.68 8.02
CA THR A 237 -1.12 18.52 9.20
C THR A 237 -1.55 17.69 10.41
N VAL A 238 -0.87 17.91 11.53
CA VAL A 238 -1.15 17.21 12.77
C VAL A 238 -1.31 18.24 13.88
N ASN A 239 -2.43 18.14 14.61
CA ASN A 239 -2.71 19.01 15.74
C ASN A 239 -2.55 18.23 17.03
N ILE A 240 -1.76 18.79 17.96
CA ILE A 240 -1.46 18.14 19.23
C ILE A 240 -1.65 19.15 20.35
N THR A 241 -1.70 18.63 21.57
CA THR A 241 -1.84 19.44 22.78
C THR A 241 -0.89 18.87 23.83
N GLU A 242 0.32 19.43 23.91
CA GLU A 242 1.33 18.95 24.84
C GLU A 242 1.06 19.55 26.22
N GLY A 243 0.88 18.68 27.21
CA GLY A 243 0.68 19.12 28.58
C GLY A 243 1.99 19.35 29.30
N ASP A 244 1.87 19.82 30.54
CA ASP A 244 3.05 20.06 31.36
C ASP A 244 3.71 18.74 31.74
N GLN A 245 5.03 18.80 31.94
CA GLN A 245 5.78 17.60 32.31
C GLN A 245 5.24 17.03 33.62
N TYR A 246 5.60 15.78 33.89
CA TYR A 246 5.11 15.07 35.06
C TYR A 246 6.25 14.28 35.69
N LYS A 247 6.07 13.94 36.96
CA LYS A 247 7.04 13.19 37.73
C LYS A 247 6.43 11.86 38.17
N LEU A 248 7.29 10.85 38.30
CA LEU A 248 6.86 9.51 38.67
C LEU A 248 6.93 9.39 40.18
N SER A 249 5.77 9.50 40.83
CA SER A 249 5.73 9.45 42.29
C SER A 249 6.12 8.06 42.80
N GLY A 250 5.50 7.02 42.26
CA GLY A 250 5.78 5.67 42.72
C GLY A 250 5.06 4.66 41.86
N VAL A 251 5.31 3.39 42.16
CA VAL A 251 4.76 2.27 41.40
C VAL A 251 4.08 1.31 42.36
N GLU A 252 2.91 0.81 41.97
CA GLU A 252 2.17 -0.18 42.75
C GLU A 252 1.73 -1.30 41.82
N VAL A 253 1.69 -2.52 42.36
CA VAL A 253 1.34 -3.71 41.60
C VAL A 253 0.27 -4.47 42.36
N SER A 254 -0.55 -5.23 41.62
CA SER A 254 -1.62 -6.00 42.20
C SER A 254 -2.11 -7.02 41.18
N GLY A 255 -2.35 -8.24 41.64
CA GLY A 255 -2.83 -9.29 40.78
C GLY A 255 -2.42 -10.65 41.31
N ASN A 256 -2.80 -11.67 40.55
CA ASN A 256 -2.46 -13.06 40.90
C ASN A 256 -1.00 -13.33 40.51
N LEU A 257 -0.11 -12.76 41.32
CA LEU A 257 1.33 -12.88 41.06
C LEU A 257 1.85 -14.29 41.26
N ALA A 258 1.05 -15.18 41.85
CA ALA A 258 1.45 -16.57 42.07
C ALA A 258 2.66 -16.65 43.00
N GLY A 259 2.63 -15.86 44.07
CA GLY A 259 3.70 -15.90 45.04
C GLY A 259 5.02 -15.36 44.57
N HIS A 260 5.02 -14.51 43.54
CA HIS A 260 6.25 -13.91 43.01
C HIS A 260 6.34 -12.43 43.32
N SER A 261 5.56 -11.95 44.30
CA SER A 261 5.55 -10.52 44.61
C SER A 261 6.92 -10.05 45.06
N ALA A 262 7.60 -10.83 45.90
CA ALA A 262 8.89 -10.41 46.43
C ALA A 262 9.90 -10.14 45.31
N GLU A 263 9.98 -11.06 44.34
CA GLU A 263 10.92 -10.87 43.24
C GLU A 263 10.50 -9.71 42.35
N ILE A 264 9.19 -9.56 42.12
CA ILE A 264 8.72 -8.53 41.19
C ILE A 264 9.08 -7.14 41.71
N GLU A 265 8.94 -6.91 43.01
CA GLU A 265 9.16 -5.58 43.56
C GLU A 265 10.54 -5.05 43.18
N GLN A 266 11.55 -5.92 43.13
CA GLN A 266 12.89 -5.48 42.78
C GLN A 266 12.92 -4.93 41.36
N LEU A 267 12.09 -5.46 40.46
CA LEU A 267 12.08 -4.97 39.08
C LEU A 267 11.38 -3.62 38.96
N THR A 268 10.46 -3.30 39.86
CA THR A 268 9.69 -2.07 39.79
C THR A 268 10.34 -0.91 40.56
N LYS A 269 11.48 -1.16 41.21
CA LYS A 269 12.11 -0.09 41.98
C LYS A 269 12.57 1.04 41.07
N ILE A 270 12.38 2.27 41.55
CA ILE A 270 12.73 3.47 40.80
C ILE A 270 13.22 4.52 41.80
N GLU A 271 13.75 5.63 41.28
CA GLU A 271 14.16 6.73 42.11
C GLU A 271 13.02 7.73 42.25
N PRO A 272 12.48 7.96 43.44
CA PRO A 272 11.39 8.94 43.59
C PRO A 272 11.84 10.32 43.13
N GLY A 273 11.08 10.90 42.20
CA GLY A 273 11.38 12.21 41.69
C GLY A 273 12.05 12.18 40.33
N GLU A 274 11.62 11.27 39.46
CA GLU A 274 12.15 11.12 38.12
C GLU A 274 11.08 11.50 37.09
N LEU A 275 11.50 11.51 35.82
CA LEU A 275 10.62 11.88 34.73
C LEU A 275 9.91 10.64 34.19
N TYR A 276 8.60 10.76 33.99
CA TYR A 276 7.83 9.64 33.44
C TYR A 276 8.40 9.24 32.08
N ASN A 277 8.49 7.93 31.85
CA ASN A 277 9.08 7.39 30.63
C ASN A 277 8.31 6.16 30.19
N GLY A 278 7.57 6.31 29.08
CA GLY A 278 6.83 5.19 28.55
C GLY A 278 7.73 4.03 28.15
N THR A 279 8.92 4.34 27.65
CA THR A 279 9.87 3.28 27.31
C THR A 279 10.27 2.50 28.56
N LYS A 280 10.53 3.19 29.66
CA LYS A 280 10.86 2.50 30.90
C LYS A 280 9.68 1.66 31.40
N VAL A 281 8.46 2.18 31.27
CA VAL A 281 7.30 1.40 31.67
C VAL A 281 7.18 0.14 30.82
N THR A 282 7.40 0.27 29.51
CA THR A 282 7.35 -0.90 28.63
C THR A 282 8.44 -1.90 28.98
N LYS A 283 9.64 -1.41 29.30
CA LYS A 283 10.72 -2.31 29.71
C LYS A 283 10.36 -3.05 30.99
N MET A 284 9.74 -2.36 31.94
CA MET A 284 9.31 -3.02 33.18
C MET A 284 8.28 -4.09 32.87
N GLU A 285 7.30 -3.78 32.02
CA GLU A 285 6.29 -4.77 31.67
C GLU A 285 6.92 -5.99 30.99
N ASP A 286 7.87 -5.74 30.08
CA ASP A 286 8.55 -6.85 29.40
C ASP A 286 9.35 -7.69 30.39
N ASP A 287 9.99 -7.05 31.36
CA ASP A 287 10.74 -7.80 32.36
C ASP A 287 9.82 -8.67 33.21
N ILE A 288 8.66 -8.12 33.59
CA ILE A 288 7.69 -8.92 34.34
C ILE A 288 7.23 -10.11 33.51
N LYS A 289 6.95 -9.87 32.23
CA LYS A 289 6.51 -10.96 31.37
C LYS A 289 7.59 -12.02 31.24
N LYS A 290 8.85 -11.60 31.10
CA LYS A 290 9.95 -12.56 30.99
C LYS A 290 10.10 -13.38 32.27
N LEU A 291 9.98 -12.73 33.43
CA LEU A 291 10.06 -13.45 34.69
C LEU A 291 8.95 -14.48 34.80
N LEU A 292 7.73 -14.09 34.46
CA LEU A 292 6.61 -15.03 34.52
C LEU A 292 6.81 -16.19 33.55
N GLY A 293 7.31 -15.90 32.34
CA GLY A 293 7.61 -16.97 31.41
C GLY A 293 8.65 -17.92 31.94
N ARG A 294 9.70 -17.38 32.56
CA ARG A 294 10.69 -18.24 33.21
C ARG A 294 10.04 -19.10 34.28
N TYR A 295 9.03 -18.56 34.96
CA TYR A 295 8.32 -19.35 35.97
C TYR A 295 7.43 -20.41 35.36
N GLY A 296 7.02 -20.25 34.10
CA GLY A 296 6.26 -21.29 33.42
C GLY A 296 5.06 -20.78 32.65
N TYR A 297 4.46 -19.69 33.11
CA TYR A 297 3.25 -19.18 32.47
C TYR A 297 3.56 -18.71 31.05
N ALA A 298 2.60 -18.95 30.15
CA ALA A 298 2.80 -18.68 28.74
C ALA A 298 2.17 -17.38 28.26
N TYR A 299 1.11 -16.91 28.90
CA TYR A 299 0.41 -15.69 28.50
C TYR A 299 0.23 -14.80 29.73
N PRO A 300 1.31 -14.20 30.22
CA PRO A 300 1.21 -13.34 31.40
C PRO A 300 0.75 -11.93 31.05
N ARG A 301 -0.55 -11.71 30.97
CA ARG A 301 -1.06 -10.37 30.67
C ARG A 301 -0.63 -9.39 31.76
N VAL A 302 -0.11 -8.24 31.34
CA VAL A 302 0.30 -7.19 32.25
C VAL A 302 -0.15 -5.86 31.67
N GLN A 303 -0.72 -5.00 32.53
CA GLN A 303 -1.20 -3.70 32.11
C GLN A 303 -0.77 -2.64 33.12
N SER A 304 -0.51 -1.44 32.62
CA SER A 304 -0.13 -0.31 33.46
C SER A 304 -1.01 0.87 33.12
N MET A 305 -1.70 1.40 34.13
CA MET A 305 -2.60 2.54 33.97
C MET A 305 -2.16 3.66 34.89
N PRO A 306 -1.38 4.63 34.42
CA PRO A 306 -0.89 5.67 35.32
C PRO A 306 -2.02 6.49 35.92
N GLU A 307 -1.84 6.89 37.18
CA GLU A 307 -2.75 7.79 37.87
C GLU A 307 -2.10 9.16 37.96
N ILE A 308 -2.81 10.19 37.50
CA ILE A 308 -2.25 11.51 37.29
C ILE A 308 -2.82 12.46 38.35
N ASN A 309 -1.94 13.23 38.97
CA ASN A 309 -2.31 14.26 39.94
C ASN A 309 -1.75 15.59 39.42
N ASP A 310 -2.61 16.41 38.84
CA ASP A 310 -2.16 17.67 38.25
C ASP A 310 -1.76 18.70 39.30
N ALA A 311 -2.24 18.55 40.53
CA ALA A 311 -1.91 19.54 41.56
C ALA A 311 -0.41 19.60 41.80
N ASP A 312 0.25 18.44 41.87
CA ASP A 312 1.69 18.36 42.08
C ASP A 312 2.43 17.85 40.85
N LYS A 313 1.73 17.65 39.73
CA LYS A 313 2.34 17.15 38.50
C LYS A 313 3.07 15.84 38.76
N THR A 314 2.37 14.91 39.40
CA THR A 314 2.92 13.60 39.74
C THR A 314 2.10 12.51 39.07
N VAL A 315 2.77 11.41 38.74
CA VAL A 315 2.14 10.25 38.11
C VAL A 315 2.43 9.03 38.97
N LYS A 316 1.39 8.27 39.28
CA LYS A 316 1.48 7.07 40.10
C LYS A 316 1.10 5.87 39.23
N LEU A 317 2.08 5.09 38.83
CA LEU A 317 1.81 3.92 38.00
C LEU A 317 1.04 2.87 38.77
N ARG A 318 0.03 2.29 38.12
CA ARG A 318 -0.74 1.17 38.66
C ARG A 318 -0.57 -0.01 37.73
N VAL A 319 0.10 -1.05 38.20
CA VAL A 319 0.45 -2.21 37.38
C VAL A 319 -0.49 -3.35 37.73
N ASN A 320 -1.21 -3.84 36.73
CA ASN A 320 -2.07 -5.01 36.88
C ASN A 320 -1.41 -6.20 36.22
N VAL A 321 -1.24 -7.28 36.98
CA VAL A 321 -0.54 -8.47 36.51
C VAL A 321 -1.52 -9.64 36.53
N ASP A 322 -1.58 -10.37 35.42
CA ASP A 322 -2.44 -11.55 35.30
C ASP A 322 -1.63 -12.66 34.63
N ALA A 323 -1.44 -13.76 35.36
CA ALA A 323 -0.72 -14.92 34.84
C ALA A 323 -1.72 -16.02 34.50
N GLY A 324 -1.67 -16.51 33.27
CA GLY A 324 -2.61 -17.51 32.81
C GLY A 324 -2.27 -18.90 33.26
N ASN A 325 -2.48 -19.89 32.38
CA ASN A 325 -2.19 -21.28 32.67
C ASN A 325 -0.97 -21.73 31.90
N ARG A 326 -0.30 -22.76 32.44
CA ARG A 326 0.94 -23.26 31.86
C ARG A 326 0.62 -24.21 30.73
N PHE A 327 0.73 -23.73 29.50
CA PHE A 327 0.53 -24.55 28.33
C PHE A 327 1.79 -25.37 28.02
N TYR A 328 1.64 -26.33 27.10
CA TYR A 328 2.75 -27.16 26.68
C TYR A 328 2.68 -27.36 25.17
N VAL A 329 3.84 -27.51 24.56
CA VAL A 329 3.96 -27.65 23.10
C VAL A 329 4.15 -29.13 22.79
N ARG A 330 3.28 -29.67 21.93
CA ARG A 330 3.36 -31.07 21.54
C ARG A 330 4.20 -31.26 20.28
N LYS A 331 3.97 -30.42 19.27
CA LYS A 331 4.70 -30.54 18.00
C LYS A 331 5.10 -29.14 17.54
N ILE A 332 6.19 -29.10 16.77
CA ILE A 332 6.65 -27.88 16.11
C ILE A 332 6.81 -28.22 14.64
N ARG A 333 5.92 -27.70 13.79
CA ARG A 333 5.87 -28.06 12.39
C ARG A 333 6.25 -26.86 11.53
N PHE A 334 6.93 -27.14 10.42
CA PHE A 334 7.32 -26.13 9.45
C PHE A 334 6.68 -26.44 8.11
N GLU A 335 6.14 -25.42 7.46
CA GLU A 335 5.51 -25.55 6.16
C GLU A 335 6.08 -24.51 5.21
N GLY A 336 6.33 -24.92 3.97
CA GLY A 336 6.88 -24.04 2.96
C GLY A 336 8.35 -24.23 2.69
N ASN A 337 9.07 -24.94 3.56
CA ASN A 337 10.51 -25.16 3.38
C ASN A 337 10.73 -26.28 2.35
N ASP A 338 10.26 -26.02 1.13
CA ASP A 338 10.40 -27.01 0.06
C ASP A 338 11.85 -27.28 -0.31
N THR A 339 12.75 -26.36 0.02
CA THR A 339 14.17 -26.51 -0.31
C THR A 339 15.02 -26.69 0.95
N SER A 340 14.92 -25.79 1.92
CA SER A 340 15.70 -25.92 3.14
C SER A 340 15.21 -27.13 3.94
N LYS A 341 16.15 -27.89 4.49
CA LYS A 341 15.80 -29.07 5.25
C LYS A 341 15.18 -28.68 6.60
N ASP A 342 14.65 -29.68 7.29
CA ASP A 342 13.99 -29.42 8.57
C ASP A 342 15.00 -29.00 9.64
N ALA A 343 16.20 -29.58 9.61
CA ALA A 343 17.16 -29.34 10.69
C ALA A 343 17.58 -27.88 10.74
N VAL A 344 17.84 -27.26 9.60
CA VAL A 344 18.34 -25.88 9.59
C VAL A 344 17.29 -24.95 10.19
N LEU A 345 16.02 -25.16 9.87
CA LEU A 345 14.97 -24.36 10.49
C LEU A 345 14.85 -24.66 11.98
N ARG A 346 14.93 -25.95 12.36
CA ARG A 346 14.68 -26.31 13.74
C ARG A 346 15.76 -25.77 14.67
N ARG A 347 17.02 -25.83 14.26
CA ARG A 347 18.11 -25.43 15.14
C ARG A 347 18.04 -23.95 15.51
N GLU A 348 17.29 -23.15 14.75
CA GLU A 348 17.12 -21.74 15.10
C GLU A 348 16.05 -21.52 16.16
N MET A 349 15.21 -22.51 16.43
CA MET A 349 14.14 -22.35 17.40
C MET A 349 14.71 -22.24 18.81
N ARG A 350 14.00 -21.51 19.67
CA ARG A 350 14.37 -21.38 21.07
C ARG A 350 13.31 -21.95 22.01
N GLN A 351 12.20 -22.46 21.48
CA GLN A 351 11.15 -23.08 22.28
C GLN A 351 11.22 -24.58 21.99
N MET A 352 11.98 -25.30 22.80
CA MET A 352 12.17 -26.73 22.59
C MET A 352 10.83 -27.45 22.64
N GLU A 353 10.64 -28.39 21.71
CA GLU A 353 9.41 -29.16 21.66
C GLU A 353 9.26 -30.01 22.91
N GLY A 354 8.01 -30.21 23.33
CA GLY A 354 7.74 -30.99 24.51
C GLY A 354 8.06 -30.28 25.81
N ALA A 355 7.87 -28.97 25.87
CA ALA A 355 8.14 -28.20 27.07
C ALA A 355 7.11 -27.09 27.19
N TRP A 356 7.09 -26.44 28.35
CA TRP A 356 6.13 -25.36 28.58
C TRP A 356 6.34 -24.26 27.53
N LEU A 357 5.22 -23.79 26.98
CA LEU A 357 5.27 -22.80 25.91
C LEU A 357 5.74 -21.45 26.44
N GLY A 358 6.34 -20.68 25.54
CA GLY A 358 6.71 -19.31 25.84
C GLY A 358 6.56 -18.38 24.65
N SER A 359 5.74 -17.35 24.81
CA SER A 359 5.52 -16.41 23.71
C SER A 359 6.81 -15.67 23.36
N ASP A 360 7.57 -15.26 24.38
CA ASP A 360 8.83 -14.59 24.12
C ASP A 360 9.80 -15.50 23.36
N LEU A 361 9.86 -16.77 23.75
CA LEU A 361 10.73 -17.71 23.05
C LEU A 361 10.29 -17.89 21.61
N VAL A 362 8.98 -18.00 21.38
CA VAL A 362 8.48 -18.16 20.02
C VAL A 362 8.82 -16.93 19.18
N ASP A 363 8.66 -15.74 19.75
CA ASP A 363 8.98 -14.52 19.03
C ASP A 363 10.47 -14.44 18.72
N GLN A 364 11.32 -14.84 19.68
CA GLN A 364 12.75 -14.85 19.43
C GLN A 364 13.11 -15.81 18.31
N GLY A 365 12.48 -16.99 18.30
CA GLY A 365 12.71 -17.92 17.22
C GLY A 365 12.30 -17.37 15.86
N LYS A 366 11.14 -16.72 15.82
CA LYS A 366 10.70 -16.09 14.57
C LYS A 366 11.69 -15.02 14.12
N GLU A 367 12.19 -14.22 15.08
CA GLU A 367 13.16 -13.19 14.74
C GLU A 367 14.44 -13.80 14.19
N ARG A 368 14.90 -14.91 14.79
CA ARG A 368 16.09 -15.57 14.28
C ARG A 368 15.87 -16.11 12.88
N LEU A 369 14.70 -16.71 12.63
CA LEU A 369 14.40 -17.20 11.29
C LEU A 369 14.39 -16.06 10.28
N ASN A 370 13.81 -14.92 10.65
CA ASN A 370 13.84 -13.76 9.76
C ASN A 370 15.27 -13.29 9.53
N ARG A 371 16.09 -13.29 10.58
CA ARG A 371 17.47 -12.85 10.44
C ARG A 371 18.25 -13.75 9.50
N LEU A 372 17.94 -15.05 9.49
CA LEU A 372 18.64 -15.96 8.60
C LEU A 372 18.64 -15.45 7.17
N GLY A 373 17.53 -14.87 6.72
CA GLY A 373 17.43 -14.28 5.40
C GLY A 373 17.03 -15.22 4.30
N PHE A 374 16.92 -16.53 4.57
CA PHE A 374 16.50 -17.47 3.56
C PHE A 374 15.02 -17.38 3.24
N PHE A 375 14.23 -16.68 4.05
CA PHE A 375 12.78 -16.64 3.90
C PHE A 375 12.32 -15.21 3.74
N GLU A 376 11.48 -14.97 2.73
CA GLU A 376 10.96 -13.62 2.50
C GLU A 376 9.91 -13.26 3.55
N THR A 377 9.02 -14.19 3.88
CA THR A 377 7.97 -13.97 4.86
C THR A 377 7.96 -15.10 5.87
N VAL A 378 7.75 -14.74 7.13
CA VAL A 378 7.67 -15.71 8.23
C VAL A 378 6.42 -15.40 9.04
N ASP A 379 5.62 -16.44 9.32
CA ASP A 379 4.39 -16.30 10.08
C ASP A 379 4.36 -17.35 11.17
N THR A 380 3.61 -17.06 12.24
CA THR A 380 3.49 -17.93 13.39
C THR A 380 2.03 -18.19 13.70
N ASP A 381 1.75 -19.36 14.25
CA ASP A 381 0.40 -19.74 14.63
C ASP A 381 0.47 -20.72 15.79
N THR A 382 -0.52 -20.66 16.68
CA THR A 382 -0.58 -21.50 17.87
C THR A 382 -1.95 -22.19 17.88
N GLN A 383 -2.03 -23.35 17.23
CA GLN A 383 -3.26 -24.11 17.19
C GLN A 383 -3.46 -24.88 18.50
N ARG A 384 -4.70 -25.33 18.71
CA ARG A 384 -5.05 -26.10 19.88
C ARG A 384 -5.23 -27.57 19.49
N VAL A 385 -4.58 -28.46 20.23
CA VAL A 385 -4.71 -29.89 19.95
C VAL A 385 -6.16 -30.31 20.18
N PRO A 386 -6.74 -31.17 19.34
CA PRO A 386 -8.15 -31.54 19.55
C PRO A 386 -8.39 -32.10 20.94
N GLY A 387 -9.39 -31.56 21.62
CA GLY A 387 -9.75 -32.04 22.94
C GLY A 387 -8.63 -31.99 23.94
N SER A 388 -7.87 -30.89 23.96
CA SER A 388 -6.76 -30.73 24.88
C SER A 388 -6.84 -29.34 25.50
N PRO A 389 -6.82 -29.22 26.84
CA PRO A 389 -6.88 -27.90 27.47
C PRO A 389 -5.54 -27.22 27.67
N ASP A 390 -4.42 -27.94 27.53
CA ASP A 390 -3.11 -27.35 27.80
C ASP A 390 -2.05 -27.75 26.78
N GLN A 391 -2.44 -28.39 25.68
CA GLN A 391 -1.50 -28.80 24.64
C GLN A 391 -1.78 -28.02 23.36
N VAL A 392 -0.74 -27.45 22.77
CA VAL A 392 -0.85 -26.66 21.55
C VAL A 392 0.25 -27.06 20.59
N ASP A 393 0.04 -26.75 19.32
CA ASP A 393 1.00 -27.03 18.26
C ASP A 393 1.44 -25.71 17.62
N VAL A 394 2.75 -25.51 17.54
CA VAL A 394 3.32 -24.31 16.94
C VAL A 394 3.64 -24.63 15.48
N VAL A 395 3.11 -23.82 14.57
CA VAL A 395 3.29 -24.00 13.14
C VAL A 395 3.91 -22.73 12.58
N TYR A 396 4.99 -22.88 11.82
CA TYR A 396 5.69 -21.77 11.19
C TYR A 396 5.48 -21.86 9.69
N LYS A 397 4.95 -20.78 9.10
CA LYS A 397 4.77 -20.68 7.67
C LYS A 397 5.84 -19.76 7.11
N VAL A 398 6.60 -20.25 6.13
CA VAL A 398 7.71 -19.51 5.54
C VAL A 398 7.58 -19.55 4.03
N LYS A 399 8.11 -18.52 3.38
CA LYS A 399 8.16 -18.42 1.93
C LYS A 399 9.62 -18.36 1.51
N GLU A 400 10.06 -19.35 0.74
CA GLU A 400 11.47 -19.43 0.37
C GLU A 400 11.86 -18.25 -0.52
N ARG A 401 13.06 -17.73 -0.29
CA ARG A 401 13.58 -16.59 -1.03
C ARG A 401 14.89 -17.00 -1.70
N ASN A 402 15.06 -16.58 -2.95
CA ASN A 402 16.27 -16.93 -3.69
C ASN A 402 17.50 -16.43 -2.97
N THR A 403 18.53 -17.29 -2.91
CA THR A 403 19.75 -17.00 -2.16
C THR A 403 20.92 -16.60 -3.05
N GLY A 404 21.11 -17.26 -4.18
CA GLY A 404 22.20 -16.89 -5.06
C GLY A 404 22.09 -15.43 -5.49
N SER A 405 23.23 -14.74 -5.51
CA SER A 405 23.24 -13.32 -5.80
C SER A 405 24.57 -12.95 -6.44
N PHE A 406 24.52 -12.54 -7.71
CA PHE A 406 25.69 -11.91 -8.33
C PHE A 406 25.91 -10.54 -7.69
N ASN A 407 27.18 -10.17 -7.55
CA ASN A 407 27.52 -8.92 -6.88
C ASN A 407 28.65 -8.23 -7.62
N PHE A 408 28.52 -6.92 -7.78
CA PHE A 408 29.57 -6.08 -8.35
C PHE A 408 29.68 -4.81 -7.51
N GLY A 409 30.88 -4.23 -7.50
CA GLY A 409 31.11 -3.04 -6.71
C GLY A 409 32.27 -2.20 -7.21
N ILE A 410 32.13 -0.88 -7.14
CA ILE A 410 33.17 0.06 -7.54
C ILE A 410 33.32 1.10 -6.44
N GLY A 411 34.56 1.42 -6.10
CA GLY A 411 34.83 2.41 -5.08
C GLY A 411 36.11 3.17 -5.40
N TYR A 412 36.20 4.37 -4.82
CA TYR A 412 37.35 5.24 -5.03
C TYR A 412 37.84 5.78 -3.69
N GLY A 413 39.14 6.04 -3.61
CA GLY A 413 39.73 6.56 -2.41
C GLY A 413 41.16 7.03 -2.61
N THR A 414 41.62 7.95 -1.77
CA THR A 414 42.98 8.46 -1.90
C THR A 414 44.04 7.44 -1.50
N GLU A 415 43.63 6.33 -0.89
CA GLU A 415 44.58 5.31 -0.45
C GLU A 415 44.64 4.13 -1.42
N SER A 416 43.49 3.55 -1.74
CA SER A 416 43.40 2.43 -2.66
C SER A 416 43.14 2.87 -4.10
N GLY A 417 42.99 4.16 -4.34
CA GLY A 417 42.69 4.61 -5.70
C GLY A 417 41.40 3.99 -6.20
N VAL A 418 41.45 3.48 -7.43
CA VAL A 418 40.29 2.82 -8.02
C VAL A 418 40.21 1.40 -7.50
N SER A 419 39.04 1.03 -6.99
CA SER A 419 38.80 -0.30 -6.44
C SER A 419 37.64 -0.96 -7.15
N PHE A 420 37.78 -2.26 -7.43
CA PHE A 420 36.75 -3.04 -8.08
C PHE A 420 36.40 -4.24 -7.21
N GLN A 421 35.12 -4.47 -7.00
CA GLN A 421 34.63 -5.60 -6.21
C GLN A 421 33.63 -6.38 -7.06
N ALA A 422 33.87 -7.68 -7.22
CA ALA A 422 33.00 -8.53 -8.01
C ALA A 422 33.08 -9.95 -7.47
N GLY A 423 31.93 -10.55 -7.20
CA GLY A 423 31.89 -11.90 -6.70
C GLY A 423 30.48 -12.47 -6.77
N VAL A 424 30.42 -13.79 -6.69
CA VAL A 424 29.15 -14.52 -6.70
C VAL A 424 29.04 -15.28 -5.38
N GLN A 425 27.90 -15.11 -4.70
CA GLN A 425 27.69 -15.67 -3.38
C GLN A 425 26.45 -16.55 -3.37
N GLN A 426 26.54 -17.68 -2.68
CA GLN A 426 25.41 -18.59 -2.47
C GLN A 426 25.34 -18.92 -0.99
N ASP A 427 24.32 -18.39 -0.31
CA ASP A 427 24.20 -18.56 1.12
C ASP A 427 23.63 -19.92 1.53
N ASN A 428 22.79 -20.51 0.69
CA ASN A 428 22.14 -21.79 0.99
C ASN A 428 22.47 -22.76 -0.14
N TRP A 429 23.47 -23.59 0.08
CA TRP A 429 23.91 -24.57 -0.91
C TRP A 429 23.02 -25.80 -0.83
N LEU A 430 22.10 -25.94 -1.77
CA LEU A 430 21.20 -27.09 -1.82
C LEU A 430 20.40 -27.22 -0.52
N GLY A 431 20.02 -26.08 0.06
CA GLY A 431 19.18 -26.08 1.24
C GLY A 431 19.80 -26.82 2.41
N THR A 432 21.08 -26.59 2.65
CA THR A 432 21.79 -27.26 3.74
C THR A 432 22.42 -26.29 4.74
N GLY A 433 22.38 -24.99 4.46
CA GLY A 433 22.98 -24.00 5.33
C GLY A 433 24.41 -23.66 5.02
N TYR A 434 25.07 -24.43 4.15
CA TYR A 434 26.44 -24.12 3.77
C TYR A 434 26.48 -22.85 2.92
N ALA A 435 27.47 -22.01 3.19
CA ALA A 435 27.65 -20.75 2.48
C ALA A 435 28.88 -20.87 1.59
N VAL A 436 28.67 -20.91 0.29
CA VAL A 436 29.75 -21.00 -0.69
C VAL A 436 29.68 -19.77 -1.59
N GLY A 437 30.81 -19.10 -1.76
CA GLY A 437 30.87 -17.91 -2.59
C GLY A 437 32.28 -17.64 -3.05
N ILE A 438 32.39 -16.97 -4.18
CA ILE A 438 33.68 -16.58 -4.77
C ILE A 438 33.70 -15.06 -4.88
N ASN A 439 34.73 -14.44 -4.34
CA ASN A 439 34.88 -12.99 -4.35
C ASN A 439 36.25 -12.61 -4.88
N GLY A 440 36.30 -11.47 -5.56
CA GLY A 440 37.55 -10.96 -6.09
C GLY A 440 37.67 -9.46 -5.93
N THR A 441 38.81 -9.00 -5.42
CA THR A 441 39.04 -7.58 -5.17
C THR A 441 40.25 -7.11 -5.94
N LYS A 442 40.13 -5.94 -6.57
CA LYS A 442 41.21 -5.32 -7.33
C LYS A 442 41.32 -3.87 -6.92
N ASN A 443 42.55 -3.39 -6.77
CA ASN A 443 42.80 -1.99 -6.42
C ASN A 443 44.11 -1.57 -7.07
N ASP A 444 44.63 -0.43 -6.63
CA ASP A 444 45.84 0.11 -7.24
C ASP A 444 47.04 -0.80 -7.04
N TYR A 445 47.16 -1.43 -5.86
CA TYR A 445 48.39 -2.10 -5.48
C TYR A 445 48.18 -3.55 -5.06
N GLN A 446 47.04 -4.15 -5.38
CA GLN A 446 46.84 -5.55 -5.04
C GLN A 446 45.65 -6.11 -5.79
N THR A 447 45.71 -7.41 -6.09
CA THR A 447 44.61 -8.15 -6.67
C THR A 447 44.35 -9.37 -5.80
N TYR A 448 43.09 -9.57 -5.43
CA TYR A 448 42.71 -10.60 -4.47
C TYR A 448 41.54 -11.42 -5.01
N ALA A 449 41.57 -12.72 -4.74
CA ALA A 449 40.50 -13.61 -5.15
C ALA A 449 40.51 -14.82 -4.23
N GLU A 450 39.34 -15.18 -3.70
CA GLU A 450 39.24 -16.27 -2.73
C GLU A 450 38.01 -17.11 -3.02
N LEU A 451 38.07 -18.37 -2.58
CA LEU A 451 36.92 -19.27 -2.57
C LEU A 451 36.65 -19.66 -1.14
N SER A 452 35.44 -19.40 -0.66
CA SER A 452 35.08 -19.58 0.74
C SER A 452 33.95 -20.58 0.87
N VAL A 453 34.13 -21.56 1.75
CA VAL A 453 33.09 -22.52 2.11
C VAL A 453 33.07 -22.63 3.62
N THR A 454 31.88 -22.52 4.21
CA THR A 454 31.74 -22.54 5.66
C THR A 454 30.42 -23.16 6.04
N ASN A 455 30.43 -23.92 7.14
CA ASN A 455 29.22 -24.50 7.71
C ASN A 455 28.87 -23.73 8.98
N PRO A 456 27.80 -22.93 9.00
CA PRO A 456 27.53 -22.14 10.21
C PRO A 456 27.29 -22.98 11.45
N TYR A 457 26.85 -24.23 11.29
CA TYR A 457 26.58 -25.12 12.41
C TYR A 457 27.39 -26.40 12.23
N PHE A 458 28.64 -26.39 12.66
CA PHE A 458 29.40 -27.62 12.77
C PHE A 458 28.93 -28.45 13.95
N THR A 459 28.57 -27.79 15.04
CA THR A 459 27.91 -28.43 16.18
C THR A 459 26.67 -27.62 16.50
N VAL A 460 25.56 -28.31 16.81
CA VAL A 460 24.29 -27.64 17.02
C VAL A 460 24.37 -26.58 18.10
N ASP A 461 25.36 -26.67 18.98
CA ASP A 461 25.54 -25.62 19.98
C ASP A 461 25.72 -24.26 19.33
N GLY A 462 26.35 -24.21 18.15
CA GLY A 462 26.56 -22.97 17.44
C GLY A 462 27.94 -22.85 16.84
N VAL A 463 28.79 -23.86 17.05
CA VAL A 463 30.13 -23.83 16.50
C VAL A 463 30.06 -23.86 14.98
N SER A 464 30.84 -23.00 14.34
CA SER A 464 30.87 -22.87 12.89
C SER A 464 32.24 -23.29 12.38
N LEU A 465 32.26 -24.11 11.34
CA LEU A 465 33.49 -24.56 10.69
C LEU A 465 33.63 -23.85 9.35
N GLY A 466 34.79 -23.25 9.12
CA GLY A 466 35.04 -22.43 7.95
C GLY A 466 35.80 -23.16 6.87
N GLY A 467 36.61 -22.40 6.13
CA GLY A 467 37.35 -22.92 5.00
C GLY A 467 37.55 -21.84 3.97
N ARG A 468 38.77 -21.71 3.45
CA ARG A 468 39.09 -20.58 2.58
C ARG A 468 40.30 -20.93 1.73
N LEU A 469 40.21 -20.65 0.43
CA LEU A 469 41.32 -20.73 -0.50
C LEU A 469 41.47 -19.39 -1.19
N PHE A 470 42.66 -18.80 -1.12
CA PHE A 470 42.87 -17.44 -1.57
C PHE A 470 44.13 -17.33 -2.39
N TYR A 471 44.10 -16.45 -3.40
CA TYR A 471 45.28 -16.09 -4.18
C TYR A 471 45.46 -14.58 -4.09
N ASN A 472 46.65 -14.15 -3.67
CA ASN A 472 46.91 -12.75 -3.39
C ASN A 472 48.12 -12.29 -4.18
N ASP A 473 47.98 -11.14 -4.86
CA ASP A 473 49.06 -10.49 -5.58
C ASP A 473 49.22 -9.08 -5.03
N PHE A 474 50.44 -8.72 -4.67
CA PHE A 474 50.72 -7.45 -4.02
C PHE A 474 51.90 -6.76 -4.71
N GLN A 475 51.71 -5.49 -5.05
CA GLN A 475 52.76 -4.66 -5.63
C GLN A 475 53.06 -3.52 -4.66
N ALA A 476 54.30 -3.48 -4.18
CA ALA A 476 54.65 -2.51 -3.14
C ALA A 476 54.82 -1.10 -3.70
N ASP A 477 55.36 -0.97 -4.92
CA ASP A 477 55.64 0.35 -5.46
C ASP A 477 54.37 1.18 -5.57
N ASP A 478 53.28 0.58 -6.05
CA ASP A 478 52.03 1.31 -6.16
C ASP A 478 51.47 1.70 -4.79
N ALA A 479 51.92 1.05 -3.72
CA ALA A 479 51.51 1.38 -2.36
C ALA A 479 52.51 2.28 -1.66
N ASP A 480 53.21 3.13 -2.41
CA ASP A 480 54.22 4.06 -1.90
C ASP A 480 55.04 3.42 -0.77
N LEU A 481 55.63 2.27 -1.11
CA LEU A 481 56.56 1.56 -0.24
C LEU A 481 57.78 1.15 -1.05
N SER A 482 58.75 0.55 -0.38
CA SER A 482 59.93 0.05 -1.07
C SER A 482 59.50 -0.95 -2.14
N ASP A 483 60.09 -0.80 -3.33
CA ASP A 483 59.68 -1.62 -4.46
C ASP A 483 59.97 -3.09 -4.21
N TYR A 484 58.91 -3.91 -4.24
CA TYR A 484 59.05 -5.36 -4.14
C TYR A 484 57.69 -5.97 -4.43
N THR A 485 57.71 -7.10 -5.14
CA THR A 485 56.49 -7.77 -5.57
C THR A 485 56.32 -9.07 -4.81
N ASN A 486 55.14 -9.28 -4.24
CA ASN A 486 54.83 -10.45 -3.44
C ASN A 486 53.59 -11.12 -4.00
N LYS A 487 53.77 -12.29 -4.63
CA LYS A 487 52.66 -13.12 -5.09
C LYS A 487 52.54 -14.31 -4.15
N SER A 488 51.35 -14.50 -3.57
CA SER A 488 51.14 -15.52 -2.56
C SER A 488 49.80 -16.20 -2.78
N TYR A 489 49.70 -17.44 -2.31
CA TYR A 489 48.46 -18.19 -2.35
C TYR A 489 48.48 -19.23 -1.24
N GLY A 490 47.29 -19.56 -0.73
CA GLY A 490 47.21 -20.52 0.35
C GLY A 490 45.76 -20.81 0.69
N THR A 491 45.58 -21.69 1.66
CA THR A 491 44.26 -22.10 2.13
C THR A 491 44.22 -22.06 3.64
N ASP A 492 43.05 -21.75 4.19
CA ASP A 492 42.86 -21.63 5.62
C ASP A 492 41.56 -22.32 6.04
N VAL A 493 41.55 -22.81 7.28
CA VAL A 493 40.36 -23.38 7.89
C VAL A 493 40.30 -22.89 9.33
N THR A 494 39.10 -22.52 9.78
CA THR A 494 38.93 -21.92 11.10
C THR A 494 37.62 -22.36 11.71
N LEU A 495 37.52 -22.18 13.02
CA LEU A 495 36.31 -22.49 13.78
C LEU A 495 35.80 -21.23 14.47
N GLY A 496 34.53 -21.28 14.87
CA GLY A 496 33.92 -20.17 15.56
C GLY A 496 33.26 -20.58 16.86
N PHE A 497 33.59 -19.90 17.96
CA PHE A 497 33.09 -20.25 19.29
C PHE A 497 32.30 -19.10 19.87
N PRO A 498 30.98 -19.06 19.71
CA PRO A 498 30.16 -18.06 20.41
C PRO A 498 29.92 -18.50 21.85
N ILE A 499 30.29 -17.64 22.80
CA ILE A 499 30.30 -18.03 24.21
C ILE A 499 29.34 -17.17 25.03
N ASN A 500 29.15 -15.91 24.63
CA ASN A 500 28.34 -15.00 25.42
C ASN A 500 27.41 -14.14 24.58
N GLU A 501 27.21 -14.46 23.30
CA GLU A 501 26.39 -13.70 22.36
C GLU A 501 26.99 -12.34 22.02
N TYR A 502 28.08 -11.95 22.65
CA TYR A 502 28.83 -10.74 22.31
C TYR A 502 30.29 -11.05 22.04
N ASN A 503 30.88 -11.98 22.79
CA ASN A 503 32.23 -12.43 22.51
C ASN A 503 32.21 -13.53 21.47
N SER A 504 33.37 -13.79 20.88
CA SER A 504 33.50 -14.85 19.87
C SER A 504 34.96 -15.22 19.73
N LEU A 505 35.29 -16.48 20.06
CA LEU A 505 36.63 -17.00 19.88
C LEU A 505 36.68 -17.82 18.59
N ARG A 506 37.79 -17.68 17.87
CA ARG A 506 37.99 -18.41 16.62
C ARG A 506 39.45 -18.83 16.51
N ALA A 507 39.68 -20.11 16.22
CA ALA A 507 41.01 -20.65 16.02
C ALA A 507 41.01 -21.53 14.77
N GLY A 508 42.18 -21.64 14.15
CA GLY A 508 42.29 -22.43 12.94
C GLY A 508 43.72 -22.46 12.46
N LEU A 509 43.96 -23.36 11.51
CA LEU A 509 45.26 -23.54 10.89
C LEU A 509 45.23 -22.97 9.47
N GLY A 510 46.41 -22.66 8.95
CA GLY A 510 46.51 -22.12 7.61
C GLY A 510 47.86 -22.37 6.97
N TYR A 511 47.86 -22.69 5.68
CA TYR A 511 49.08 -22.90 4.91
C TYR A 511 49.15 -21.83 3.82
N VAL A 512 50.27 -21.12 3.77
CA VAL A 512 50.47 -20.04 2.81
C VAL A 512 51.84 -20.19 2.18
N HIS A 513 51.90 -20.02 0.86
CA HIS A 513 53.15 -20.03 0.11
C HIS A 513 53.36 -18.64 -0.47
N ASN A 514 54.52 -18.05 -0.20
CA ASN A 514 54.82 -16.68 -0.60
C ASN A 514 55.96 -16.69 -1.60
N SER A 515 55.79 -15.98 -2.71
CA SER A 515 56.80 -15.82 -3.73
C SER A 515 57.15 -14.33 -3.86
N LEU A 516 58.44 -14.03 -3.86
CA LEU A 516 58.92 -12.66 -3.92
C LEU A 516 59.88 -12.50 -5.10
N SER A 517 59.81 -11.35 -5.76
CA SER A 517 60.67 -11.07 -6.90
C SER A 517 60.71 -9.57 -7.14
N ASN A 518 61.71 -9.13 -7.89
CA ASN A 518 61.88 -7.73 -8.25
C ASN A 518 61.92 -6.85 -7.01
N MET A 519 62.96 -7.07 -6.19
CA MET A 519 63.13 -6.39 -4.92
C MET A 519 64.36 -5.50 -4.96
N GLN A 520 64.19 -4.25 -4.57
CA GLN A 520 65.31 -3.33 -4.46
C GLN A 520 66.07 -3.61 -3.16
N PRO A 521 67.40 -3.78 -3.22
CA PRO A 521 68.14 -4.08 -1.98
C PRO A 521 67.95 -2.98 -0.94
N GLN A 522 67.84 -3.39 0.32
CA GLN A 522 67.72 -2.45 1.43
C GLN A 522 68.14 -3.14 2.71
N VAL A 523 68.63 -2.35 3.66
CA VAL A 523 69.23 -2.91 4.88
C VAL A 523 68.19 -3.70 5.67
N ALA A 524 67.00 -3.12 5.86
CA ALA A 524 66.01 -3.77 6.70
C ALA A 524 65.60 -5.12 6.12
N MET A 525 65.24 -5.14 4.84
CA MET A 525 64.81 -6.39 4.21
C MET A 525 65.95 -7.41 4.18
N TRP A 526 67.16 -6.95 3.85
CA TRP A 526 68.28 -7.88 3.79
C TRP A 526 68.64 -8.41 5.17
N ARG A 527 68.27 -7.70 6.25
CA ARG A 527 68.42 -8.28 7.57
C ARG A 527 67.69 -9.61 7.67
N TYR A 528 66.40 -9.61 7.32
CA TYR A 528 65.62 -10.85 7.35
C TYR A 528 66.17 -11.86 6.34
N LEU A 529 66.53 -11.40 5.14
CA LEU A 529 67.01 -12.33 4.13
C LEU A 529 68.28 -13.04 4.58
N TYR A 530 69.20 -12.31 5.20
CA TYR A 530 70.40 -12.93 5.77
C TYR A 530 70.04 -13.83 6.94
N SER A 531 69.09 -13.41 7.78
CA SER A 531 68.65 -14.24 8.88
C SER A 531 68.11 -15.59 8.40
N MET A 532 67.58 -15.64 7.17
CA MET A 532 67.12 -16.88 6.59
C MET A 532 68.21 -17.61 5.80
N GLY A 533 69.44 -17.09 5.81
CA GLY A 533 70.55 -17.76 5.16
C GLY A 533 70.79 -17.34 3.72
N GLU A 534 69.89 -16.55 3.13
CA GLU A 534 70.09 -16.12 1.75
C GLU A 534 71.22 -15.10 1.67
N HIS A 535 71.87 -15.07 0.51
CA HIS A 535 72.95 -14.13 0.23
C HIS A 535 72.75 -13.52 -1.16
N PRO A 536 71.71 -12.71 -1.33
CA PRO A 536 71.46 -12.10 -2.64
C PRO A 536 72.53 -11.08 -3.00
N SER A 537 72.73 -10.91 -4.31
CA SER A 537 73.68 -9.91 -4.79
C SER A 537 73.12 -8.50 -4.57
N THR A 538 74.03 -7.55 -4.37
CA THR A 538 73.64 -6.17 -4.11
C THR A 538 73.52 -5.33 -5.39
N SER A 539 74.32 -5.64 -6.41
CA SER A 539 74.36 -4.80 -7.60
C SER A 539 73.10 -4.91 -8.44
N ASP A 540 72.33 -5.98 -8.31
CA ASP A 540 71.16 -6.22 -9.15
C ASP A 540 69.95 -6.52 -8.29
N GLN A 541 68.77 -6.19 -8.83
CA GLN A 541 67.51 -6.39 -8.13
C GLN A 541 66.74 -7.58 -8.67
N ASP A 542 67.31 -8.38 -9.57
CA ASP A 542 66.64 -9.54 -10.12
C ASP A 542 66.76 -10.74 -9.18
N ASN A 543 66.25 -10.55 -7.97
CA ASN A 543 66.30 -11.55 -6.92
C ASN A 543 64.95 -12.25 -6.79
N SER A 544 64.99 -13.45 -6.23
CA SER A 544 63.78 -14.25 -6.02
C SER A 544 63.88 -14.95 -4.68
N PHE A 545 62.73 -15.30 -4.12
CA PHE A 545 62.67 -15.99 -2.84
C PHE A 545 61.30 -16.61 -2.68
N LYS A 546 61.26 -17.91 -2.40
CA LYS A 546 60.02 -18.64 -2.21
C LYS A 546 60.02 -19.28 -0.83
N THR A 547 58.83 -19.36 -0.23
CA THR A 547 58.69 -19.92 1.10
C THR A 547 57.32 -20.55 1.25
N ASP A 548 57.22 -21.47 2.22
CA ASP A 548 55.96 -22.11 2.57
C ASP A 548 55.86 -22.17 4.08
N ASP A 549 54.70 -21.79 4.61
CA ASP A 549 54.53 -21.69 6.06
C ASP A 549 53.19 -22.28 6.48
N PHE A 550 53.20 -22.94 7.62
CA PHE A 550 51.99 -23.41 8.30
C PHE A 550 51.86 -22.65 9.60
N THR A 551 50.72 -21.99 9.81
CA THR A 551 50.52 -21.15 10.97
C THR A 551 49.23 -21.53 11.69
N PHE A 552 49.26 -21.45 13.01
CA PHE A 552 48.09 -21.69 13.85
C PHE A 552 47.47 -20.34 14.17
N ASN A 553 46.30 -20.08 13.59
CA ASN A 553 45.64 -18.78 13.71
C ASN A 553 44.64 -18.81 14.86
N TYR A 554 44.66 -17.77 15.69
CA TYR A 554 43.71 -17.62 16.78
C TYR A 554 43.31 -16.16 16.88
N GLY A 555 42.11 -15.93 17.41
CA GLY A 555 41.62 -14.58 17.55
C GLY A 555 40.43 -14.52 18.48
N TRP A 556 40.20 -13.33 19.04
CA TRP A 556 39.08 -13.06 19.92
C TRP A 556 38.39 -11.78 19.47
N THR A 557 37.07 -11.77 19.58
CA THR A 557 36.28 -10.61 19.17
C THR A 557 35.27 -10.29 20.26
N TYR A 558 34.90 -9.01 20.33
CA TYR A 558 33.93 -8.53 21.31
C TYR A 558 33.15 -7.40 20.68
N ASN A 559 31.84 -7.59 20.51
CA ASN A 559 30.97 -6.61 19.88
C ASN A 559 29.85 -6.24 20.84
N LYS A 560 29.71 -4.94 21.11
CA LYS A 560 28.64 -4.44 21.97
C LYS A 560 28.03 -3.15 21.42
N LEU A 561 28.39 -2.74 20.21
CA LEU A 561 27.88 -1.49 19.67
C LEU A 561 26.36 -1.52 19.55
N ASP A 562 25.72 -0.42 19.97
CA ASP A 562 24.27 -0.36 19.94
C ASP A 562 23.74 -0.47 18.51
N ARG A 563 24.38 0.21 17.57
CA ARG A 563 23.96 0.22 16.17
C ARG A 563 25.17 -0.03 15.28
N GLY A 564 24.95 -0.77 14.19
CA GLY A 564 26.02 -1.05 13.26
C GLY A 564 26.44 0.15 12.44
N TYR A 565 25.55 1.12 12.26
CA TYR A 565 25.84 2.33 11.51
C TYR A 565 25.70 3.53 12.44
N PHE A 566 26.69 4.41 12.41
CA PHE A 566 26.73 5.58 13.28
C PHE A 566 26.47 5.20 14.73
N PRO A 567 27.29 4.31 15.30
CA PRO A 567 27.07 3.89 16.69
C PRO A 567 27.21 5.05 17.66
N THR A 568 26.44 4.99 18.74
CA THR A 568 26.48 6.01 19.78
C THR A 568 26.95 5.49 21.13
N ASP A 569 26.86 4.19 21.38
CA ASP A 569 27.32 3.62 22.64
C ASP A 569 27.67 2.16 22.43
N GLY A 570 28.57 1.66 23.26
CA GLY A 570 29.04 0.30 23.20
C GLY A 570 30.55 0.26 23.13
N SER A 571 31.07 -0.89 22.71
CA SER A 571 32.51 -1.05 22.59
C SER A 571 32.80 -2.23 21.68
N ARG A 572 33.87 -2.10 20.89
CA ARG A 572 34.32 -3.16 19.99
C ARG A 572 35.80 -3.42 20.25
N VAL A 573 36.14 -4.66 20.55
CA VAL A 573 37.52 -5.08 20.79
C VAL A 573 37.81 -6.29 19.92
N ASN A 574 38.91 -6.22 19.16
CA ASN A 574 39.33 -7.30 18.29
C ASN A 574 40.79 -7.62 18.57
N LEU A 575 41.11 -8.92 18.62
CA LEU A 575 42.46 -9.38 18.87
C LEU A 575 42.73 -10.57 17.97
N THR A 576 43.60 -10.38 16.97
CA THR A 576 43.98 -11.44 16.05
C THR A 576 45.46 -11.76 16.23
N GLY A 577 45.75 -13.04 16.46
CA GLY A 577 47.12 -13.47 16.64
C GLY A 577 47.43 -14.75 15.88
N LYS A 578 48.57 -14.78 15.21
CA LYS A 578 48.99 -15.94 14.43
C LYS A 578 50.44 -16.26 14.74
N VAL A 579 50.76 -17.55 14.80
CA VAL A 579 52.10 -18.02 15.05
C VAL A 579 52.38 -19.23 14.18
N THR A 580 53.62 -19.33 13.70
CA THR A 580 54.01 -20.45 12.85
C THR A 580 54.37 -21.65 13.71
N ILE A 581 54.04 -22.85 13.20
CA ILE A 581 54.33 -24.09 13.89
C ILE A 581 55.61 -24.68 13.31
N PRO A 582 56.29 -25.58 14.02
CA PRO A 582 57.53 -26.17 13.48
C PRO A 582 57.33 -26.78 12.10
N GLY A 583 58.43 -26.97 11.37
CA GLY A 583 58.38 -27.45 10.00
C GLY A 583 58.31 -26.31 9.00
N SER A 584 57.57 -25.27 9.34
CA SER A 584 57.50 -24.10 8.48
C SER A 584 58.85 -23.41 8.41
N ASP A 585 59.18 -22.85 7.25
CA ASP A 585 60.45 -22.14 7.11
C ASP A 585 60.49 -20.93 8.05
N ASN A 586 59.46 -20.10 8.01
CA ASN A 586 59.40 -18.94 8.89
C ASN A 586 59.10 -19.37 10.32
N GLU A 587 59.64 -18.60 11.27
CA GLU A 587 59.42 -18.84 12.70
C GLU A 587 59.17 -17.48 13.34
N TYR A 588 57.89 -17.09 13.41
CA TYR A 588 57.53 -15.78 13.93
C TYR A 588 56.11 -15.84 14.49
N TYR A 589 55.77 -14.85 15.30
CA TYR A 589 54.44 -14.72 15.86
C TYR A 589 53.99 -13.27 15.74
N LYS A 590 52.74 -13.07 15.30
CA LYS A 590 52.18 -11.75 15.09
C LYS A 590 50.92 -11.60 15.93
N VAL A 591 50.78 -10.47 16.60
CA VAL A 591 49.65 -10.17 17.47
C VAL A 591 49.13 -8.78 17.13
N THR A 592 47.81 -8.65 17.02
CA THR A 592 47.16 -7.38 16.74
C THR A 592 46.02 -7.18 17.72
N LEU A 593 45.75 -5.91 18.03
CA LEU A 593 44.69 -5.56 18.98
C LEU A 593 44.03 -4.26 18.50
N ASP A 594 42.80 -4.37 18.01
CA ASP A 594 42.00 -3.23 17.62
C ASP A 594 40.93 -2.97 18.66
N THR A 595 40.61 -1.69 18.86
CA THR A 595 39.64 -1.31 19.88
C THR A 595 38.97 0.00 19.47
N ALA A 596 37.67 0.09 19.74
CA ALA A 596 36.91 1.31 19.51
C ALA A 596 35.84 1.41 20.57
N THR A 597 35.74 2.57 21.21
CA THR A 597 34.80 2.80 22.30
C THR A 597 33.98 4.05 22.02
N TYR A 598 32.69 3.96 22.30
CA TYR A 598 31.76 5.09 22.15
C TYR A 598 31.11 5.37 23.50
N VAL A 599 31.19 6.63 23.93
CA VAL A 599 30.64 7.04 25.22
C VAL A 599 29.80 8.30 25.02
N PRO A 600 28.47 8.21 25.04
CA PRO A 600 27.66 9.42 24.89
C PRO A 600 27.55 10.18 26.21
N ILE A 601 27.59 11.51 26.09
CA ILE A 601 27.48 12.40 27.24
C ILE A 601 26.19 13.21 27.19
N ASP A 602 25.20 12.74 26.42
CA ASP A 602 23.93 13.44 26.28
C ASP A 602 22.80 12.42 26.27
N ASP A 603 21.63 12.85 26.73
CA ASP A 603 20.48 11.95 26.77
C ASP A 603 20.09 11.49 25.37
N ASP A 604 20.09 12.41 24.40
CA ASP A 604 19.74 12.07 23.02
C ASP A 604 20.89 11.40 22.28
N HIS A 605 22.05 11.26 22.91
CA HIS A 605 23.20 10.58 22.31
C HIS A 605 23.73 11.32 21.08
N LYS A 606 23.40 12.60 20.94
CA LYS A 606 23.92 13.36 19.81
C LYS A 606 25.40 13.66 19.99
N TRP A 607 25.82 13.97 21.22
CA TRP A 607 27.22 14.25 21.52
C TRP A 607 27.86 12.99 22.08
N VAL A 608 28.87 12.48 21.40
CA VAL A 608 29.52 11.23 21.77
C VAL A 608 31.04 11.40 21.66
N VAL A 609 31.75 10.84 22.64
CA VAL A 609 33.20 10.83 22.65
C VAL A 609 33.66 9.45 22.18
N LEU A 610 34.47 9.41 21.14
CA LEU A 610 34.93 8.17 20.54
C LEU A 610 36.44 8.03 20.73
N GLY A 611 36.85 6.89 21.28
CA GLY A 611 38.25 6.60 21.46
C GLY A 611 38.67 5.31 20.78
N ARG A 612 39.73 5.37 19.99
CA ARG A 612 40.21 4.22 19.23
C ARG A 612 41.68 3.98 19.55
N THR A 613 42.06 2.70 19.54
CA THR A 613 43.45 2.30 19.74
C THR A 613 43.75 1.12 18.84
N ARG A 614 45.04 0.96 18.52
CA ARG A 614 45.49 -0.13 17.65
C ARG A 614 46.91 -0.50 18.06
N TRP A 615 47.11 -1.77 18.42
CA TRP A 615 48.40 -2.26 18.88
C TRP A 615 48.81 -3.45 18.04
N GLY A 616 50.10 -3.51 17.68
CA GLY A 616 50.62 -4.60 16.90
C GLY A 616 52.08 -4.90 17.23
N TYR A 617 52.44 -6.18 17.28
CA TYR A 617 53.79 -6.56 17.63
C TYR A 617 54.10 -7.92 17.02
N GLY A 618 55.40 -8.21 16.91
CA GLY A 618 55.83 -9.49 16.38
C GLY A 618 57.35 -9.55 16.34
N ASP A 619 57.85 -10.78 16.24
CA ASP A 619 59.28 -11.02 16.19
C ASP A 619 59.49 -12.51 15.95
N GLY A 620 60.73 -12.87 15.58
CA GLY A 620 61.08 -14.25 15.35
C GLY A 620 61.33 -15.01 16.64
N LEU A 621 61.46 -16.33 16.50
CA LEU A 621 61.66 -17.22 17.64
C LEU A 621 63.03 -17.89 17.62
N GLY A 622 63.38 -18.59 16.55
CA GLY A 622 64.61 -19.33 16.49
C GLY A 622 65.78 -18.52 15.96
N GLY A 623 66.05 -17.38 16.60
CA GLY A 623 67.12 -16.51 16.14
C GLY A 623 66.86 -15.94 14.77
N LYS A 624 65.61 -16.02 14.32
CA LYS A 624 65.19 -15.51 13.03
C LYS A 624 64.51 -14.15 13.21
N GLU A 625 63.96 -13.62 12.13
CA GLU A 625 63.29 -12.33 12.15
C GLU A 625 61.92 -12.47 11.49
N MET A 626 60.97 -11.69 11.99
CA MET A 626 59.63 -11.69 11.42
C MET A 626 59.71 -11.29 9.95
N PRO A 627 59.00 -11.98 9.04
CA PRO A 627 59.09 -11.61 7.63
C PRO A 627 58.69 -10.15 7.41
N PHE A 628 59.42 -9.48 6.53
CA PHE A 628 59.20 -8.05 6.31
C PHE A 628 57.82 -7.79 5.71
N TYR A 629 57.33 -8.70 4.87
CA TYR A 629 56.06 -8.48 4.20
C TYR A 629 54.86 -8.59 5.14
N GLU A 630 55.08 -8.87 6.43
CA GLU A 630 54.02 -8.89 7.42
C GLU A 630 54.08 -7.70 8.38
N ASN A 631 54.95 -6.73 8.10
CA ASN A 631 55.07 -5.57 8.98
C ASN A 631 53.79 -4.75 8.98
N PHE A 632 53.48 -4.19 10.15
CA PHE A 632 52.36 -3.27 10.26
C PHE A 632 52.69 -1.93 9.61
N TYR A 633 51.68 -1.32 9.00
CA TYR A 633 51.81 -0.02 8.37
C TYR A 633 50.88 0.97 9.07
N ALA A 634 51.33 2.22 9.19
CA ALA A 634 50.56 3.28 9.82
C ALA A 634 50.50 4.48 8.88
N GLY A 635 49.45 5.29 9.06
CA GLY A 635 49.24 6.44 8.21
C GLY A 635 48.17 6.19 7.18
N GLY A 636 47.26 7.15 7.02
CA GLY A 636 46.15 7.04 6.11
C GLY A 636 44.88 7.53 6.76
N SER A 637 43.75 7.23 6.13
CA SER A 637 42.45 7.63 6.63
C SER A 637 41.89 6.67 7.67
N SER A 638 42.60 5.57 7.97
CA SER A 638 42.13 4.59 8.92
C SER A 638 42.90 4.58 10.23
N THR A 639 44.16 4.99 10.22
CA THR A 639 45.00 4.95 11.42
C THR A 639 45.36 6.34 11.91
N VAL A 640 45.96 7.17 11.07
CA VAL A 640 46.37 8.52 11.43
C VAL A 640 46.10 9.42 10.24
N ARG A 641 45.10 10.28 10.34
CA ARG A 641 44.75 11.17 9.24
C ARG A 641 45.79 12.26 9.09
N GLY A 642 45.88 12.81 7.88
CA GLY A 642 46.83 13.84 7.57
C GLY A 642 48.18 13.34 7.09
N PHE A 643 48.42 12.03 7.13
CA PHE A 643 49.66 11.44 6.66
C PHE A 643 49.38 10.57 5.44
N GLN A 644 50.34 10.55 4.52
CA GLN A 644 50.21 9.69 3.34
C GLN A 644 50.09 8.23 3.78
N SER A 645 49.27 7.48 3.06
CA SER A 645 49.01 6.10 3.45
C SER A 645 50.30 5.31 3.55
N ASN A 646 50.47 4.58 4.66
CA ASN A 646 51.64 3.74 4.88
C ASN A 646 52.93 4.54 4.75
N THR A 647 52.95 5.74 5.32
CA THR A 647 54.13 6.59 5.31
C THR A 647 54.84 6.67 6.66
N ILE A 648 54.11 6.45 7.76
CA ILE A 648 54.73 6.47 9.08
C ILE A 648 55.60 5.23 9.25
N GLY A 649 56.69 5.38 10.00
CA GLY A 649 57.55 4.27 10.33
C GLY A 649 58.95 4.42 9.77
N PRO A 650 59.80 3.42 10.02
CA PRO A 650 61.17 3.48 9.52
C PRO A 650 61.22 3.60 8.00
N LYS A 651 62.22 4.35 7.53
CA LYS A 651 62.41 4.59 6.10
C LYS A 651 63.52 3.68 5.58
N ALA A 652 63.41 3.34 4.30
CA ALA A 652 64.34 2.41 3.68
C ALA A 652 65.75 3.01 3.62
N VAL A 653 66.74 2.12 3.59
CA VAL A 653 68.13 2.48 3.34
C VAL A 653 68.60 1.66 2.16
N TYR A 654 68.95 2.33 1.06
CA TYR A 654 69.24 1.67 -0.20
C TYR A 654 70.75 1.51 -0.38
N PHE A 655 71.15 0.33 -0.86
CA PHE A 655 72.53 0.05 -1.21
C PHE A 655 72.83 0.58 -2.60
N PRO A 656 74.11 0.83 -2.92
CA PRO A 656 74.46 1.20 -4.29
C PRO A 656 74.22 0.04 -5.24
N HIS A 657 73.43 0.28 -6.28
CA HIS A 657 73.10 -0.78 -7.24
C HIS A 657 72.81 -0.15 -8.59
N GLN A 658 72.90 -0.98 -9.63
CA GLN A 658 72.62 -0.54 -10.99
C GLN A 658 71.14 -0.70 -11.31
N ALA A 659 70.55 0.32 -11.93
CA ALA A 659 69.14 0.27 -12.28
C ALA A 659 68.89 -0.82 -13.32
N SER A 660 67.70 -1.39 -13.29
CA SER A 660 67.35 -2.44 -14.25
C SER A 660 67.41 -1.92 -15.67
N ASN A 661 66.82 -0.75 -15.91
CA ASN A 661 66.86 -0.09 -17.23
C ASN A 661 66.98 1.41 -16.98
N TYR A 662 68.21 1.90 -16.97
CA TYR A 662 68.44 3.32 -16.75
C TYR A 662 67.83 4.15 -17.86
N ASP A 663 67.16 5.25 -17.48
CA ASP A 663 66.54 6.14 -18.42
C ASP A 663 66.96 7.58 -18.14
N PRO A 664 67.28 8.37 -19.16
CA PRO A 664 67.66 9.75 -18.91
C PRO A 664 66.51 10.56 -18.36
N ASP A 665 66.83 11.54 -17.51
CA ASP A 665 65.84 12.40 -16.88
C ASP A 665 64.78 11.57 -16.17
N TYR A 666 65.22 10.49 -15.52
CA TYR A 666 64.33 9.59 -14.79
C TYR A 666 64.80 9.51 -13.35
N ASP A 667 63.86 9.63 -12.42
CA ASP A 667 64.18 9.57 -11.00
C ASP A 667 64.54 8.15 -10.59
N TYR A 668 65.65 8.01 -9.88
CA TYR A 668 66.11 6.72 -9.38
C TYR A 668 66.58 6.88 -7.93
N GLU A 669 66.52 5.79 -7.18
CA GLU A 669 66.96 5.79 -5.79
C GLU A 669 68.48 5.58 -5.74
N CYS A 670 69.19 6.63 -6.16
CA CYS A 670 70.65 6.70 -6.09
C CYS A 670 71.30 5.39 -6.55
N ALA A 671 71.07 5.08 -7.82
CA ALA A 671 71.68 3.92 -8.44
C ALA A 671 73.16 4.18 -8.71
N THR A 672 73.88 3.09 -9.02
CA THR A 672 75.31 3.22 -9.31
C THR A 672 75.57 4.12 -10.51
N GLN A 673 74.61 4.27 -11.40
CA GLN A 673 74.74 5.17 -12.54
C GLN A 673 74.47 6.63 -12.16
N ASP A 674 74.41 6.94 -10.87
CA ASP A 674 74.19 8.30 -10.39
C ASP A 674 75.23 8.68 -9.34
N GLY A 675 76.42 8.12 -9.44
CA GLY A 675 77.48 8.44 -8.49
C GLY A 675 77.22 7.96 -7.09
N ALA A 676 76.72 6.74 -6.93
CA ALA A 676 76.45 6.16 -5.62
C ALA A 676 77.63 5.29 -5.22
N LYS A 677 78.22 5.60 -4.06
CA LYS A 677 79.41 4.90 -3.58
C LYS A 677 79.32 4.55 -2.10
N ASP A 678 78.13 4.60 -1.50
CA ASP A 678 77.98 4.33 -0.08
C ASP A 678 76.50 4.11 0.21
N LEU A 679 76.19 3.84 1.47
CA LEU A 679 74.81 3.69 1.88
C LEU A 679 74.01 4.93 1.49
N CYS A 680 72.70 4.77 1.43
CA CYS A 680 71.82 5.80 0.86
C CYS A 680 70.60 5.97 1.75
N LYS A 681 70.34 7.21 2.17
CA LYS A 681 69.10 7.53 2.86
C LYS A 681 67.97 7.68 1.84
N SER A 682 66.74 7.60 2.34
CA SER A 682 65.56 7.70 1.50
C SER A 682 64.41 8.26 2.31
N ASP A 683 63.24 8.37 1.68
CA ASP A 683 62.02 8.84 2.31
C ASP A 683 60.87 7.89 2.04
N ASP A 684 61.17 6.62 1.80
CA ASP A 684 60.17 5.61 1.48
C ASP A 684 59.94 4.70 2.69
N ALA A 685 58.67 4.55 3.06
CA ALA A 685 58.32 3.73 4.21
C ALA A 685 58.52 2.26 3.91
N VAL A 686 58.86 1.50 4.96
CA VAL A 686 59.05 0.06 4.85
C VAL A 686 58.25 -0.71 5.90
N GLY A 687 57.48 -0.04 6.75
CA GLY A 687 56.75 -0.71 7.79
C GLY A 687 57.65 -1.09 8.95
N GLY A 688 57.04 -1.69 9.96
CA GLY A 688 57.76 -2.12 11.14
C GLY A 688 57.08 -3.30 11.79
N ASN A 689 57.78 -3.88 12.76
CA ASN A 689 57.28 -5.02 13.52
C ASN A 689 56.55 -4.61 14.79
N ALA A 690 56.45 -3.30 15.07
CA ALA A 690 55.74 -2.81 16.24
C ALA A 690 54.99 -1.54 15.85
N MET A 691 53.72 -1.48 16.23
CA MET A 691 52.86 -0.35 15.87
C MET A 691 51.95 -0.02 17.04
N ALA A 692 51.68 1.28 17.22
CA ALA A 692 50.80 1.74 18.29
C ALA A 692 50.11 3.01 17.79
N VAL A 693 48.81 2.92 17.53
CA VAL A 693 48.02 4.02 17.00
C VAL A 693 46.85 4.26 17.94
N ALA A 694 46.70 5.50 18.40
CA ALA A 694 45.59 5.90 19.25
C ALA A 694 44.90 7.11 18.65
N SER A 695 43.58 7.08 18.60
CA SER A 695 42.79 8.13 17.98
C SER A 695 41.65 8.51 18.91
N LEU A 696 41.65 9.76 19.38
CA LEU A 696 40.57 10.31 20.18
C LEU A 696 39.71 11.20 19.28
N GLU A 697 38.43 10.86 19.18
CA GLU A 697 37.51 11.54 18.27
C GLU A 697 36.32 12.09 19.05
N PHE A 698 35.93 13.31 18.72
CA PHE A 698 34.80 13.98 19.35
C PHE A 698 33.72 14.21 18.31
N ILE A 699 32.49 13.77 18.60
CA ILE A 699 31.38 13.81 17.66
C ILE A 699 30.40 14.87 18.14
N THR A 700 29.96 15.72 17.22
CA THR A 700 28.96 16.74 17.48
C THR A 700 28.01 16.80 16.30
N PRO A 701 26.79 17.30 16.52
CA PRO A 701 25.83 17.40 15.41
C PRO A 701 26.28 18.40 14.37
N THR A 702 25.89 18.13 13.12
CA THR A 702 26.22 19.06 12.04
C THR A 702 25.50 20.39 12.28
N PRO A 703 26.22 21.52 12.27
CA PRO A 703 25.59 22.78 12.68
C PRO A 703 24.73 23.42 11.62
N PHE A 704 25.15 23.34 10.36
CA PHE A 704 24.51 24.10 9.29
C PHE A 704 23.44 23.32 8.54
N ILE A 705 23.59 22.00 8.41
CA ILE A 705 22.60 21.22 7.68
C ILE A 705 21.25 21.32 8.40
N SER A 706 20.18 21.26 7.62
CA SER A 706 18.83 21.37 8.17
C SER A 706 18.61 20.31 9.23
N ASP A 707 18.06 20.72 10.37
CA ASP A 707 17.79 19.77 11.46
C ASP A 707 16.84 18.66 11.03
N LYS A 708 16.07 18.89 9.97
CA LYS A 708 15.09 17.88 9.53
C LYS A 708 15.79 16.58 9.17
N TYR A 709 16.92 16.66 8.46
CA TYR A 709 17.68 15.49 8.05
C TYR A 709 19.14 15.55 8.49
N ALA A 710 19.49 16.43 9.43
CA ALA A 710 20.87 16.54 9.86
C ALA A 710 21.38 15.28 10.53
N ASN A 711 20.48 14.42 11.03
CA ASN A 711 20.91 13.20 11.71
C ASN A 711 21.59 12.21 10.79
N SER A 712 21.50 12.40 9.48
CA SER A 712 22.11 11.48 8.52
C SER A 712 23.56 11.83 8.21
N VAL A 713 24.08 12.91 8.77
CA VAL A 713 25.46 13.33 8.54
C VAL A 713 26.17 13.38 9.89
N ARG A 714 27.33 12.73 9.96
CA ARG A 714 28.14 12.68 11.18
C ARG A 714 29.33 13.61 11.03
N THR A 715 29.48 14.54 11.98
CA THR A 715 30.61 15.46 12.01
C THR A 715 31.42 15.17 13.25
N SER A 716 32.74 15.08 13.09
CA SER A 716 33.61 14.70 14.20
C SER A 716 34.91 15.48 14.14
N PHE A 717 35.37 15.90 15.32
CA PHE A 717 36.70 16.49 15.49
C PHE A 717 37.61 15.46 16.12
N PHE A 718 38.76 15.22 15.49
CA PHE A 718 39.64 14.12 15.88
C PHE A 718 41.03 14.63 16.18
N TRP A 719 41.72 13.93 17.08
CA TRP A 719 43.13 14.15 17.39
C TRP A 719 43.80 12.78 17.39
N ASP A 720 44.52 12.46 16.31
CA ASP A 720 45.07 11.13 16.11
C ASP A 720 46.58 11.14 16.33
N MET A 721 47.07 10.11 17.03
CA MET A 721 48.49 9.92 17.26
C MET A 721 48.85 8.49 16.94
N GLY A 722 50.03 8.29 16.34
CA GLY A 722 50.48 6.98 15.98
C GLY A 722 52.00 6.92 15.93
N THR A 723 52.52 5.71 15.76
CA THR A 723 53.96 5.50 15.70
C THR A 723 54.24 4.06 15.28
N VAL A 724 55.33 3.88 14.56
CA VAL A 724 55.80 2.57 14.12
C VAL A 724 57.31 2.56 14.15
N TRP A 725 57.89 1.43 14.56
CA TRP A 725 59.34 1.33 14.67
C TRP A 725 59.74 -0.13 14.53
N ASP A 726 61.03 -0.34 14.30
CA ASP A 726 61.61 -1.67 14.14
C ASP A 726 62.43 -2.02 15.38
N THR A 727 62.21 -3.22 15.91
CA THR A 727 62.88 -3.66 17.13
C THR A 727 64.18 -4.41 16.85
N ASN A 728 64.58 -4.56 15.59
CA ASN A 728 65.81 -5.25 15.23
C ASN A 728 66.70 -4.37 14.37
N TRP A 729 66.66 -3.06 14.59
CA TRP A 729 67.51 -2.12 13.87
C TRP A 729 68.80 -1.89 14.67
N ASP A 730 69.93 -2.26 14.10
CA ASP A 730 71.22 -2.11 14.75
C ASP A 730 71.66 -0.65 14.63
N SER A 731 71.27 0.16 15.60
CA SER A 731 71.60 1.58 15.56
C SER A 731 73.10 1.79 15.63
N SER A 732 73.80 1.02 16.47
CA SER A 732 75.24 1.19 16.62
C SER A 732 75.96 0.95 15.29
N GLN A 733 75.57 -0.09 14.57
CA GLN A 733 76.25 -0.40 13.30
C GLN A 733 76.10 0.74 12.30
N TYR A 734 74.90 1.31 12.20
CA TYR A 734 74.62 2.42 11.30
C TYR A 734 74.35 3.65 12.17
N SER A 735 75.42 4.34 12.56
CA SER A 735 75.28 5.51 13.42
C SER A 735 74.80 6.74 12.65
N GLY A 736 75.25 6.88 11.40
CA GLY A 736 74.93 8.09 10.66
C GLY A 736 73.44 8.30 10.46
N TYR A 737 72.72 7.24 10.13
CA TYR A 737 71.31 7.36 9.80
C TYR A 737 70.47 7.38 11.08
N PRO A 738 69.26 7.94 11.01
CA PRO A 738 68.44 8.09 12.22
C PRO A 738 68.13 6.76 12.86
N ASP A 739 68.08 6.76 14.19
CA ASP A 739 67.73 5.56 14.95
C ASP A 739 66.25 5.28 14.78
N TYR A 740 65.91 4.22 14.05
CA TYR A 740 64.53 3.84 13.82
C TYR A 740 64.01 2.86 14.86
N SER A 741 64.81 2.52 15.86
CA SER A 741 64.39 1.61 16.92
C SER A 741 63.82 2.34 18.13
N ASP A 742 63.80 3.66 18.12
CA ASP A 742 63.30 4.43 19.25
C ASP A 742 61.84 4.78 19.01
N PRO A 743 60.90 4.28 19.82
CA PRO A 743 59.48 4.62 19.63
C PRO A 743 59.12 6.02 20.10
N SER A 744 60.06 6.77 20.68
CA SER A 744 59.75 8.10 21.18
C SER A 744 59.30 9.04 20.08
N ASN A 745 59.59 8.73 18.82
CA ASN A 745 59.22 9.61 17.72
C ASN A 745 57.73 9.52 17.43
N ILE A 746 56.91 10.00 18.38
CA ILE A 746 55.47 9.94 18.22
C ILE A 746 55.01 10.96 17.19
N ARG A 747 54.08 10.55 16.34
CA ARG A 747 53.48 11.41 15.32
C ARG A 747 52.06 11.77 15.74
N MET A 748 51.71 13.04 15.61
CA MET A 748 50.40 13.55 16.02
C MET A 748 49.79 14.35 14.90
N SER A 749 48.46 14.38 14.87
CA SER A 749 47.73 15.14 13.86
C SER A 749 46.31 15.41 14.38
N ALA A 750 45.66 16.38 13.73
CA ALA A 750 44.30 16.75 14.10
C ALA A 750 43.60 17.29 12.86
N GLY A 751 42.27 17.27 12.91
CA GLY A 751 41.49 17.76 11.79
C GLY A 751 40.01 17.46 11.98
N ILE A 752 39.25 17.85 10.97
CA ILE A 752 37.80 17.65 10.94
C ILE A 752 37.48 16.47 10.06
N ALA A 753 36.36 15.81 10.34
CA ALA A 753 35.93 14.65 9.58
C ALA A 753 34.42 14.70 9.36
N LEU A 754 34.00 14.30 8.17
CA LEU A 754 32.59 14.22 7.81
C LEU A 754 32.29 12.82 7.30
N GLN A 755 31.01 12.43 7.39
CA GLN A 755 30.60 11.09 6.99
C GLN A 755 29.08 11.03 6.84
N TRP A 756 28.60 10.50 5.73
CA TRP A 756 27.16 10.38 5.51
C TRP A 756 26.90 9.33 4.43
N MET A 757 25.67 8.84 4.42
CA MET A 757 25.24 7.88 3.40
C MET A 757 24.84 8.63 2.13
N SER A 758 25.39 8.21 1.00
CA SER A 758 25.21 8.88 -0.27
C SER A 758 24.70 7.87 -1.30
N PRO A 759 24.01 8.35 -2.34
CA PRO A 759 23.52 7.41 -3.37
C PRO A 759 24.64 6.65 -4.06
N LEU A 760 25.86 7.17 -4.05
CA LEU A 760 27.01 6.49 -4.64
C LEU A 760 27.84 5.75 -3.60
N GLY A 761 27.19 5.21 -2.58
CA GLY A 761 27.88 4.48 -1.53
C GLY A 761 28.32 5.37 -0.39
N PRO A 762 28.94 4.78 0.62
CA PRO A 762 29.41 5.59 1.76
C PRO A 762 30.44 6.63 1.32
N LEU A 763 30.39 7.78 1.98
CA LEU A 763 31.34 8.87 1.74
C LEU A 763 31.94 9.30 3.07
N VAL A 764 33.26 9.53 3.05
CA VAL A 764 33.98 10.03 4.21
C VAL A 764 34.97 11.07 3.73
N PHE A 765 35.01 12.22 4.41
CA PHE A 765 35.94 13.29 4.12
C PHE A 765 36.67 13.70 5.39
N SER A 766 37.91 14.12 5.23
CA SER A 766 38.73 14.48 6.40
C SER A 766 39.82 15.44 5.95
N TYR A 767 39.88 16.61 6.58
CA TYR A 767 40.95 17.58 6.37
C TYR A 767 41.77 17.64 7.65
N ALA A 768 43.06 17.34 7.53
CA ALA A 768 43.94 17.26 8.68
C ALA A 768 45.19 18.10 8.44
N GLN A 769 45.76 18.60 9.53
CA GLN A 769 46.95 19.45 9.51
C GLN A 769 47.97 18.88 10.48
N PRO A 770 48.76 17.88 10.06
CA PRO A 770 49.75 17.29 10.98
C PRO A 770 50.73 18.34 11.46
N PHE A 771 50.77 18.51 12.78
CA PHE A 771 51.61 19.55 13.39
C PHE A 771 52.91 19.02 13.95
N LYS A 772 53.03 17.72 14.18
CA LYS A 772 54.27 17.11 14.66
C LYS A 772 54.61 15.93 13.77
N LYS A 773 55.60 16.11 12.89
CA LYS A 773 56.06 15.06 12.00
C LYS A 773 57.59 15.10 11.95
N TYR A 774 58.19 13.98 11.58
CA TYR A 774 59.63 13.83 11.53
C TYR A 774 60.11 13.78 10.08
N ASP A 775 61.43 13.77 9.93
CA ASP A 775 62.03 13.85 8.61
C ASP A 775 61.54 12.70 7.73
N GLY A 776 61.16 13.04 6.50
CA GLY A 776 60.75 12.07 5.51
C GLY A 776 59.26 11.80 5.45
N ASP A 777 58.51 12.17 6.50
CA ASP A 777 57.08 11.93 6.49
C ASP A 777 56.41 12.77 5.41
N LYS A 778 55.53 12.16 4.64
CA LYS A 778 54.81 12.82 3.56
C LYS A 778 53.40 13.15 4.03
N ALA A 779 53.05 14.43 4.00
CA ALA A 779 51.76 14.89 4.49
C ALA A 779 50.72 14.87 3.37
N GLU A 780 49.47 14.67 3.76
CA GLU A 780 48.35 14.70 2.81
C GLU A 780 47.14 15.23 3.58
N GLN A 781 46.90 16.54 3.48
CA GLN A 781 45.87 17.17 4.28
C GLN A 781 44.48 16.66 3.89
N PHE A 782 44.20 16.55 2.60
CA PHE A 782 42.89 16.18 2.12
C PHE A 782 42.83 14.67 1.88
N GLN A 783 41.86 14.01 2.50
CA GLN A 783 41.67 12.58 2.34
C GLN A 783 40.18 12.26 2.29
N PHE A 784 39.81 11.38 1.38
CA PHE A 784 38.41 10.96 1.25
C PHE A 784 38.39 9.54 0.68
N ASN A 785 37.25 8.88 0.85
CA ASN A 785 37.12 7.49 0.41
C ASN A 785 35.65 7.21 0.14
N ILE A 786 35.31 7.01 -1.13
CA ILE A 786 33.96 6.55 -1.52
C ILE A 786 34.01 5.04 -1.50
N GLY A 787 33.81 4.47 -0.31
CA GLY A 787 33.95 3.04 -0.12
C GLY A 787 32.80 2.26 -0.71
N LYS A 788 32.89 0.94 -0.55
CA LYS A 788 31.86 0.04 -1.05
C LYS A 788 30.85 -0.30 0.04
N ASN B 5 13.07 5.09 -17.44
CA ASN B 5 12.24 5.94 -16.54
C ASN B 5 11.65 7.12 -17.31
N SER B 6 10.32 7.15 -17.40
CA SER B 6 9.61 8.20 -18.11
C SER B 6 8.42 8.65 -17.28
N GLU B 7 8.00 9.89 -17.52
CA GLU B 7 6.87 10.50 -16.83
C GLU B 7 5.86 10.98 -17.85
N GLU B 8 4.59 10.67 -17.62
CA GLU B 8 3.51 11.02 -18.53
C GLU B 8 2.35 11.62 -17.74
N ASP B 9 1.54 12.42 -18.43
CA ASP B 9 0.39 13.08 -17.83
C ASP B 9 -0.87 12.66 -18.58
N VAL B 10 -1.94 12.38 -17.83
CA VAL B 10 -3.18 11.93 -18.44
C VAL B 10 -3.73 13.00 -19.37
N VAL B 11 -3.73 14.25 -18.91
CA VAL B 11 -4.26 15.38 -19.67
C VAL B 11 -3.08 16.19 -20.18
N LYS B 12 -3.03 16.41 -21.49
CA LYS B 12 -1.95 17.17 -22.10
C LYS B 12 -2.19 18.65 -21.88
N MET B 13 -1.17 19.34 -21.38
CA MET B 13 -1.28 20.77 -21.14
C MET B 13 -1.56 21.50 -22.45
N SER B 14 -2.56 22.37 -22.43
CA SER B 14 -2.96 23.05 -23.66
C SER B 14 -1.84 23.94 -24.16
N PRO B 15 -1.67 24.07 -25.47
CA PRO B 15 -0.63 24.94 -26.00
C PRO B 15 -0.98 26.41 -25.82
N LEU B 16 0.04 27.25 -25.88
CA LEU B 16 -0.16 28.69 -25.72
C LEU B 16 -0.89 29.23 -26.94
N PRO B 17 -2.09 29.81 -26.79
CA PRO B 17 -2.78 30.36 -27.96
C PRO B 17 -2.02 31.54 -28.54
N THR B 18 -2.15 31.71 -29.85
CA THR B 18 -1.59 32.85 -30.56
C THR B 18 -2.68 33.89 -30.74
N VAL B 19 -2.43 35.10 -30.24
CA VAL B 19 -3.43 36.16 -30.23
C VAL B 19 -2.75 37.47 -30.60
N GLU B 20 -3.44 38.27 -31.42
CA GLU B 20 -2.96 39.60 -31.78
C GLU B 20 -3.41 40.60 -30.72
N ASN B 21 -2.45 41.34 -30.16
CA ASN B 21 -2.75 42.27 -29.08
C ASN B 21 -3.49 43.47 -29.64
N GLN B 22 -4.78 43.57 -29.32
CA GLN B 22 -5.56 44.75 -29.73
C GLN B 22 -4.98 46.01 -29.09
N PHE B 23 -4.62 45.94 -27.81
CA PHE B 23 -3.93 47.01 -27.12
C PHE B 23 -2.70 46.44 -26.45
N THR B 24 -1.58 47.15 -26.55
CA THR B 24 -0.32 46.64 -26.01
C THR B 24 -0.30 46.79 -24.50
N PRO B 25 -0.14 45.71 -23.74
CA PRO B 25 0.02 45.85 -22.29
C PRO B 25 1.45 46.22 -21.92
N THR B 26 1.59 46.78 -20.72
CA THR B 26 2.88 47.23 -20.23
C THR B 26 3.02 46.82 -18.76
N THR B 27 4.13 47.20 -18.15
CA THR B 27 4.40 46.94 -16.74
C THR B 27 4.86 48.26 -16.11
N ALA B 28 4.00 48.84 -15.28
CA ALA B 28 4.33 50.13 -14.68
C ALA B 28 5.59 50.03 -13.82
N TRP B 29 5.70 48.95 -13.05
CA TRP B 29 6.87 48.74 -12.19
C TRP B 29 6.75 47.35 -11.59
N SER B 30 7.84 46.90 -10.97
CA SER B 30 7.88 45.61 -10.31
C SER B 30 8.92 45.64 -9.21
N THR B 31 8.61 45.02 -8.08
CA THR B 31 9.51 44.94 -6.94
C THR B 31 9.53 43.53 -6.40
N SER B 32 10.70 43.11 -5.92
CA SER B 32 10.88 41.77 -5.38
C SER B 32 10.64 41.80 -3.88
N VAL B 33 9.63 41.05 -3.42
CA VAL B 33 9.34 41.00 -1.99
C VAL B 33 10.35 40.13 -1.27
N GLY B 34 10.59 38.92 -1.80
CA GLY B 34 11.53 38.00 -1.19
C GLY B 34 11.57 36.67 -1.89
N SER B 35 11.68 35.58 -1.12
CA SER B 35 11.68 34.25 -1.71
C SER B 35 10.36 33.95 -2.40
N GLY B 36 9.25 34.35 -1.79
CA GLY B 36 7.94 34.12 -2.37
C GLY B 36 7.32 32.81 -1.91
N ILE B 37 6.08 32.59 -2.36
CA ILE B 37 5.34 31.40 -1.93
C ILE B 37 6.00 30.13 -2.44
N GLY B 38 6.88 30.23 -3.42
CA GLY B 38 7.57 29.04 -3.90
C GLY B 38 6.61 28.12 -4.63
N ASN B 39 6.78 26.83 -4.42
CA ASN B 39 5.88 25.83 -4.99
C ASN B 39 4.72 25.50 -4.06
N PHE B 40 4.69 26.08 -2.86
CA PHE B 40 3.61 25.79 -1.93
C PHE B 40 2.30 26.42 -2.39
N TYR B 41 1.20 25.74 -2.08
CA TYR B 41 -0.13 26.25 -2.39
C TYR B 41 -0.63 27.07 -1.22
N SER B 42 -0.92 28.35 -1.47
CA SER B 42 -1.41 29.24 -0.42
C SER B 42 -2.14 30.41 -1.06
N ASN B 43 -2.92 31.11 -0.25
CA ASN B 43 -3.68 32.26 -0.71
C ASN B 43 -2.94 33.58 -0.52
N LEU B 44 -1.70 33.55 -0.04
CA LEU B 44 -0.96 34.77 0.22
C LEU B 44 -0.88 35.63 -1.04
N HIS B 45 -1.52 36.80 -1.01
CA HIS B 45 -1.55 37.70 -2.14
C HIS B 45 -1.44 39.13 -1.64
N PRO B 46 -1.00 40.06 -2.48
CA PRO B 46 -0.89 41.46 -2.05
C PRO B 46 -2.26 42.10 -1.87
N ALA B 47 -2.26 43.25 -1.21
CA ALA B 47 -3.47 44.03 -0.98
C ALA B 47 -3.17 45.49 -1.25
N LEU B 48 -4.22 46.24 -1.58
CA LEU B 48 -4.11 47.65 -1.93
C LEU B 48 -5.05 48.47 -1.08
N ALA B 49 -4.55 49.61 -0.58
CA ALA B 49 -5.36 50.53 0.20
C ALA B 49 -4.66 51.86 0.38
N ASP B 50 -5.36 52.96 0.11
CA ASP B 50 -4.83 54.30 0.32
C ASP B 50 -3.53 54.51 -0.44
N ASN B 51 -3.47 53.98 -1.66
CA ASN B 51 -2.28 54.09 -2.51
C ASN B 51 -1.04 53.51 -1.83
N VAL B 52 -1.25 52.44 -1.07
CA VAL B 52 -0.17 51.69 -0.43
C VAL B 52 -0.34 50.22 -0.77
N VAL B 53 0.73 49.57 -1.21
CA VAL B 53 0.72 48.17 -1.59
C VAL B 53 1.43 47.39 -0.49
N TYR B 54 0.68 46.56 0.22
CA TYR B 54 1.23 45.69 1.25
C TYR B 54 1.35 44.27 0.71
N ALA B 55 2.50 43.65 0.92
CA ALA B 55 2.75 42.32 0.43
C ALA B 55 3.69 41.60 1.39
N ALA B 56 3.71 40.27 1.28
CA ALA B 56 4.54 39.44 2.14
C ALA B 56 4.98 38.22 1.35
N ASP B 57 5.65 37.30 2.04
CA ASP B 57 6.14 36.07 1.44
C ASP B 57 6.01 34.94 2.46
N ARG B 58 6.34 33.73 2.02
CA ARG B 58 6.20 32.57 2.90
C ARG B 58 7.21 32.60 4.04
N ALA B 59 8.37 33.21 3.83
CA ALA B 59 9.41 33.20 4.86
C ALA B 59 8.95 33.90 6.13
N GLY B 60 8.26 35.03 5.99
CA GLY B 60 7.83 35.80 7.13
C GLY B 60 8.12 37.29 6.99
N LEU B 61 8.52 37.71 5.79
CA LEU B 61 8.84 39.10 5.53
C LEU B 61 7.61 39.84 5.03
N VAL B 62 7.44 41.07 5.49
CA VAL B 62 6.33 41.93 5.08
C VAL B 62 6.90 43.28 4.68
N LYS B 63 6.39 43.83 3.58
CA LYS B 63 6.87 45.09 3.05
C LYS B 63 5.69 45.98 2.68
N ALA B 64 5.91 47.30 2.75
CA ALA B 64 4.95 48.29 2.31
C ALA B 64 5.52 49.04 1.12
N LEU B 65 4.78 49.08 0.02
CA LEU B 65 5.26 49.60 -1.24
C LEU B 65 4.36 50.73 -1.72
N ASN B 66 4.96 51.66 -2.45
CA ASN B 66 4.20 52.74 -3.08
C ASN B 66 3.37 52.17 -4.23
N ALA B 67 2.19 52.75 -4.43
CA ALA B 67 1.24 52.26 -5.42
C ALA B 67 1.40 52.91 -6.79
N ASP B 68 2.40 53.79 -6.97
CA ASP B 68 2.63 54.45 -8.24
C ASP B 68 3.97 54.13 -8.87
N ASP B 69 5.00 53.91 -8.08
CA ASP B 69 6.33 53.60 -8.60
C ASP B 69 6.92 52.33 -8.02
N GLY B 70 6.65 52.04 -6.75
CA GLY B 70 7.14 50.85 -6.11
C GLY B 70 8.26 51.04 -5.11
N LYS B 71 8.42 52.23 -4.54
CA LYS B 71 9.43 52.45 -3.53
C LYS B 71 9.00 51.81 -2.21
N GLU B 72 10.00 51.29 -1.49
CA GLU B 72 9.74 50.63 -0.21
C GLU B 72 9.63 51.69 0.89
N ILE B 73 8.50 51.71 1.59
CA ILE B 73 8.30 52.65 2.68
C ILE B 73 8.81 52.08 3.99
N TRP B 74 8.41 50.86 4.34
CA TRP B 74 8.89 50.19 5.54
C TRP B 74 8.85 48.69 5.31
N SER B 75 9.66 47.97 6.07
CA SER B 75 9.71 46.52 5.98
C SER B 75 10.05 45.95 7.36
N VAL B 76 9.62 44.72 7.59
CA VAL B 76 9.88 44.05 8.86
C VAL B 76 9.72 42.56 8.64
N SER B 77 10.42 41.77 9.44
CA SER B 77 10.35 40.31 9.38
C SER B 77 9.61 39.78 10.60
N LEU B 78 9.08 38.57 10.46
CA LEU B 78 8.36 37.90 11.53
C LEU B 78 8.96 36.53 11.87
N ALA B 79 10.14 36.23 11.36
CA ALA B 79 10.82 34.96 11.66
C ALA B 79 11.67 35.17 12.91
N GLU B 80 11.18 34.67 14.04
CA GLU B 80 11.91 34.83 15.30
C GLU B 80 13.28 34.18 15.20
N LYS B 81 14.29 34.90 15.70
CA LYS B 81 15.67 34.42 15.69
C LYS B 81 16.15 34.24 17.11
N ASP B 82 16.66 33.05 17.42
CA ASP B 82 17.19 32.74 18.75
C ASP B 82 18.71 33.02 18.78
N GLY B 83 19.05 34.27 18.53
CA GLY B 83 20.44 34.68 18.46
C GLY B 83 20.85 35.11 17.08
N TRP B 84 22.08 34.77 16.68
CA TRP B 84 22.60 35.10 15.36
C TRP B 84 22.56 33.94 14.38
N PHE B 85 22.39 32.71 14.86
CA PHE B 85 22.46 31.51 14.02
C PHE B 85 21.08 30.98 13.67
N SER B 86 20.27 30.66 14.67
CA SER B 86 18.99 30.00 14.44
C SER B 86 17.95 30.98 13.91
N LYS B 87 17.12 30.49 12.99
CA LYS B 87 16.01 31.27 12.46
C LYS B 87 14.95 30.31 11.95
N GLU B 88 13.69 30.57 12.31
CA GLU B 88 12.56 29.72 11.94
C GLU B 88 11.61 30.50 11.06
N PRO B 89 11.35 30.07 9.81
CA PRO B 89 10.41 30.80 8.97
C PRO B 89 9.04 30.90 9.61
N ALA B 90 8.40 32.06 9.44
CA ALA B 90 7.07 32.27 10.00
C ALA B 90 6.00 31.46 9.28
N LEU B 91 6.23 31.11 8.01
CA LEU B 91 5.28 30.33 7.23
C LEU B 91 3.93 31.04 7.13
N LEU B 92 3.97 32.22 6.51
CA LEU B 92 2.76 32.99 6.27
C LEU B 92 2.00 32.40 5.09
N SER B 93 0.70 32.16 5.27
CA SER B 93 -0.14 31.61 4.21
C SER B 93 -1.49 32.27 4.11
N GLY B 94 -1.78 33.29 4.91
CA GLY B 94 -3.05 34.01 4.84
C GLY B 94 -2.89 35.26 4.00
N GLY B 95 -3.83 35.46 3.09
CA GLY B 95 -3.80 36.62 2.21
C GLY B 95 -3.74 37.92 2.97
N VAL B 96 -2.95 38.87 2.49
CA VAL B 96 -2.83 40.15 3.17
C VAL B 96 -4.15 40.91 3.04
N THR B 97 -4.66 41.40 4.17
CA THR B 97 -5.86 42.21 4.20
C THR B 97 -5.62 43.43 5.07
N VAL B 98 -6.25 44.54 4.69
CA VAL B 98 -6.07 45.81 5.39
C VAL B 98 -7.44 46.46 5.60
N SER B 99 -7.66 46.98 6.80
CA SER B 99 -8.92 47.64 7.13
C SER B 99 -8.69 48.50 8.37
N GLY B 100 -8.89 49.81 8.23
CA GLY B 100 -8.78 50.72 9.35
C GLY B 100 -7.39 50.80 9.94
N GLY B 101 -6.37 50.91 9.08
CA GLY B 101 -5.01 51.07 9.57
C GLY B 101 -4.40 49.83 10.18
N HIS B 102 -4.91 48.64 9.82
CA HIS B 102 -4.38 47.39 10.32
C HIS B 102 -4.06 46.48 9.15
N VAL B 103 -3.10 45.58 9.36
CA VAL B 103 -2.72 44.58 8.37
C VAL B 103 -2.80 43.22 9.04
N TYR B 104 -3.69 42.37 8.55
CA TYR B 104 -3.90 41.03 9.11
C TYR B 104 -3.32 39.99 8.16
N ILE B 105 -2.48 39.11 8.70
CA ILE B 105 -1.82 38.07 7.92
C ILE B 105 -1.97 36.75 8.65
N GLY B 106 -2.36 35.71 7.92
CA GLY B 106 -2.43 34.39 8.49
C GLY B 106 -1.06 33.72 8.53
N SER B 107 -1.02 32.57 9.22
CA SER B 107 0.22 31.83 9.36
C SER B 107 -0.10 30.34 9.45
N GLU B 108 0.90 29.52 9.13
CA GLU B 108 0.76 28.08 9.19
C GLU B 108 0.98 27.52 10.58
N LYS B 109 1.33 28.34 11.55
CA LYS B 109 1.56 27.92 12.92
C LYS B 109 0.46 28.41 13.86
N ALA B 110 -0.77 28.53 13.36
CA ALA B 110 -1.90 28.96 14.16
C ALA B 110 -1.64 30.29 14.85
N GLN B 111 -1.04 31.22 14.12
CA GLN B 111 -0.79 32.57 14.61
C GLN B 111 -1.25 33.58 13.59
N VAL B 112 -1.89 34.64 14.07
CA VAL B 112 -2.38 35.73 13.23
C VAL B 112 -1.71 37.01 13.69
N TYR B 113 -1.03 37.70 12.77
CA TYR B 113 -0.30 38.91 13.08
C TYR B 113 -1.09 40.12 12.62
N ALA B 114 -1.21 41.11 13.49
CA ALA B 114 -1.89 42.38 13.19
C ALA B 114 -0.85 43.49 13.27
N LEU B 115 -0.42 43.99 12.11
CA LEU B 115 0.64 44.98 12.03
C LEU B 115 0.06 46.36 11.77
N ASN B 116 0.78 47.38 12.23
CA ASN B 116 0.39 48.77 12.03
C ASN B 116 0.94 49.29 10.72
N THR B 117 0.09 49.99 9.96
CA THR B 117 0.51 50.48 8.65
C THR B 117 1.64 51.49 8.76
N SER B 118 1.58 52.37 9.78
CA SER B 118 2.53 53.47 9.86
C SER B 118 3.97 52.97 9.90
N ASP B 119 4.25 52.02 10.80
CA ASP B 119 5.62 51.55 11.00
C ASP B 119 5.78 50.05 10.92
N GLY B 120 4.70 49.30 10.70
CA GLY B 120 4.81 47.86 10.60
C GLY B 120 5.06 47.16 11.91
N THR B 121 4.74 47.78 13.03
CA THR B 121 4.91 47.14 14.33
C THR B 121 3.73 46.23 14.62
N VAL B 122 4.00 45.18 15.39
CA VAL B 122 2.99 44.17 15.72
C VAL B 122 2.04 44.78 16.75
N ALA B 123 0.82 45.09 16.33
CA ALA B 123 -0.19 45.59 17.27
C ALA B 123 -0.53 44.54 18.30
N TRP B 124 -0.84 43.32 17.86
CA TRP B 124 -1.10 42.22 18.76
C TRP B 124 -0.96 40.91 18.00
N GLN B 125 -0.73 39.84 18.75
CA GLN B 125 -0.56 38.50 18.17
C GLN B 125 -1.38 37.52 18.99
N THR B 126 -2.15 36.69 18.30
CA THR B 126 -3.06 35.75 18.96
C THR B 126 -2.94 34.38 18.32
N LYS B 127 -3.19 33.35 19.12
CA LYS B 127 -3.18 31.96 18.66
C LYS B 127 -4.59 31.50 18.34
N VAL B 128 -4.70 30.64 17.34
CA VAL B 128 -5.99 30.13 16.89
C VAL B 128 -6.00 28.61 16.98
N ALA B 129 -7.12 28.00 16.60
CA ALA B 129 -7.26 26.55 16.73
C ALA B 129 -6.21 25.82 15.91
N GLY B 130 -6.00 26.24 14.67
CA GLY B 130 -5.06 25.56 13.79
C GLY B 130 -4.50 26.46 12.70
N GLU B 131 -4.04 25.84 11.62
CA GLU B 131 -3.46 26.62 10.52
C GLU B 131 -4.49 27.59 9.95
N ALA B 132 -4.09 28.84 9.78
CA ALA B 132 -4.96 29.91 9.29
C ALA B 132 -4.58 30.20 7.85
N LEU B 133 -5.23 29.49 6.92
CA LEU B 133 -4.97 29.68 5.51
C LEU B 133 -5.95 30.62 4.83
N SER B 134 -7.14 30.83 5.42
CA SER B 134 -8.15 31.66 4.79
C SER B 134 -7.76 33.13 4.85
N ARG B 135 -8.36 33.91 3.96
CA ARG B 135 -8.11 35.34 3.94
C ARG B 135 -8.71 35.99 5.19
N PRO B 136 -7.98 36.87 5.89
CA PRO B 136 -8.55 37.49 7.09
C PRO B 136 -9.62 38.54 6.77
N VAL B 137 -10.86 38.09 6.57
CA VAL B 137 -11.94 39.02 6.30
C VAL B 137 -12.24 39.85 7.54
N VAL B 138 -12.66 41.09 7.33
CA VAL B 138 -12.93 42.03 8.40
C VAL B 138 -14.35 42.57 8.24
N SER B 139 -15.07 42.64 9.35
CA SER B 139 -16.44 43.16 9.33
C SER B 139 -16.92 43.37 10.75
N ASP B 140 -17.66 44.46 10.97
CA ASP B 140 -18.30 44.74 12.25
C ASP B 140 -17.31 44.64 13.40
N GLY B 141 -16.12 45.20 13.20
CA GLY B 141 -15.10 45.18 14.23
C GLY B 141 -14.65 43.79 14.62
N LEU B 142 -14.59 42.87 13.66
CA LEU B 142 -14.17 41.51 13.92
C LEU B 142 -13.32 41.01 12.76
N VAL B 143 -12.48 40.02 13.06
CA VAL B 143 -11.64 39.37 12.06
C VAL B 143 -12.01 37.89 12.04
N LEU B 144 -12.48 37.41 10.90
CA LEU B 144 -12.91 36.03 10.75
C LEU B 144 -11.80 35.23 10.07
N ILE B 145 -11.46 34.08 10.65
CA ILE B 145 -10.41 33.22 10.13
C ILE B 145 -10.96 31.81 10.02
N HIS B 146 -10.84 31.22 8.83
CA HIS B 146 -11.26 29.85 8.59
C HIS B 146 -10.02 28.95 8.59
N THR B 147 -9.85 28.19 9.65
CA THR B 147 -8.70 27.30 9.78
C THR B 147 -8.96 25.97 9.11
N SER B 148 -7.87 25.27 8.77
CA SER B 148 -7.99 23.98 8.11
C SER B 148 -8.72 22.96 8.98
N ASN B 149 -8.64 23.12 10.31
CA ASN B 149 -9.33 22.20 11.21
C ASN B 149 -10.84 22.35 11.14
N GLY B 150 -11.35 23.39 10.49
CA GLY B 150 -12.77 23.64 10.42
C GLY B 150 -13.32 24.51 11.52
N GLN B 151 -12.46 25.12 12.33
CA GLN B 151 -12.88 25.98 13.42
C GLN B 151 -12.93 27.42 12.91
N LEU B 152 -14.13 27.98 12.77
CA LEU B 152 -14.31 29.36 12.35
C LEU B 152 -14.27 30.26 13.58
N GLN B 153 -13.27 31.12 13.66
CA GLN B 153 -13.05 31.96 14.84
C GLN B 153 -13.13 33.43 14.46
N ALA B 154 -13.58 34.23 15.43
CA ALA B 154 -13.68 35.68 15.28
C ALA B 154 -12.77 36.33 16.32
N LEU B 155 -12.01 37.33 15.90
CA LEU B 155 -11.03 37.98 16.74
C LEU B 155 -11.33 39.47 16.85
N ASN B 156 -11.15 40.02 18.05
CA ASN B 156 -11.35 41.45 18.24
C ASN B 156 -10.27 42.24 17.52
N GLU B 157 -10.68 43.33 16.86
CA GLU B 157 -9.73 44.13 16.10
C GLU B 157 -8.73 44.80 17.02
N ALA B 158 -9.20 45.48 18.06
CA ALA B 158 -8.31 46.25 18.92
C ALA B 158 -7.36 45.36 19.70
N ASP B 159 -7.86 44.25 20.24
CA ASP B 159 -7.10 43.38 21.12
C ASP B 159 -6.66 42.08 20.46
N GLY B 160 -7.56 41.40 19.75
CA GLY B 160 -7.25 40.14 19.13
C GLY B 160 -7.70 38.92 19.89
N ALA B 161 -8.44 39.09 20.98
CA ALA B 161 -8.93 37.95 21.74
C ALA B 161 -10.02 37.21 20.96
N VAL B 162 -10.19 35.94 21.29
CA VAL B 162 -11.20 35.11 20.64
C VAL B 162 -12.56 35.44 21.25
N LYS B 163 -13.52 35.79 20.40
CA LYS B 163 -14.86 36.11 20.86
C LYS B 163 -15.77 34.87 20.85
N TRP B 164 -15.75 34.12 19.76
CA TRP B 164 -16.55 32.90 19.67
C TRP B 164 -15.92 31.99 18.61
N THR B 165 -16.30 30.71 18.67
CA THR B 165 -15.79 29.71 17.75
C THR B 165 -16.92 28.80 17.32
N VAL B 166 -16.85 28.35 16.06
CA VAL B 166 -17.82 27.43 15.49
C VAL B 166 -17.07 26.25 14.87
N ASN B 167 -17.56 25.04 15.12
CA ASN B 167 -16.92 23.83 14.63
C ASN B 167 -17.68 23.29 13.42
N LEU B 168 -16.95 23.06 12.34
CA LEU B 168 -17.49 22.49 11.12
C LEU B 168 -16.87 21.13 10.86
N ASP B 169 -17.70 20.16 10.50
CA ASP B 169 -17.20 18.82 10.22
C ASP B 169 -16.21 18.86 9.07
N MET B 170 -15.12 18.09 9.21
CA MET B 170 -14.07 18.03 8.21
C MET B 170 -13.95 16.61 7.68
N PRO B 171 -13.92 16.41 6.36
CA PRO B 171 -13.74 15.06 5.83
C PRO B 171 -12.29 14.58 6.00
N SER B 172 -12.11 13.27 5.83
CA SER B 172 -10.77 12.70 5.95
C SER B 172 -9.83 13.29 4.90
N LEU B 173 -10.31 13.46 3.68
CA LEU B 173 -9.54 14.05 2.59
C LEU B 173 -10.24 15.29 2.08
N SER B 174 -9.46 16.32 1.79
CA SER B 174 -10.00 17.60 1.31
C SER B 174 -8.98 18.23 0.39
N LEU B 175 -9.23 19.48 0.00
CA LEU B 175 -8.32 20.26 -0.82
C LEU B 175 -7.61 21.30 0.03
N ARG B 176 -6.38 21.61 -0.35
CA ARG B 176 -5.56 22.54 0.42
C ARG B 176 -6.07 23.96 0.23
N GLY B 177 -6.91 24.41 1.14
CA GLY B 177 -7.47 25.75 1.08
C GLY B 177 -8.85 25.77 1.72
N GLU B 178 -9.18 26.91 2.33
CA GLU B 178 -10.46 27.08 3.00
C GLU B 178 -11.13 28.35 2.49
N SER B 179 -12.41 28.49 2.83
CA SER B 179 -13.23 29.58 2.32
C SER B 179 -13.13 30.80 3.21
N ALA B 180 -13.10 31.98 2.59
CA ALA B 180 -13.10 33.23 3.33
C ALA B 180 -14.53 33.69 3.52
N PRO B 181 -15.05 33.74 4.75
CA PRO B 181 -16.47 34.10 4.94
C PRO B 181 -16.75 35.51 4.44
N THR B 182 -17.95 35.69 3.90
CA THR B 182 -18.43 36.99 3.45
C THR B 182 -19.61 37.41 4.30
N THR B 183 -19.63 38.68 4.69
CA THR B 183 -20.62 39.20 5.63
C THR B 183 -21.70 39.99 4.89
N ALA B 184 -22.94 39.84 5.33
CA ALA B 184 -24.06 40.56 4.75
C ALA B 184 -25.16 40.67 5.79
N PHE B 185 -25.59 41.91 6.06
CA PHE B 185 -26.66 42.17 7.02
C PHE B 185 -26.36 41.53 8.37
N GLY B 186 -25.14 41.77 8.85
CA GLY B 186 -24.74 41.22 10.14
C GLY B 186 -24.76 39.72 10.21
N ALA B 187 -24.42 39.05 9.11
CA ALA B 187 -24.38 37.61 9.07
C ALA B 187 -23.28 37.18 8.10
N ALA B 188 -22.51 36.18 8.50
CA ALA B 188 -21.39 35.70 7.70
C ALA B 188 -21.76 34.39 7.01
N VAL B 189 -21.56 34.33 5.70
CA VAL B 189 -21.77 33.13 4.91
C VAL B 189 -20.41 32.53 4.61
N VAL B 190 -20.21 31.28 5.03
CA VAL B 190 -18.93 30.60 4.88
C VAL B 190 -19.17 29.20 4.33
N GLY B 191 -18.11 28.60 3.81
CA GLY B 191 -18.16 27.25 3.32
C GLY B 191 -17.05 26.42 3.92
N GLY B 192 -17.22 25.10 3.84
CA GLY B 192 -16.25 24.16 4.38
C GLY B 192 -15.95 23.05 3.39
N ASP B 193 -14.84 22.36 3.65
CA ASP B 193 -14.44 21.26 2.78
C ASP B 193 -15.44 20.11 2.82
N ASN B 194 -16.32 20.08 3.83
CA ASN B 194 -17.33 19.03 3.90
C ASN B 194 -18.28 19.09 2.71
N GLY B 195 -18.51 20.28 2.17
CA GLY B 195 -19.42 20.44 1.06
C GLY B 195 -20.74 21.04 1.47
N ARG B 196 -20.72 21.94 2.44
CA ARG B 196 -21.92 22.58 2.95
C ARG B 196 -21.66 24.06 3.19
N VAL B 197 -22.64 24.89 2.83
CA VAL B 197 -22.56 26.32 3.08
C VAL B 197 -23.26 26.62 4.41
N SER B 198 -22.57 27.34 5.28
CA SER B 198 -23.06 27.64 6.62
C SER B 198 -23.13 29.14 6.84
N ALA B 199 -24.20 29.58 7.48
CA ALA B 199 -24.39 30.98 7.85
C ALA B 199 -24.58 31.08 9.35
N VAL B 200 -23.84 31.98 9.98
CA VAL B 200 -23.84 32.13 11.43
C VAL B 200 -23.99 33.60 11.78
N LEU B 201 -24.74 33.89 12.84
CA LEU B 201 -24.92 35.26 13.29
C LEU B 201 -23.59 35.83 13.77
N MET B 202 -23.35 37.10 13.38
CA MET B 202 -22.08 37.73 13.72
C MET B 202 -21.92 37.92 15.22
N GLU B 203 -23.00 38.27 15.91
CA GLU B 203 -22.90 38.65 17.32
C GLU B 203 -22.35 37.50 18.16
N GLN B 204 -22.86 36.28 17.94
CA GLN B 204 -22.47 35.13 18.73
C GLN B 204 -22.01 33.93 17.92
N GLY B 205 -22.40 33.83 16.66
CA GLY B 205 -22.04 32.68 15.84
C GLY B 205 -23.07 31.57 15.82
N GLN B 206 -24.28 31.82 16.32
CA GLN B 206 -25.33 30.81 16.28
C GLN B 206 -25.57 30.37 14.85
N MET B 207 -25.68 29.06 14.65
CA MET B 207 -25.90 28.51 13.32
C MET B 207 -27.29 28.88 12.83
N ILE B 208 -27.36 29.57 11.69
CA ILE B 208 -28.65 29.96 11.13
C ILE B 208 -29.23 28.81 10.31
N TRP B 209 -28.53 28.40 9.26
CA TRP B 209 -28.97 27.27 8.45
C TRP B 209 -27.77 26.73 7.69
N GLN B 210 -27.89 25.48 7.27
CA GLN B 210 -26.85 24.80 6.51
C GLN B 210 -27.47 24.11 5.31
N GLN B 211 -26.79 24.19 4.17
CA GLN B 211 -27.25 23.57 2.93
C GLN B 211 -26.08 22.85 2.27
N ARG B 212 -26.37 21.67 1.73
CA ARG B 212 -25.38 20.88 0.98
C ARG B 212 -25.59 21.13 -0.51
N ILE B 213 -24.51 21.49 -1.19
CA ILE B 213 -24.58 21.83 -2.61
C ILE B 213 -23.62 20.96 -3.42
N SER B 214 -23.15 19.87 -2.81
CA SER B 214 -22.28 18.95 -3.52
C SER B 214 -23.07 18.10 -4.50
N GLN B 215 -22.35 17.48 -5.44
CA GLN B 215 -22.97 16.61 -6.42
C GLN B 215 -23.31 15.28 -5.76
N ALA B 216 -23.73 14.30 -6.57
CA ALA B 216 -24.07 12.99 -6.02
C ALA B 216 -22.91 12.42 -5.22
N THR B 217 -21.71 12.43 -5.80
CA THR B 217 -20.49 12.04 -5.09
C THR B 217 -20.64 10.67 -4.43
N GLY B 218 -21.29 9.75 -5.14
CA GLY B 218 -21.42 8.38 -4.70
C GLY B 218 -20.33 7.46 -5.19
N SER B 219 -19.24 8.01 -5.70
CA SER B 219 -18.16 7.23 -6.29
C SER B 219 -17.21 6.74 -5.18
N THR B 220 -16.04 6.25 -5.60
CA THR B 220 -15.07 5.71 -4.65
C THR B 220 -14.78 6.71 -3.55
N GLU B 221 -14.37 6.21 -2.40
CA GLU B 221 -14.17 7.06 -1.23
C GLU B 221 -13.05 8.06 -1.46
N ILE B 222 -13.18 9.22 -0.82
CA ILE B 222 -12.22 10.32 -0.88
C ILE B 222 -11.68 10.48 -2.30
N ASP B 223 -12.54 10.27 -3.29
CA ASP B 223 -12.19 10.47 -4.69
C ASP B 223 -13.49 10.70 -5.45
N ARG B 224 -13.63 11.89 -6.02
CA ARG B 224 -14.87 12.45 -6.55
C ARG B 224 -15.75 12.97 -5.41
N LEU B 225 -15.36 12.76 -4.15
CA LEU B 225 -16.10 13.27 -3.01
C LEU B 225 -15.55 14.60 -2.50
N SER B 226 -14.48 15.11 -3.11
CA SER B 226 -13.87 16.36 -2.68
C SER B 226 -14.75 17.52 -3.10
N ASP B 227 -15.13 18.37 -2.12
CA ASP B 227 -16.02 19.49 -2.39
C ASP B 227 -15.67 20.61 -1.42
N VAL B 228 -14.92 21.60 -1.90
CA VAL B 228 -14.63 22.80 -1.14
C VAL B 228 -15.38 23.95 -1.77
N ASP B 229 -15.67 24.97 -0.96
CA ASP B 229 -16.56 26.06 -1.34
C ASP B 229 -15.84 27.31 -1.83
N THR B 230 -14.76 27.72 -1.16
CA THR B 230 -13.87 28.76 -1.66
C THR B 230 -14.61 30.09 -1.87
N THR B 231 -15.01 30.69 -0.74
CA THR B 231 -15.45 32.08 -0.71
C THR B 231 -16.68 32.34 -1.56
N PRO B 232 -17.85 31.88 -1.14
CA PRO B 232 -19.08 32.25 -1.84
C PRO B 232 -19.38 33.74 -1.71
N VAL B 233 -20.21 34.24 -2.63
CA VAL B 233 -20.57 35.65 -2.70
C VAL B 233 -22.09 35.78 -2.65
N VAL B 234 -22.54 36.96 -2.22
CA VAL B 234 -23.96 37.23 -2.03
C VAL B 234 -24.29 38.57 -2.66
N VAL B 235 -25.46 38.66 -3.30
CA VAL B 235 -25.93 39.90 -3.90
C VAL B 235 -27.44 39.93 -3.84
N ASN B 236 -28.00 41.08 -3.42
CA ASN B 236 -29.44 41.32 -3.43
C ASN B 236 -30.20 40.15 -2.81
N GLY B 237 -29.77 39.76 -1.61
CA GLY B 237 -30.43 38.68 -0.90
C GLY B 237 -30.29 37.32 -1.54
N VAL B 238 -29.39 37.16 -2.50
CA VAL B 238 -29.15 35.89 -3.17
C VAL B 238 -27.71 35.48 -2.91
N VAL B 239 -27.53 34.28 -2.37
CA VAL B 239 -26.21 33.76 -2.02
C VAL B 239 -25.72 32.90 -3.16
N PHE B 240 -24.51 33.20 -3.66
CA PHE B 240 -23.89 32.46 -4.74
C PHE B 240 -22.69 31.69 -4.20
N ALA B 241 -22.66 30.39 -4.45
CA ALA B 241 -21.56 29.54 -4.02
C ALA B 241 -21.17 28.61 -5.16
N LEU B 242 -19.90 28.21 -5.16
CA LEU B 242 -19.37 27.29 -6.17
C LEU B 242 -18.50 26.28 -5.46
N ALA B 243 -18.78 24.99 -5.66
CA ALA B 243 -18.09 23.91 -4.98
C ALA B 243 -17.28 23.10 -6.00
N TYR B 244 -16.05 22.75 -5.62
CA TYR B 244 -15.19 21.98 -6.50
C TYR B 244 -15.81 20.62 -6.77
N ASN B 245 -15.76 20.20 -8.04
CA ASN B 245 -16.34 18.93 -8.47
C ASN B 245 -17.79 18.81 -8.02
N GLY B 246 -18.48 19.94 -7.91
CA GLY B 246 -19.85 19.99 -7.47
C GLY B 246 -20.72 20.72 -8.49
N ASN B 247 -21.77 21.36 -7.98
CA ASN B 247 -22.71 22.12 -8.80
C ASN B 247 -22.81 23.53 -8.25
N LEU B 248 -22.63 24.52 -9.12
CA LEU B 248 -22.87 25.91 -8.74
C LEU B 248 -24.34 26.08 -8.38
N THR B 249 -24.61 26.76 -7.27
CA THR B 249 -25.97 26.92 -6.77
C THR B 249 -26.18 28.35 -6.28
N ALA B 250 -27.44 28.78 -6.31
CA ALA B 250 -27.86 30.06 -5.76
C ALA B 250 -28.78 29.78 -4.58
N LEU B 251 -28.46 30.37 -3.42
CA LEU B 251 -29.16 30.08 -2.18
C LEU B 251 -29.83 31.33 -1.65
N ASP B 252 -31.02 31.15 -1.08
CA ASP B 252 -31.71 32.26 -0.42
C ASP B 252 -30.90 32.74 0.77
N LEU B 253 -30.78 34.07 0.90
CA LEU B 253 -29.94 34.64 1.95
C LEU B 253 -30.46 34.33 3.34
N ARG B 254 -31.74 34.00 3.48
CA ARG B 254 -32.36 33.84 4.79
C ARG B 254 -32.51 32.38 5.22
N SER B 255 -32.70 31.45 4.29
CA SER B 255 -32.95 30.05 4.64
C SER B 255 -32.13 29.05 3.84
N GLY B 256 -31.54 29.45 2.72
CA GLY B 256 -30.72 28.54 1.94
C GLY B 256 -31.53 27.56 1.12
N GLN B 257 -32.32 28.08 0.17
CA GLN B 257 -33.09 27.26 -0.75
C GLN B 257 -32.42 27.30 -2.12
N ILE B 258 -32.32 26.16 -2.77
CA ILE B 258 -31.61 26.07 -4.04
C ILE B 258 -32.53 26.55 -5.16
N MET B 259 -32.27 27.76 -5.67
CA MET B 259 -33.06 28.27 -6.79
C MET B 259 -32.73 27.51 -8.09
N TRP B 260 -31.44 27.34 -8.39
CA TRP B 260 -31.04 26.64 -9.61
C TRP B 260 -29.63 26.13 -9.44
N LYS B 261 -29.30 25.12 -10.26
CA LYS B 261 -28.01 24.44 -10.19
C LYS B 261 -27.39 24.35 -11.58
N ARG B 262 -26.13 23.92 -11.61
CA ARG B 262 -25.42 23.71 -12.86
C ARG B 262 -24.22 22.81 -12.58
N GLU B 263 -24.10 21.72 -13.32
CA GLU B 263 -23.06 20.72 -13.06
C GLU B 263 -21.71 21.26 -13.49
N LEU B 264 -20.96 21.79 -12.54
CA LEU B 264 -19.61 22.28 -12.78
C LEU B 264 -18.99 22.63 -11.43
N GLY B 265 -17.67 22.47 -11.34
CA GLY B 265 -16.96 22.72 -10.10
C GLY B 265 -15.64 23.41 -10.35
N SER B 266 -15.17 24.08 -9.30
CA SER B 266 -13.91 24.81 -9.37
C SER B 266 -13.58 25.34 -7.98
N VAL B 267 -12.29 25.57 -7.74
CA VAL B 267 -11.85 26.19 -6.49
C VAL B 267 -11.52 27.67 -6.67
N ASN B 268 -11.37 28.14 -7.90
CA ASN B 268 -11.04 29.53 -8.14
C ASN B 268 -12.25 30.43 -7.85
N ASP B 269 -11.96 31.61 -7.33
CA ASP B 269 -13.01 32.57 -7.01
C ASP B 269 -13.69 33.03 -8.28
N PHE B 270 -14.98 33.37 -8.16
CA PHE B 270 -15.78 33.86 -9.27
C PHE B 270 -16.30 35.25 -8.96
N ILE B 271 -16.39 36.08 -10.00
CA ILE B 271 -16.82 37.47 -9.87
C ILE B 271 -18.23 37.60 -10.40
N VAL B 272 -19.00 38.50 -9.79
CA VAL B 272 -20.38 38.77 -10.17
C VAL B 272 -20.45 40.21 -10.67
N ASP B 273 -20.92 40.37 -11.91
CA ASP B 273 -21.05 41.69 -12.52
C ASP B 273 -22.38 41.77 -13.26
N GLY B 274 -23.15 42.81 -12.97
CA GLY B 274 -24.43 43.01 -13.61
C GLY B 274 -25.32 41.78 -13.50
N ASN B 275 -25.60 41.14 -14.62
CA ASN B 275 -26.37 39.90 -14.65
C ASN B 275 -25.55 38.73 -15.20
N ARG B 276 -24.23 38.85 -15.19
CA ARG B 276 -23.33 37.82 -15.70
C ARG B 276 -22.43 37.33 -14.58
N ILE B 277 -22.20 36.03 -14.54
CA ILE B 277 -21.36 35.40 -13.52
C ILE B 277 -20.16 34.79 -14.25
N TYR B 278 -19.00 35.44 -14.11
CA TYR B 278 -17.77 34.94 -14.70
C TYR B 278 -17.05 34.06 -13.69
N LEU B 279 -16.73 32.83 -14.11
CA LEU B 279 -16.04 31.89 -13.24
C LEU B 279 -15.11 31.03 -14.09
N VAL B 280 -14.09 30.48 -13.44
CA VAL B 280 -13.12 29.61 -14.09
C VAL B 280 -13.35 28.19 -13.59
N ASP B 281 -13.56 27.27 -14.53
CA ASP B 281 -13.79 25.88 -14.17
C ASP B 281 -12.51 25.25 -13.62
N GLN B 282 -12.70 24.13 -12.92
CA GLN B 282 -11.55 23.41 -12.37
C GLN B 282 -10.56 22.98 -13.46
N ASN B 283 -11.02 22.88 -14.70
CA ASN B 283 -10.17 22.53 -15.83
C ASN B 283 -9.69 23.77 -16.58
N ASP B 284 -9.81 24.96 -15.98
CA ASP B 284 -9.39 26.21 -16.60
C ASP B 284 -10.27 26.55 -17.80
N ARG B 285 -11.58 26.37 -17.65
CA ARG B 285 -12.55 26.70 -18.68
C ARG B 285 -13.24 28.00 -18.30
N VAL B 286 -12.87 29.08 -18.99
CA VAL B 286 -13.46 30.39 -18.71
C VAL B 286 -14.82 30.47 -19.37
N MET B 287 -15.85 30.81 -18.58
CA MET B 287 -17.22 30.85 -19.06
C MET B 287 -17.96 31.98 -18.36
N ALA B 288 -19.13 32.33 -18.90
CA ALA B 288 -20.01 33.32 -18.31
C ALA B 288 -21.42 32.77 -18.26
N LEU B 289 -22.03 32.83 -17.09
CA LEU B 289 -23.35 32.26 -16.84
C LEU B 289 -24.33 33.38 -16.51
N THR B 290 -25.56 33.26 -17.00
CA THR B 290 -26.59 34.24 -16.69
C THR B 290 -26.93 34.20 -15.21
N ILE B 291 -27.12 35.38 -14.62
CA ILE B 291 -27.38 35.46 -13.19
C ILE B 291 -28.70 34.81 -12.81
N ASP B 292 -29.68 34.81 -13.71
CA ASP B 292 -31.02 34.32 -13.37
C ASP B 292 -31.12 32.80 -13.38
N GLY B 293 -30.78 32.17 -14.51
CA GLY B 293 -30.98 30.74 -14.66
C GLY B 293 -29.72 29.97 -14.98
N GLY B 294 -28.56 30.60 -14.80
CA GLY B 294 -27.31 29.92 -15.05
C GLY B 294 -27.20 29.42 -16.48
N VAL B 295 -27.54 30.27 -17.44
CA VAL B 295 -27.46 29.92 -18.86
C VAL B 295 -26.13 30.42 -19.40
N THR B 296 -25.37 29.53 -20.02
CA THR B 296 -24.05 29.90 -20.53
C THR B 296 -24.18 30.87 -21.69
N LEU B 297 -23.41 31.96 -21.64
CA LEU B 297 -23.36 32.92 -22.74
C LEU B 297 -22.25 32.61 -23.71
N TRP B 298 -21.08 32.22 -23.22
CA TRP B 298 -19.97 31.83 -24.07
C TRP B 298 -19.00 30.99 -23.26
N THR B 299 -18.13 30.28 -23.97
CA THR B 299 -17.11 29.46 -23.34
C THR B 299 -15.79 29.68 -24.05
N GLN B 300 -14.69 29.54 -23.30
CA GLN B 300 -13.34 29.73 -23.84
C GLN B 300 -12.45 28.66 -23.22
N SER B 301 -12.28 27.55 -23.94
CA SER B 301 -11.49 26.41 -23.49
C SER B 301 -10.11 26.37 -24.12
N ASP B 302 -9.58 27.53 -24.51
CA ASP B 302 -8.26 27.59 -25.15
C ASP B 302 -7.12 27.47 -24.17
N LEU B 303 -7.38 27.52 -22.86
CA LEU B 303 -6.37 27.40 -21.84
C LEU B 303 -6.65 26.20 -20.93
N LEU B 304 -7.10 25.11 -21.54
CA LEU B 304 -7.46 23.93 -20.76
C LEU B 304 -6.25 23.37 -20.03
N HIS B 305 -6.44 23.07 -18.74
CA HIS B 305 -5.41 22.43 -17.92
C HIS B 305 -4.11 23.24 -17.92
N ARG B 306 -4.23 24.56 -17.84
CA ARG B 306 -3.08 25.44 -17.74
C ARG B 306 -2.94 26.06 -16.35
N LEU B 307 -3.76 25.62 -15.38
CA LEU B 307 -3.68 26.09 -14.00
C LEU B 307 -3.83 27.62 -13.93
N LEU B 308 -5.01 28.08 -14.34
CA LEU B 308 -5.31 29.50 -14.31
C LEU B 308 -5.57 29.97 -12.88
N THR B 309 -5.54 31.27 -12.69
CA THR B 309 -5.80 31.92 -11.41
C THR B 309 -7.18 32.57 -11.42
N SER B 310 -7.63 32.98 -10.25
CA SER B 310 -8.95 33.56 -10.13
C SER B 310 -9.03 34.82 -10.98
N PRO B 311 -10.10 35.02 -11.75
CA PRO B 311 -10.18 36.17 -12.64
C PRO B 311 -10.60 37.44 -11.91
N VAL B 312 -10.19 38.57 -12.48
CA VAL B 312 -10.58 39.89 -11.99
C VAL B 312 -10.90 40.76 -13.20
N LEU B 313 -12.01 41.47 -13.15
CA LEU B 313 -12.39 42.37 -14.23
C LEU B 313 -11.58 43.65 -14.15
N TYR B 314 -11.09 44.11 -15.29
CA TYR B 314 -10.26 45.31 -15.37
C TYR B 314 -10.59 46.04 -16.65
N ASN B 315 -11.11 47.26 -16.53
CA ASN B 315 -11.52 48.05 -17.68
C ASN B 315 -12.48 47.25 -18.56
N GLY B 316 -13.39 46.52 -17.92
CA GLY B 316 -14.32 45.69 -18.65
C GLY B 316 -13.69 44.49 -19.33
N ASN B 317 -12.50 44.07 -18.88
CA ASN B 317 -11.79 42.95 -19.48
C ASN B 317 -11.31 42.02 -18.38
N LEU B 318 -11.59 40.73 -18.55
CA LEU B 318 -11.13 39.73 -17.59
C LEU B 318 -9.62 39.54 -17.69
N VAL B 319 -8.99 39.30 -16.55
CA VAL B 319 -7.56 39.08 -16.47
C VAL B 319 -7.31 37.81 -15.67
N VAL B 320 -6.43 36.96 -16.17
CA VAL B 320 -6.11 35.69 -15.53
C VAL B 320 -4.64 35.37 -15.78
N GLY B 321 -4.02 34.74 -14.78
CA GLY B 321 -2.64 34.30 -14.88
C GLY B 321 -2.56 32.78 -14.86
N ASP B 322 -1.57 32.24 -15.55
CA ASP B 322 -1.36 30.80 -15.65
C ASP B 322 -0.08 30.41 -14.93
N SER B 323 0.12 29.10 -14.79
CA SER B 323 1.31 28.59 -14.14
C SER B 323 2.58 28.99 -14.89
N GLU B 324 2.48 29.30 -16.17
CA GLU B 324 3.63 29.73 -16.96
C GLU B 324 3.92 31.22 -16.79
N GLY B 325 3.06 31.96 -16.09
CA GLY B 325 3.26 33.38 -15.87
C GLY B 325 2.65 34.29 -16.91
N TYR B 326 2.16 33.74 -18.02
CA TYR B 326 1.51 34.56 -19.03
C TYR B 326 0.22 35.16 -18.48
N LEU B 327 -0.07 36.39 -18.90
CA LEU B 327 -1.31 37.06 -18.55
C LEU B 327 -2.16 37.19 -19.80
N HIS B 328 -3.41 36.73 -19.73
CA HIS B 328 -4.29 36.65 -20.88
C HIS B 328 -5.47 37.59 -20.68
N TRP B 329 -5.54 38.64 -21.49
CA TRP B 329 -6.71 39.51 -21.51
C TRP B 329 -7.74 38.93 -22.46
N ILE B 330 -8.97 38.78 -21.98
CA ILE B 330 -10.05 38.17 -22.75
C ILE B 330 -11.28 39.07 -22.66
N ASN B 331 -11.93 39.29 -23.80
CA ASN B 331 -13.15 40.08 -23.82
C ASN B 331 -14.24 39.38 -23.01
N VAL B 332 -14.93 40.15 -22.17
CA VAL B 332 -15.96 39.56 -21.33
C VAL B 332 -17.24 39.32 -22.11
N GLU B 333 -17.55 40.18 -23.09
CA GLU B 333 -18.79 40.02 -23.83
C GLU B 333 -18.80 38.74 -24.66
N ASP B 334 -17.67 38.38 -25.26
CA ASP B 334 -17.58 37.23 -26.15
C ASP B 334 -16.63 36.14 -25.66
N GLY B 335 -15.65 36.47 -24.83
CA GLY B 335 -14.62 35.53 -24.45
C GLY B 335 -13.44 35.48 -25.38
N ARG B 336 -13.48 36.20 -26.50
CA ARG B 336 -12.35 36.25 -27.41
C ARG B 336 -11.16 36.94 -26.75
N PHE B 337 -9.97 36.40 -26.99
CA PHE B 337 -8.76 37.00 -26.44
C PHE B 337 -8.50 38.36 -27.09
N VAL B 338 -7.95 39.28 -26.30
CA VAL B 338 -7.64 40.62 -26.78
C VAL B 338 -6.18 41.00 -26.59
N ALA B 339 -5.46 40.38 -25.66
CA ALA B 339 -4.07 40.71 -25.45
C ALA B 339 -3.42 39.65 -24.56
N GLN B 340 -2.22 39.23 -24.92
CA GLN B 340 -1.43 38.30 -24.13
C GLN B 340 -0.06 38.91 -23.88
N GLN B 341 0.51 38.62 -22.71
CA GLN B 341 1.77 39.23 -22.31
C GLN B 341 2.57 38.23 -21.47
N LYS B 342 3.87 38.47 -21.43
CA LYS B 342 4.80 37.72 -20.60
C LYS B 342 5.23 38.58 -19.43
N VAL B 343 5.15 38.03 -18.22
CA VAL B 343 5.46 38.80 -17.02
C VAL B 343 6.64 38.18 -16.29
N ASP B 344 6.50 36.93 -15.86
CA ASP B 344 7.53 36.25 -15.10
C ASP B 344 7.54 34.77 -15.45
N SER B 345 8.71 34.15 -15.32
CA SER B 345 8.85 32.72 -15.56
C SER B 345 8.56 31.88 -14.33
N SER B 346 8.46 32.50 -13.15
CA SER B 346 8.18 31.74 -11.93
C SER B 346 6.79 31.10 -11.99
N GLY B 347 5.82 31.83 -12.49
CA GLY B 347 4.46 31.35 -12.58
C GLY B 347 3.54 32.09 -11.64
N PHE B 348 2.27 32.15 -12.01
CA PHE B 348 1.24 32.83 -11.23
C PHE B 348 0.34 31.80 -10.57
N GLN B 349 0.12 31.95 -9.27
CA GLN B 349 -0.65 30.97 -8.51
C GLN B 349 -1.77 31.63 -7.72
N THR B 350 -1.56 32.87 -7.29
CA THR B 350 -2.52 33.59 -6.46
C THR B 350 -3.33 34.56 -7.30
N GLU B 351 -4.49 34.94 -6.77
CA GLU B 351 -5.40 35.80 -7.51
C GLU B 351 -4.81 37.20 -7.66
N PRO B 352 -5.14 37.92 -8.72
CA PRO B 352 -4.69 39.30 -8.87
C PRO B 352 -5.52 40.24 -8.00
N VAL B 353 -5.13 41.51 -8.01
CA VAL B 353 -5.82 42.55 -7.26
C VAL B 353 -6.16 43.67 -8.23
N ALA B 354 -7.44 44.06 -8.26
CA ALA B 354 -7.92 45.13 -9.13
C ALA B 354 -8.70 46.13 -8.30
N ALA B 355 -8.19 47.36 -8.22
CA ALA B 355 -8.86 48.40 -7.46
C ALA B 355 -8.17 49.73 -7.73
N ASP B 356 -8.94 50.81 -7.66
CA ASP B 356 -8.43 52.16 -7.83
C ASP B 356 -7.69 52.31 -9.16
N GLY B 357 -8.08 51.51 -10.16
CA GLY B 357 -7.43 51.57 -11.45
C GLY B 357 -6.07 50.93 -11.50
N LYS B 358 -5.63 50.26 -10.44
CA LYS B 358 -4.34 49.62 -10.38
C LYS B 358 -4.52 48.11 -10.40
N LEU B 359 -3.78 47.44 -11.27
CA LEU B 359 -3.81 45.99 -11.39
C LEU B 359 -2.51 45.42 -10.83
N LEU B 360 -2.62 44.57 -9.81
CA LEU B 360 -1.46 44.01 -9.15
C LEU B 360 -1.57 42.49 -9.11
N ILE B 361 -0.43 41.82 -9.18
CA ILE B 361 -0.36 40.37 -9.14
C ILE B 361 1.02 39.97 -8.67
N GLN B 362 1.09 38.87 -7.93
CA GLN B 362 2.34 38.36 -7.37
C GLN B 362 2.61 36.97 -7.93
N ALA B 363 3.86 36.73 -8.31
CA ALA B 363 4.26 35.46 -8.88
C ALA B 363 4.72 34.51 -7.78
N LYS B 364 5.11 33.29 -8.17
CA LYS B 364 5.59 32.32 -7.20
C LYS B 364 6.85 32.82 -6.51
N ASP B 365 7.76 33.43 -7.26
CA ASP B 365 8.97 33.98 -6.69
C ASP B 365 8.71 35.15 -5.75
N GLY B 366 7.50 35.70 -5.74
CA GLY B 366 7.17 36.82 -4.90
C GLY B 366 7.37 38.18 -5.53
N THR B 367 7.88 38.23 -6.76
CA THR B 367 8.07 39.49 -7.46
C THR B 367 6.70 40.08 -7.81
N VAL B 368 6.33 41.18 -7.17
CA VAL B 368 5.07 41.84 -7.45
C VAL B 368 5.20 42.68 -8.71
N TYR B 369 4.11 42.73 -9.49
CA TYR B 369 4.09 43.47 -10.74
C TYR B 369 2.87 44.37 -10.79
N SER B 370 3.03 45.53 -11.41
CA SER B 370 1.94 46.45 -11.69
C SER B 370 1.74 46.51 -13.20
N ILE B 371 0.51 46.31 -13.65
CA ILE B 371 0.19 46.12 -15.05
C ILE B 371 -0.59 47.33 -15.55
N THR B 372 -0.15 47.90 -16.68
CA THR B 372 -0.85 48.99 -17.32
C THR B 372 -0.80 48.76 -18.83
N ARG B 373 -1.72 49.40 -19.55
CA ARG B 373 -1.84 49.26 -20.99
C ARG B 373 -1.64 50.61 -21.66
N TRP B 374 -0.91 50.61 -22.76
CA TRP B 374 -0.64 51.83 -23.51
C TRP B 374 -0.71 51.57 -25.01
N ARG C 6 12.53 -26.62 -11.32
CA ARG C 6 12.42 -26.84 -12.79
C ARG C 6 13.08 -28.16 -13.18
N TYR C 7 14.42 -28.15 -13.22
CA TYR C 7 15.15 -29.33 -13.66
C TYR C 7 14.90 -30.52 -12.73
N LYS C 8 14.88 -30.27 -11.42
CA LYS C 8 14.55 -31.34 -10.47
C LYS C 8 13.18 -31.91 -10.76
N ARG C 9 12.23 -31.07 -11.20
CA ARG C 9 10.89 -31.54 -11.52
C ARG C 9 10.81 -32.16 -12.91
N GLN C 10 11.82 -31.96 -13.75
CA GLN C 10 11.85 -32.56 -15.08
C GLN C 10 12.27 -34.02 -15.06
N VAL C 11 12.76 -34.52 -13.92
CA VAL C 11 13.17 -35.91 -13.80
C VAL C 11 12.08 -36.76 -13.16
N SER C 12 11.44 -36.25 -12.10
CA SER C 12 10.40 -37.01 -11.45
C SER C 12 9.20 -37.23 -12.37
N GLY C 13 8.80 -36.18 -13.10
CA GLY C 13 7.57 -36.26 -13.86
C GLY C 13 7.60 -37.28 -14.98
N ASP C 14 8.68 -37.28 -15.77
CA ASP C 14 8.71 -38.07 -16.99
C ASP C 14 8.63 -39.57 -16.73
N GLU C 15 9.70 -40.16 -16.18
CA GLU C 15 9.76 -41.61 -16.03
C GLU C 15 10.28 -42.09 -14.69
N ALA C 16 10.87 -41.23 -13.86
CA ALA C 16 11.52 -41.69 -12.64
C ALA C 16 10.56 -42.46 -11.76
N TYR C 17 10.84 -43.74 -11.56
CA TYR C 17 10.06 -44.59 -10.67
C TYR C 17 11.01 -45.31 -9.72
N LEU C 18 10.64 -45.34 -8.44
CA LEU C 18 11.45 -45.96 -7.41
C LEU C 18 10.60 -46.93 -6.61
N GLU C 19 11.23 -48.02 -6.17
CA GLU C 19 10.59 -49.04 -5.37
C GLU C 19 11.29 -49.13 -4.02
N ALA C 20 10.52 -49.02 -2.94
CA ALA C 20 11.05 -49.01 -1.59
C ALA C 20 10.94 -50.40 -0.96
N ALA C 21 11.54 -50.52 0.22
CA ALA C 21 11.54 -51.80 0.91
C ALA C 21 10.12 -52.18 1.31
N PRO C 22 9.76 -53.47 1.26
CA PRO C 22 8.41 -53.87 1.67
C PRO C 22 8.18 -53.60 3.14
N LEU C 23 6.92 -53.34 3.48
CA LEU C 23 6.56 -53.12 4.88
C LEU C 23 6.70 -54.41 5.68
N ALA C 24 7.08 -54.27 6.94
CA ALA C 24 7.27 -55.40 7.84
C ALA C 24 6.45 -55.18 9.10
N GLU C 25 5.63 -56.17 9.45
CA GLU C 25 4.83 -56.07 10.67
C GLU C 25 5.73 -56.16 11.89
N LEU C 26 5.41 -55.37 12.91
CA LEU C 26 6.20 -55.33 14.13
C LEU C 26 5.65 -56.34 15.13
N HIS C 27 6.54 -57.20 15.63
CA HIS C 27 6.14 -58.24 16.58
C HIS C 27 5.92 -57.65 17.97
N ALA C 28 5.06 -58.30 18.74
CA ALA C 28 4.72 -57.85 20.09
C ALA C 28 5.15 -58.91 21.10
N PRO C 29 6.17 -58.66 21.91
CA PRO C 29 6.55 -59.64 22.93
C PRO C 29 5.47 -59.79 23.99
N ALA C 30 5.45 -60.96 24.61
CA ALA C 30 4.47 -61.23 25.65
C ALA C 30 4.67 -60.29 26.83
N GLY C 31 3.56 -59.94 27.49
CA GLY C 31 3.57 -59.06 28.63
C GLY C 31 3.39 -57.59 28.31
N MET C 32 3.33 -57.22 27.03
CA MET C 32 3.10 -55.83 26.66
C MET C 32 2.44 -55.79 25.29
N ILE C 33 1.81 -54.65 25.00
CA ILE C 33 1.05 -54.46 23.77
C ILE C 33 1.56 -53.19 23.09
N LEU C 34 1.78 -53.28 21.78
CA LEU C 34 2.25 -52.13 21.03
C LEU C 34 1.16 -51.06 20.95
N PRO C 35 1.53 -49.81 20.69
CA PRO C 35 0.53 -48.74 20.66
C PRO C 35 -0.47 -48.95 19.53
N VAL C 36 -1.69 -48.47 19.75
CA VAL C 36 -2.72 -48.58 18.73
C VAL C 36 -2.25 -47.88 17.46
N THR C 37 -2.81 -48.32 16.32
CA THR C 37 -2.40 -47.79 15.03
C THR C 37 -3.23 -46.59 14.61
N SER C 38 -4.53 -46.63 14.83
CA SER C 38 -5.51 -45.60 14.49
C SER C 38 -5.85 -45.61 13.00
N GLY C 39 -5.14 -46.37 12.17
CA GLY C 39 -5.52 -46.52 10.78
C GLY C 39 -5.52 -45.25 9.97
N ASP C 40 -4.82 -44.20 10.42
CA ASP C 40 -4.77 -42.96 9.65
C ASP C 40 -4.04 -43.19 8.32
N TYR C 41 -2.95 -43.94 8.34
CA TYR C 41 -2.17 -44.25 7.15
C TYR C 41 -2.17 -45.77 6.99
N ALA C 42 -3.17 -46.29 6.29
CA ALA C 42 -3.34 -47.72 6.09
C ALA C 42 -3.31 -48.04 4.61
N ILE C 43 -2.74 -49.18 4.27
CA ILE C 43 -2.63 -49.62 2.88
C ILE C 43 -3.50 -50.84 2.68
N PRO C 44 -4.78 -50.69 2.36
CA PRO C 44 -5.64 -51.86 2.16
C PRO C 44 -5.14 -52.72 1.01
N VAL C 45 -5.25 -54.04 1.18
CA VAL C 45 -4.79 -54.97 0.17
C VAL C 45 -5.71 -54.90 -1.03
N THR C 46 -5.12 -54.79 -2.23
CA THR C 46 -5.88 -54.72 -3.48
C THR C 46 -5.37 -55.82 -4.41
N ASN C 47 -6.21 -56.82 -4.65
CA ASN C 47 -5.85 -57.88 -5.59
C ASN C 47 -5.85 -57.33 -7.01
N GLY C 48 -4.93 -57.83 -7.83
CA GLY C 48 -4.83 -57.42 -9.22
C GLY C 48 -3.40 -57.14 -9.61
N SER C 49 -3.07 -57.44 -10.87
CA SER C 49 -1.74 -57.25 -11.43
C SER C 49 -1.85 -56.23 -12.56
N GLY C 50 -1.75 -54.95 -12.20
CA GLY C 50 -1.78 -53.87 -13.18
C GLY C 50 -0.42 -53.65 -13.80
N ALA C 51 -0.27 -52.47 -14.40
CA ALA C 51 0.98 -52.07 -15.04
C ALA C 51 1.63 -50.94 -14.24
N VAL C 52 2.94 -51.04 -14.08
CA VAL C 52 3.72 -50.06 -13.33
C VAL C 52 5.09 -49.92 -13.99
N GLY C 53 5.85 -48.91 -13.55
CA GLY C 53 7.20 -48.73 -14.03
C GLY C 53 7.31 -48.49 -15.52
N LYS C 54 6.49 -47.58 -16.04
CA LYS C 54 6.40 -47.19 -17.44
C LYS C 54 5.67 -48.22 -18.28
N ALA C 55 5.32 -49.38 -17.72
CA ALA C 55 4.44 -50.31 -18.43
C ALA C 55 3.00 -49.82 -18.44
N LEU C 56 2.69 -48.79 -17.67
CA LEU C 56 1.34 -48.25 -17.57
C LEU C 56 1.22 -47.08 -18.53
N ASP C 57 0.28 -47.17 -19.46
CA ASP C 57 0.00 -46.08 -20.38
C ASP C 57 -0.82 -45.02 -19.67
N ILE C 58 -0.23 -43.84 -19.47
CA ILE C 58 -0.90 -42.74 -18.78
C ILE C 58 -1.59 -41.81 -19.76
N ARG C 59 -1.65 -42.16 -21.03
CA ARG C 59 -2.35 -41.33 -21.99
C ARG C 59 -3.84 -41.33 -21.69
N PRO C 60 -4.51 -40.18 -21.72
CA PRO C 60 -5.95 -40.14 -21.43
C PRO C 60 -6.72 -41.01 -22.40
N PRO C 61 -7.78 -41.67 -21.95
CA PRO C 61 -8.62 -42.45 -22.88
C PRO C 61 -9.37 -41.54 -23.83
N ALA C 62 -9.77 -42.11 -24.97
CA ALA C 62 -10.44 -41.37 -26.03
C ALA C 62 -11.91 -41.11 -25.68
N GLN C 63 -12.11 -40.36 -24.61
CA GLN C 63 -13.45 -39.99 -24.17
C GLN C 63 -13.42 -38.67 -23.41
N LYS D 5 4.53 -15.37 -32.03
CA LYS D 5 4.57 -16.00 -30.68
C LYS D 5 3.61 -17.18 -30.60
N GLU D 6 3.98 -18.28 -31.25
CA GLU D 6 3.18 -19.51 -31.24
C GLU D 6 1.74 -19.22 -31.69
N GLU D 7 1.62 -18.44 -32.76
CA GLU D 7 0.30 -18.12 -33.29
C GLU D 7 -0.40 -19.40 -33.73
N VAL D 8 -1.68 -19.52 -33.37
CA VAL D 8 -2.48 -20.71 -33.66
C VAL D 8 -3.43 -20.36 -34.80
N PRO D 9 -3.26 -20.93 -35.99
CA PRO D 9 -4.25 -20.70 -37.05
C PRO D 9 -5.63 -21.17 -36.62
N ASP D 10 -6.65 -20.40 -36.97
CA ASP D 10 -8.01 -20.68 -36.52
C ASP D 10 -8.73 -21.57 -37.54
N ASN D 11 -8.26 -22.81 -37.61
CA ASN D 11 -8.89 -23.82 -38.44
C ASN D 11 -9.98 -24.51 -37.62
N PRO D 12 -10.73 -25.43 -38.22
CA PRO D 12 -11.83 -26.06 -37.49
C PRO D 12 -11.31 -26.80 -36.27
N PRO D 13 -12.13 -26.89 -35.21
CA PRO D 13 -11.65 -27.56 -33.99
C PRO D 13 -11.21 -28.98 -34.25
N ASN D 14 -11.83 -29.68 -35.19
CA ASN D 14 -11.38 -31.03 -35.53
C ASN D 14 -9.95 -31.02 -36.01
N GLU D 15 -9.62 -30.09 -36.90
CA GLU D 15 -8.25 -30.00 -37.42
C GLU D 15 -7.27 -29.64 -36.32
N ILE D 16 -7.64 -28.66 -35.47
CA ILE D 16 -6.74 -28.27 -34.39
C ILE D 16 -6.50 -29.43 -33.45
N TYR D 17 -7.56 -30.17 -33.10
CA TYR D 17 -7.42 -31.29 -32.19
C TYR D 17 -6.58 -32.41 -32.80
N ALA D 18 -6.76 -32.68 -34.09
CA ALA D 18 -5.95 -33.69 -34.75
C ALA D 18 -4.48 -33.30 -34.75
N THR D 19 -4.18 -32.04 -35.06
CA THR D 19 -2.80 -31.58 -35.03
C THR D 19 -2.22 -31.69 -33.63
N ALA D 20 -3.01 -31.34 -32.61
CA ALA D 20 -2.54 -31.44 -31.23
C ALA D 20 -2.27 -32.90 -30.86
N GLN D 21 -3.13 -33.82 -31.29
CA GLN D 21 -2.92 -35.23 -31.01
C GLN D 21 -1.63 -35.72 -31.66
N GLN D 22 -1.41 -35.33 -32.92
CA GLN D 22 -0.20 -35.76 -33.61
C GLN D 22 1.04 -35.20 -32.91
N LYS D 23 1.00 -33.93 -32.50
CA LYS D 23 2.13 -33.37 -31.78
C LYS D 23 2.35 -34.04 -30.43
N LEU D 24 1.26 -34.44 -29.76
CA LEU D 24 1.38 -35.19 -28.53
C LEU D 24 2.10 -36.51 -28.78
N GLN D 25 1.76 -37.19 -29.87
CA GLN D 25 2.45 -38.44 -30.21
C GLN D 25 3.94 -38.18 -30.43
N ASP D 26 4.28 -37.06 -31.06
CA ASP D 26 5.69 -36.74 -31.30
C ASP D 26 6.44 -36.60 -29.98
N GLY D 27 5.84 -35.92 -29.01
CA GLY D 27 6.45 -35.74 -27.70
C GLY D 27 6.76 -34.30 -27.33
N ASN D 28 6.60 -33.35 -28.25
CA ASN D 28 6.84 -31.94 -27.95
C ASN D 28 5.56 -31.36 -27.38
N TRP D 29 5.55 -31.13 -26.06
CA TRP D 29 4.33 -30.70 -25.38
C TRP D 29 4.10 -29.20 -25.45
N ARG D 30 5.13 -28.41 -25.75
CA ARG D 30 4.99 -26.96 -25.77
C ARG D 30 4.04 -26.50 -26.86
N GLN D 31 3.92 -27.25 -27.95
CA GLN D 31 2.95 -26.93 -29.00
C GLN D 31 1.58 -27.53 -28.72
N ALA D 32 1.55 -28.72 -28.11
CA ALA D 32 0.28 -29.33 -27.75
C ALA D 32 -0.47 -28.45 -26.75
N ILE D 33 0.24 -27.88 -25.78
CA ILE D 33 -0.43 -27.02 -24.80
C ILE D 33 -1.06 -25.82 -25.50
N THR D 34 -0.32 -25.21 -26.44
CA THR D 34 -0.87 -24.05 -27.15
C THR D 34 -2.09 -24.45 -27.97
N GLN D 35 -2.01 -25.57 -28.67
CA GLN D 35 -3.15 -26.02 -29.47
C GLN D 35 -4.37 -26.26 -28.60
N LEU D 36 -4.18 -26.94 -27.46
CA LEU D 36 -5.31 -27.25 -26.59
C LEU D 36 -5.89 -25.99 -25.97
N GLU D 37 -5.04 -25.05 -25.54
CA GLU D 37 -5.55 -23.81 -24.97
C GLU D 37 -6.31 -23.01 -26.01
N ALA D 38 -5.81 -22.95 -27.25
CA ALA D 38 -6.52 -22.25 -28.31
C ALA D 38 -7.88 -22.90 -28.57
N LEU D 39 -7.91 -24.24 -28.60
CA LEU D 39 -9.19 -24.92 -28.78
C LEU D 39 -10.16 -24.60 -27.66
N ASP D 40 -9.67 -24.61 -26.42
CA ASP D 40 -10.55 -24.33 -25.28
C ASP D 40 -11.08 -22.91 -25.34
N ASN D 41 -10.22 -21.94 -25.64
CA ASN D 41 -10.65 -20.55 -25.66
C ASN D 41 -11.62 -20.29 -26.81
N ARG D 42 -11.27 -20.73 -28.02
CA ARG D 42 -12.13 -20.49 -29.17
C ARG D 42 -13.44 -21.24 -29.05
N TYR D 43 -13.44 -22.41 -28.41
CA TYR D 43 -14.62 -23.25 -28.27
C TYR D 43 -14.75 -23.69 -26.81
N PRO D 44 -15.21 -22.79 -25.94
CA PRO D 44 -15.43 -23.19 -24.54
C PRO D 44 -16.45 -24.30 -24.38
N PHE D 45 -17.30 -24.52 -25.38
CA PHE D 45 -18.34 -25.55 -25.36
C PHE D 45 -18.19 -26.36 -26.64
N GLY D 46 -17.33 -27.38 -26.61
CA GLY D 46 -17.08 -28.21 -27.76
C GLY D 46 -17.61 -29.62 -27.58
N PRO D 47 -17.79 -30.34 -28.69
CA PRO D 47 -18.28 -31.72 -28.58
C PRO D 47 -17.36 -32.63 -27.77
N TYR D 48 -16.07 -32.33 -27.73
CA TYR D 48 -15.09 -33.10 -26.97
C TYR D 48 -14.33 -32.20 -26.00
N SER D 49 -15.06 -31.31 -25.34
CA SER D 49 -14.43 -30.42 -24.37
C SER D 49 -13.81 -31.21 -23.23
N GLN D 50 -14.47 -32.28 -22.79
CA GLN D 50 -13.92 -33.09 -21.72
C GLN D 50 -12.61 -33.76 -22.15
N GLN D 51 -12.57 -34.27 -23.38
CA GLN D 51 -11.33 -34.85 -23.89
C GLN D 51 -10.23 -33.80 -23.99
N VAL D 52 -10.59 -32.59 -24.42
CA VAL D 52 -9.61 -31.51 -24.49
C VAL D 52 -9.06 -31.21 -23.10
N GLN D 53 -9.94 -31.15 -22.10
CA GLN D 53 -9.50 -30.89 -20.74
C GLN D 53 -8.57 -31.98 -20.23
N LEU D 54 -8.91 -33.24 -20.50
CA LEU D 54 -8.05 -34.34 -20.07
C LEU D 54 -6.68 -34.27 -20.75
N ASP D 55 -6.67 -33.98 -22.04
CA ASP D 55 -5.40 -33.84 -22.76
C ASP D 55 -4.58 -32.69 -22.20
N LEU D 56 -5.25 -31.58 -21.86
CA LEU D 56 -4.55 -30.44 -21.29
C LEU D 56 -3.96 -30.80 -19.92
N ILE D 57 -4.70 -31.56 -19.12
CA ILE D 57 -4.16 -32.01 -17.83
C ILE D 57 -2.92 -32.86 -18.05
N TYR D 58 -2.99 -33.79 -19.00
CA TYR D 58 -1.84 -34.64 -19.30
C TYR D 58 -0.64 -33.81 -19.74
N ALA D 59 -0.87 -32.84 -20.62
CA ALA D 59 0.21 -31.99 -21.09
C ALA D 59 0.82 -31.17 -19.96
N TYR D 60 -0.02 -30.62 -19.09
CA TYR D 60 0.49 -29.88 -17.94
C TYR D 60 1.35 -30.77 -17.06
N TYR D 61 0.87 -31.99 -16.79
CA TYR D 61 1.65 -32.89 -15.95
C TYR D 61 3.00 -33.20 -16.58
N LYS D 62 3.02 -33.47 -17.89
CA LYS D 62 4.27 -33.85 -18.54
C LYS D 62 5.15 -32.68 -18.89
N ASN D 63 4.66 -31.44 -18.77
CA ASN D 63 5.45 -30.25 -19.06
C ASN D 63 5.89 -29.51 -17.80
N ALA D 64 5.74 -30.13 -16.63
CA ALA D 64 6.14 -29.54 -15.35
C ALA D 64 5.34 -28.30 -14.99
N ASP D 65 4.16 -28.11 -15.59
CA ASP D 65 3.28 -27.01 -15.22
C ASP D 65 2.35 -27.48 -14.10
N LEU D 66 2.97 -27.72 -12.94
CA LEU D 66 2.26 -28.35 -11.83
C LEU D 66 1.10 -27.52 -11.32
N PRO D 67 1.24 -26.21 -11.04
CA PRO D 67 0.08 -25.45 -10.56
C PRO D 67 -1.07 -25.44 -11.54
N LEU D 68 -0.78 -25.31 -12.83
CA LEU D 68 -1.84 -25.36 -13.83
C LEU D 68 -2.50 -26.74 -13.83
N ALA D 69 -1.70 -27.80 -13.65
CA ALA D 69 -2.27 -29.14 -13.56
C ALA D 69 -3.23 -29.24 -12.39
N GLN D 70 -2.83 -28.71 -11.23
CA GLN D 70 -3.72 -28.79 -10.07
C GLN D 70 -5.01 -28.02 -10.32
N ALA D 71 -4.90 -26.82 -10.89
CA ALA D 71 -6.10 -26.03 -11.17
C ALA D 71 -7.02 -26.77 -12.13
N ALA D 72 -6.45 -27.35 -13.19
CA ALA D 72 -7.26 -28.07 -14.17
C ALA D 72 -7.94 -29.28 -13.54
N ILE D 73 -7.21 -30.02 -12.71
CA ILE D 73 -7.81 -31.19 -12.06
C ILE D 73 -8.95 -30.76 -11.14
N ASP D 74 -8.73 -29.70 -10.36
CA ASP D 74 -9.79 -29.23 -9.47
C ASP D 74 -11.02 -28.82 -10.26
N ARG D 75 -10.83 -28.07 -11.35
CA ARG D 75 -11.96 -27.65 -12.17
C ARG D 75 -12.68 -28.85 -12.77
N PHE D 76 -11.92 -29.84 -13.26
CA PHE D 76 -12.55 -31.02 -13.84
C PHE D 76 -13.36 -31.79 -12.81
N ILE D 77 -12.82 -31.95 -11.60
CA ILE D 77 -13.56 -32.64 -10.55
C ILE D 77 -14.83 -31.88 -10.20
N ARG D 78 -14.72 -30.55 -10.09
CA ARG D 78 -15.90 -29.76 -9.75
C ARG D 78 -16.97 -29.87 -10.83
N LEU D 79 -16.58 -29.81 -12.09
CA LEU D 79 -17.56 -29.77 -13.17
C LEU D 79 -18.17 -31.15 -13.44
N ASN D 80 -17.36 -32.22 -13.38
CA ASN D 80 -17.81 -33.57 -13.71
C ASN D 80 -17.40 -34.52 -12.60
N PRO D 81 -18.03 -34.44 -11.43
CA PRO D 81 -17.69 -35.38 -10.35
C PRO D 81 -18.00 -36.83 -10.67
N THR D 82 -18.90 -37.09 -11.62
CA THR D 82 -19.37 -38.44 -11.92
C THR D 82 -18.92 -38.92 -13.30
N HIS D 83 -17.88 -38.31 -13.86
CA HIS D 83 -17.39 -38.75 -15.16
C HIS D 83 -16.92 -40.20 -15.06
N PRO D 84 -17.18 -41.04 -16.07
CA PRO D 84 -16.73 -42.43 -15.98
C PRO D 84 -15.24 -42.58 -15.75
N ASN D 85 -14.43 -41.72 -16.37
CA ASN D 85 -12.98 -41.76 -16.22
C ASN D 85 -12.51 -40.88 -15.07
N ILE D 86 -13.12 -41.07 -13.90
CA ILE D 86 -12.73 -40.29 -12.74
C ILE D 86 -11.46 -40.86 -12.10
N ASP D 87 -11.26 -42.17 -12.20
CA ASP D 87 -10.06 -42.78 -11.65
C ASP D 87 -8.81 -42.23 -12.31
N TYR D 88 -8.87 -41.98 -13.62
CA TYR D 88 -7.72 -41.42 -14.32
C TYR D 88 -7.34 -40.06 -13.76
N VAL D 89 -8.33 -39.18 -13.55
CA VAL D 89 -8.02 -37.85 -13.05
C VAL D 89 -7.53 -37.93 -11.61
N MET D 90 -8.09 -38.83 -10.81
CA MET D 90 -7.59 -39.00 -9.44
C MET D 90 -6.13 -39.46 -9.45
N TYR D 91 -5.79 -40.42 -10.32
CA TYR D 91 -4.42 -40.88 -10.43
C TYR D 91 -3.49 -39.76 -10.88
N MET D 92 -3.96 -38.93 -11.81
CA MET D 92 -3.16 -37.79 -12.26
C MET D 92 -2.95 -36.79 -11.12
N ARG D 93 -3.98 -36.59 -10.29
CA ARG D 93 -3.82 -35.74 -9.11
C ARG D 93 -2.74 -36.29 -8.20
N GLY D 94 -2.76 -37.60 -7.96
CA GLY D 94 -1.72 -38.20 -7.15
C GLY D 94 -0.35 -38.00 -7.74
N LEU D 95 -0.22 -38.22 -9.05
CA LEU D 95 1.08 -38.07 -9.70
C LEU D 95 1.58 -36.63 -9.67
N THR D 96 0.69 -35.66 -9.86
CA THR D 96 1.13 -34.27 -9.83
C THR D 96 1.52 -33.85 -8.41
N ASN D 97 0.81 -34.36 -7.40
CA ASN D 97 1.25 -34.11 -6.03
C ASN D 97 2.62 -34.71 -5.78
N MET D 98 2.85 -35.92 -6.28
CA MET D 98 4.18 -36.54 -6.16
C MET D 98 5.23 -35.66 -6.82
N ALA D 99 4.96 -35.19 -8.04
CA ALA D 99 5.94 -34.38 -8.76
C ALA D 99 6.23 -33.09 -8.01
N LEU D 100 5.19 -32.46 -7.46
CA LEU D 100 5.40 -31.27 -6.66
C LEU D 100 6.27 -31.57 -5.45
N ASP D 101 6.05 -32.71 -4.80
CA ASP D 101 6.91 -33.12 -3.69
C ASP D 101 8.35 -33.25 -4.14
N ASP D 102 8.56 -33.91 -5.28
CA ASP D 102 9.90 -34.11 -5.84
C ASP D 102 10.86 -34.67 -4.77
N ARG D 113 15.75 -36.68 -0.25
CA ARG D 113 15.65 -35.49 0.58
C ARG D 113 14.40 -35.53 1.46
N SER D 114 14.34 -36.53 2.34
CA SER D 114 13.17 -36.70 3.19
C SER D 114 12.96 -35.52 4.12
N ASP D 115 13.98 -34.70 4.35
CA ASP D 115 13.89 -33.62 5.33
C ASP D 115 13.03 -32.46 4.84
N ARG D 116 12.66 -32.43 3.56
CA ARG D 116 11.90 -31.30 3.04
C ARG D 116 10.45 -31.37 3.54
N ASP D 117 9.64 -30.42 3.09
CA ASP D 117 8.27 -30.32 3.55
C ASP D 117 7.48 -31.55 3.10
N PRO D 118 6.83 -32.26 4.02
CA PRO D 118 6.04 -33.44 3.62
C PRO D 118 4.56 -33.17 3.36
N GLN D 119 4.13 -31.91 3.27
CA GLN D 119 2.71 -31.63 3.03
C GLN D 119 2.26 -32.19 1.68
N HIS D 120 3.09 -32.05 0.65
CA HIS D 120 2.75 -32.61 -0.65
C HIS D 120 2.69 -34.13 -0.58
N ALA D 121 3.59 -34.74 0.19
CA ALA D 121 3.54 -36.19 0.38
C ALA D 121 2.24 -36.60 1.03
N ARG D 122 1.80 -35.87 2.05
CA ARG D 122 0.54 -36.19 2.70
C ARG D 122 -0.64 -36.03 1.74
N ALA D 123 -0.63 -34.98 0.93
CA ALA D 123 -1.71 -34.79 -0.03
C ALA D 123 -1.75 -35.94 -1.04
N ALA D 124 -0.58 -36.34 -1.53
CA ALA D 124 -0.53 -37.46 -2.47
C ALA D 124 -1.01 -38.74 -1.81
N PHE D 125 -0.62 -38.97 -0.56
CA PHE D 125 -1.08 -40.15 0.16
C PHE D 125 -2.60 -40.15 0.27
N SER D 126 -3.18 -39.00 0.62
CA SER D 126 -4.64 -38.92 0.72
C SER D 126 -5.31 -39.21 -0.62
N ASP D 127 -4.78 -38.63 -1.70
CA ASP D 127 -5.37 -38.84 -3.02
C ASP D 127 -5.31 -40.31 -3.42
N PHE D 128 -4.14 -40.94 -3.21
CA PHE D 128 -4.00 -42.34 -3.59
C PHE D 128 -4.87 -43.25 -2.73
N SER D 129 -4.98 -42.94 -1.43
CA SER D 129 -5.87 -43.72 -0.58
C SER D 129 -7.31 -43.61 -1.07
N LYS D 130 -7.75 -42.40 -1.41
CA LYS D 130 -9.09 -42.22 -1.95
C LYS D 130 -9.27 -43.06 -3.21
N LEU D 131 -8.30 -43.00 -4.12
CA LEU D 131 -8.43 -43.72 -5.39
C LEU D 131 -8.53 -45.22 -5.16
N VAL D 132 -7.63 -45.77 -4.33
CA VAL D 132 -7.60 -47.21 -4.14
C VAL D 132 -8.85 -47.68 -3.40
N ARG D 133 -9.33 -46.90 -2.43
CA ARG D 133 -10.53 -47.29 -1.71
C ARG D 133 -11.79 -47.12 -2.54
N GLY D 134 -11.77 -46.25 -3.55
CA GLY D 134 -12.94 -46.02 -4.36
C GLY D 134 -13.07 -46.97 -5.55
N TYR D 135 -11.99 -47.09 -6.33
CA TYR D 135 -12.01 -47.86 -7.58
C TYR D 135 -10.85 -48.85 -7.56
N PRO D 136 -11.00 -49.95 -6.83
CA PRO D 136 -9.91 -50.94 -6.73
C PRO D 136 -9.75 -51.83 -7.95
N ASN D 137 -10.64 -51.72 -8.94
CA ASN D 137 -10.60 -52.58 -10.13
C ASN D 137 -10.13 -51.82 -11.36
N SER D 138 -9.51 -50.66 -11.18
CA SER D 138 -9.02 -49.87 -12.30
C SER D 138 -7.54 -50.18 -12.57
N GLN D 139 -7.10 -49.87 -13.79
CA GLN D 139 -5.72 -50.17 -14.18
C GLN D 139 -4.70 -49.40 -13.35
N TYR D 140 -5.10 -48.32 -12.69
CA TYR D 140 -4.19 -47.43 -11.97
C TYR D 140 -4.19 -47.71 -10.47
N THR D 141 -4.31 -48.98 -10.08
CA THR D 141 -4.41 -49.34 -8.66
C THR D 141 -3.12 -49.91 -8.09
N THR D 142 -2.45 -50.81 -8.81
CA THR D 142 -1.20 -51.38 -8.29
C THR D 142 -0.12 -50.31 -8.15
N ASP D 143 0.00 -49.44 -9.16
CA ASP D 143 0.93 -48.32 -9.04
C ASP D 143 0.55 -47.43 -7.88
N ALA D 144 -0.76 -47.25 -7.64
CA ALA D 144 -1.19 -46.47 -6.50
C ALA D 144 -0.73 -47.09 -5.19
N THR D 145 -0.85 -48.42 -5.06
CA THR D 145 -0.39 -49.08 -3.85
C THR D 145 1.12 -48.92 -3.66
N LYS D 146 1.88 -49.11 -4.73
CA LYS D 146 3.34 -48.97 -4.63
C LYS D 146 3.72 -47.56 -4.21
N ARG D 147 3.09 -46.55 -4.84
CA ARG D 147 3.40 -45.17 -4.50
C ARG D 147 2.97 -44.85 -3.08
N LEU D 148 1.86 -45.43 -2.62
CA LEU D 148 1.43 -45.23 -1.23
C LEU D 148 2.46 -45.81 -0.27
N VAL D 149 3.00 -46.98 -0.58
CA VAL D 149 4.04 -47.57 0.25
C VAL D 149 5.25 -46.64 0.31
N PHE D 150 5.67 -46.15 -0.86
CA PHE D 150 6.83 -45.25 -0.89
C PHE D 150 6.57 -43.99 -0.08
N LEU D 151 5.36 -43.43 -0.17
CA LEU D 151 5.03 -42.21 0.54
C LEU D 151 5.02 -42.44 2.04
N LYS D 152 4.47 -43.57 2.49
CA LYS D 152 4.50 -43.88 3.91
C LYS D 152 5.94 -44.01 4.39
N ASP D 153 6.78 -44.67 3.61
CA ASP D 153 8.19 -44.77 3.99
C ASP D 153 8.84 -43.39 4.07
N ARG D 154 8.51 -42.51 3.12
CA ARG D 154 9.10 -41.17 3.13
C ARG D 154 8.67 -40.38 4.37
N LEU D 155 7.39 -40.44 4.70
CA LEU D 155 6.92 -39.73 5.89
C LEU D 155 7.59 -40.27 7.15
N ALA D 156 7.70 -41.60 7.25
CA ALA D 156 8.37 -42.19 8.40
C ALA D 156 9.83 -41.76 8.46
N LYS D 157 10.48 -41.67 7.30
CA LYS D 157 11.87 -41.21 7.27
C LYS D 157 11.99 -39.78 7.76
N TYR D 158 11.06 -38.91 7.36
CA TYR D 158 11.10 -37.52 7.83
C TYR D 158 10.93 -37.46 9.34
N GLU D 159 9.97 -38.23 9.88
CA GLU D 159 9.78 -38.23 11.32
C GLU D 159 11.03 -38.76 12.03
N TYR D 160 11.65 -39.80 11.49
CA TYR D 160 12.88 -40.31 12.08
C TYR D 160 13.98 -39.25 12.04
N SER D 161 14.07 -38.50 10.95
CA SER D 161 15.10 -37.47 10.84
C SER D 161 14.92 -36.40 11.91
N VAL D 162 13.68 -35.92 12.09
CA VAL D 162 13.46 -34.91 13.12
C VAL D 162 13.72 -35.48 14.51
N ALA D 163 13.35 -36.75 14.73
CA ALA D 163 13.62 -37.37 16.02
C ALA D 163 15.12 -37.46 16.28
N GLU D 164 15.89 -37.83 15.26
CA GLU D 164 17.35 -37.91 15.43
C GLU D 164 17.94 -36.53 15.70
N TYR D 165 17.45 -35.51 15.01
CA TYR D 165 17.93 -34.16 15.28
C TYR D 165 17.68 -33.77 16.73
N TYR D 166 16.47 -34.03 17.23
CA TYR D 166 16.18 -33.68 18.62
C TYR D 166 17.02 -34.50 19.58
N THR D 167 17.27 -35.77 19.25
CA THR D 167 18.12 -36.61 20.08
C THR D 167 19.52 -36.00 20.19
N GLU D 168 20.07 -35.56 19.07
CA GLU D 168 21.38 -34.94 19.11
C GLU D 168 21.34 -33.64 19.90
N ARG D 169 20.26 -32.87 19.73
CA ARG D 169 20.12 -31.61 20.45
C ARG D 169 20.14 -31.82 21.95
N GLY D 170 19.46 -32.86 22.43
CA GLY D 170 19.42 -33.19 23.84
C GLY D 170 18.02 -33.34 24.40
N ALA D 171 17.02 -32.73 23.76
CA ALA D 171 15.64 -32.88 24.22
C ALA D 171 15.26 -34.35 24.24
N TRP D 172 15.07 -34.91 25.44
CA TRP D 172 14.74 -36.31 25.60
C TRP D 172 13.24 -36.54 25.73
N VAL D 173 12.43 -35.50 25.64
CA VAL D 173 10.99 -35.61 25.67
C VAL D 173 10.38 -35.55 24.28
N ALA D 174 10.84 -34.60 23.47
CA ALA D 174 10.39 -34.53 22.09
C ALA D 174 10.74 -35.80 21.33
N VAL D 175 11.92 -36.37 21.61
CA VAL D 175 12.34 -37.59 20.91
C VAL D 175 11.36 -38.72 21.20
N VAL D 176 11.07 -38.95 22.49
CA VAL D 176 10.19 -40.06 22.84
C VAL D 176 8.80 -39.81 22.30
N ASN D 177 8.29 -38.58 22.41
CA ASN D 177 6.96 -38.28 21.90
C ASN D 177 6.88 -38.53 20.40
N ARG D 178 7.88 -38.07 19.65
CA ARG D 178 7.83 -38.17 18.20
C ARG D 178 7.99 -39.62 17.75
N VAL D 179 8.86 -40.39 18.40
CA VAL D 179 8.99 -41.79 17.98
C VAL D 179 7.78 -42.60 18.42
N GLU D 180 7.13 -42.22 19.52
CA GLU D 180 5.87 -42.85 19.87
C GLU D 180 4.81 -42.57 18.82
N GLY D 181 4.76 -41.32 18.33
CA GLY D 181 3.87 -41.02 17.22
C GLY D 181 4.22 -41.82 15.98
N MET D 182 5.52 -42.01 15.73
CA MET D 182 5.94 -42.83 14.60
C MET D 182 5.44 -44.26 14.75
N LEU D 183 5.55 -44.82 15.95
CA LEU D 183 5.02 -46.16 16.19
C LEU D 183 3.51 -46.19 15.97
N ARG D 184 2.81 -45.15 16.44
CA ARG D 184 1.37 -45.12 16.32
C ARG D 184 0.91 -45.06 14.86
N ASP D 185 1.60 -44.24 14.05
CA ASP D 185 1.13 -43.95 12.69
C ASP D 185 1.72 -44.86 11.63
N TYR D 186 3.01 -45.19 11.73
CA TYR D 186 3.70 -46.00 10.72
C TYR D 186 4.37 -47.18 11.44
N PRO D 187 3.57 -48.13 11.93
CA PRO D 187 4.14 -49.21 12.74
C PRO D 187 4.97 -50.20 11.96
N ASP D 188 4.99 -50.14 10.63
CA ASP D 188 5.61 -51.17 9.79
C ASP D 188 6.60 -50.56 8.82
N THR D 189 7.50 -49.69 9.32
CA THR D 189 8.46 -49.01 8.47
C THR D 189 9.87 -49.11 9.04
N GLN D 190 10.83 -49.17 8.13
CA GLN D 190 12.23 -49.23 8.52
C GLN D 190 12.61 -48.01 9.34
N ALA D 191 11.94 -46.89 9.14
CA ALA D 191 12.20 -45.71 9.96
C ALA D 191 11.91 -46.00 11.43
N THR D 192 10.78 -46.61 11.73
CA THR D 192 10.48 -46.99 13.11
C THR D 192 11.46 -48.06 13.59
N ARG D 193 11.78 -49.03 12.73
CA ARG D 193 12.72 -50.07 13.13
C ARG D 193 14.05 -49.47 13.57
N ASP D 194 14.53 -48.46 12.85
CA ASP D 194 15.78 -47.80 13.20
C ASP D 194 15.61 -46.73 14.27
N ALA D 195 14.38 -46.30 14.55
CA ALA D 195 14.14 -45.26 15.52
C ALA D 195 13.92 -45.78 16.93
N LEU D 196 13.50 -47.03 17.07
CA LEU D 196 13.33 -47.60 18.41
C LEU D 196 14.56 -47.42 19.29
N PRO D 197 15.79 -47.63 18.80
CA PRO D 197 16.96 -47.34 19.66
C PRO D 197 17.01 -45.91 20.15
N LEU D 198 16.46 -44.96 19.41
CA LEU D 198 16.43 -43.58 19.91
C LEU D 198 15.55 -43.47 21.15
N MET D 199 14.40 -44.14 21.16
CA MET D 199 13.58 -44.18 22.36
C MET D 199 14.32 -44.85 23.50
N GLU D 200 15.01 -45.96 23.21
CA GLU D 200 15.74 -46.65 24.26
C GLU D 200 16.80 -45.72 24.87
N ASN D 201 17.52 -45.00 24.01
CA ASN D 201 18.55 -44.10 24.49
C ASN D 201 17.96 -42.95 25.30
N ALA D 202 16.84 -42.39 24.84
CA ALA D 202 16.22 -41.29 25.59
C ALA D 202 15.77 -41.76 26.97
N TYR D 203 15.09 -42.90 27.03
CA TYR D 203 14.64 -43.40 28.32
C TYR D 203 15.81 -43.70 29.24
N ARG D 204 16.89 -44.27 28.70
CA ARG D 204 18.08 -44.52 29.52
C ARG D 204 18.68 -43.22 30.02
N GLN D 205 18.72 -42.20 29.15
CA GLN D 205 19.28 -40.91 29.56
C GLN D 205 18.48 -40.30 30.70
N MET D 206 17.15 -40.39 30.63
CA MET D 206 16.31 -39.84 31.68
C MET D 206 16.16 -40.78 32.87
N GLN D 207 16.92 -41.89 32.90
CA GLN D 207 16.89 -42.83 34.01
C GLN D 207 15.54 -43.53 34.13
N MET D 208 14.83 -43.68 33.01
CA MET D 208 13.56 -44.41 32.99
C MET D 208 13.82 -45.85 32.53
N ASN D 209 14.49 -46.60 33.41
CA ASN D 209 14.83 -47.98 33.09
C ASN D 209 13.58 -48.82 32.87
N ALA D 210 12.48 -48.49 33.56
CA ALA D 210 11.25 -49.25 33.39
C ALA D 210 10.80 -49.27 31.95
N GLN D 211 10.99 -48.16 31.23
CA GLN D 211 10.65 -48.11 29.81
C GLN D 211 11.81 -48.51 28.92
N ALA D 212 13.05 -48.27 29.37
CA ALA D 212 14.20 -48.68 28.58
C ALA D 212 14.23 -50.18 28.39
N GLU D 213 13.91 -50.95 29.43
CA GLU D 213 13.87 -52.39 29.30
C GLU D 213 12.78 -52.83 28.33
N LYS D 214 11.63 -52.16 28.35
CA LYS D 214 10.57 -52.50 27.40
C LYS D 214 11.01 -52.23 25.98
N VAL D 215 11.68 -51.10 25.74
CA VAL D 215 12.15 -50.80 24.39
C VAL D 215 13.22 -51.80 23.96
N ALA D 216 14.09 -52.19 24.89
CA ALA D 216 15.09 -53.21 24.57
C ALA D 216 14.44 -54.51 24.17
N LYS D 217 13.40 -54.92 24.90
CA LYS D 217 12.68 -56.14 24.55
C LYS D 217 12.02 -56.02 23.18
N ILE D 218 11.40 -54.87 22.89
CA ILE D 218 10.74 -54.71 21.61
C ILE D 218 11.76 -54.78 20.48
N ILE D 219 12.94 -54.20 20.69
CA ILE D 219 13.97 -54.24 19.66
C ILE D 219 14.47 -55.67 19.48
N ALA D 220 14.74 -56.37 20.58
CA ALA D 220 15.30 -57.71 20.47
C ALA D 220 14.33 -58.67 19.80
N ALA D 221 13.04 -58.58 20.15
CA ALA D 221 12.05 -59.51 19.60
C ALA D 221 11.79 -59.28 18.11
N ASN D 222 12.27 -58.18 17.54
CA ASN D 222 12.02 -57.85 16.14
C ASN D 222 13.24 -58.12 15.26
N SER D 223 14.38 -57.53 15.59
CA SER D 223 15.59 -57.71 14.80
C SER D 223 16.47 -58.79 15.40
N TYR E 9 27.08 -21.05 26.40
CA TYR E 9 27.20 -21.01 24.91
C TYR E 9 25.85 -21.32 24.28
N ARG E 10 25.34 -22.50 24.56
CA ARG E 10 24.05 -22.94 24.04
C ARG E 10 22.92 -22.22 24.78
N PRO E 11 21.75 -22.15 24.16
CA PRO E 11 20.59 -21.57 24.84
C PRO E 11 19.97 -22.54 25.83
N ASP E 12 19.10 -22.01 26.68
CA ASP E 12 18.41 -22.84 27.66
C ASP E 12 17.53 -23.86 26.95
N ILE E 13 17.49 -25.08 27.48
CA ILE E 13 16.64 -26.14 26.98
C ILE E 13 15.69 -26.57 28.09
N ASN E 14 14.41 -26.65 27.77
CA ASN E 14 13.39 -27.07 28.71
C ASN E 14 12.72 -28.33 28.19
N GLN E 15 12.28 -29.18 29.12
CA GLN E 15 11.69 -30.46 28.75
C GLN E 15 10.68 -30.87 29.80
N GLY E 16 9.58 -31.49 29.34
CA GLY E 16 8.58 -32.02 30.24
C GLY E 16 7.71 -30.94 30.85
N ASN E 17 6.85 -31.39 31.77
CA ASN E 17 5.94 -30.49 32.46
C ASN E 17 6.69 -29.69 33.52
N TYR E 18 5.99 -28.71 34.08
CA TYR E 18 6.53 -27.85 35.13
C TYR E 18 5.91 -28.23 36.46
N LEU E 19 6.75 -28.53 37.44
CA LEU E 19 6.32 -28.86 38.80
C LEU E 19 6.73 -27.75 39.74
N THR E 20 5.78 -27.25 40.51
CA THR E 20 6.02 -26.11 41.41
C THR E 20 6.42 -26.54 42.80
N ALA E 21 6.50 -27.85 43.07
CA ALA E 21 6.81 -28.41 44.39
C ALA E 21 5.68 -28.22 45.38
N ASN E 22 4.61 -27.54 45.00
CA ASN E 22 3.44 -27.35 45.86
C ASN E 22 2.23 -28.15 45.36
N ASP E 23 1.95 -28.08 44.04
CA ASP E 23 0.85 -28.86 43.49
C ASP E 23 1.08 -30.35 43.67
N VAL E 24 2.34 -30.78 43.77
CA VAL E 24 2.63 -32.18 44.00
C VAL E 24 2.06 -32.62 45.34
N SER E 25 2.12 -31.74 46.34
CA SER E 25 1.53 -32.06 47.65
C SER E 25 0.01 -32.11 47.60
N LYS E 26 -0.60 -31.51 46.57
CA LYS E 26 -2.06 -31.46 46.49
C LYS E 26 -2.68 -32.79 46.09
N ILE E 27 -1.90 -33.71 45.53
CA ILE E 27 -2.42 -34.96 44.99
C ILE E 27 -2.27 -36.05 46.03
N ARG E 28 -3.37 -36.68 46.39
CA ARG E 28 -3.40 -37.81 47.31
C ARG E 28 -3.51 -39.10 46.52
N VAL E 29 -3.70 -40.21 47.23
CA VAL E 29 -3.86 -41.52 46.62
C VAL E 29 -5.34 -41.75 46.34
N GLY E 30 -5.64 -42.37 45.20
CA GLY E 30 -7.01 -42.67 44.82
C GLY E 30 -7.67 -41.61 43.97
N MET E 31 -7.02 -40.47 43.75
CA MET E 31 -7.63 -39.41 42.96
C MET E 31 -7.77 -39.86 41.51
N THR E 32 -8.79 -39.34 40.83
CA THR E 32 -9.08 -39.76 39.48
C THR E 32 -8.20 -39.04 38.46
N GLN E 33 -8.23 -39.52 37.22
CA GLN E 33 -7.43 -38.93 36.16
C GLN E 33 -7.80 -37.47 35.93
N GLN E 34 -9.10 -37.17 35.93
CA GLN E 34 -9.53 -35.79 35.78
C GLN E 34 -8.99 -34.93 36.92
N GLN E 35 -9.03 -35.46 38.15
CA GLN E 35 -8.55 -34.69 39.30
C GLN E 35 -7.06 -34.40 39.19
N VAL E 36 -6.26 -35.41 38.82
CA VAL E 36 -4.83 -35.18 38.71
C VAL E 36 -4.53 -34.22 37.57
N ALA E 37 -5.26 -34.32 36.46
CA ALA E 37 -5.06 -33.38 35.37
C ALA E 37 -5.39 -31.96 35.79
N TYR E 38 -6.48 -31.78 36.54
CA TYR E 38 -6.82 -30.45 37.02
C TYR E 38 -5.76 -29.92 37.97
N ALA E 39 -5.24 -30.77 38.86
CA ALA E 39 -4.26 -30.33 39.84
C ALA E 39 -2.96 -29.93 39.15
N LEU E 40 -2.43 -30.80 38.29
CA LEU E 40 -1.14 -30.58 37.64
C LEU E 40 -1.28 -30.22 36.17
N GLY E 41 -1.98 -31.04 35.40
CA GLY E 41 -2.11 -30.86 33.96
C GLY E 41 -1.81 -32.13 33.20
N THR E 42 -2.19 -32.12 31.94
CA THR E 42 -2.00 -33.29 31.10
C THR E 42 -0.52 -33.61 30.98
N PRO E 43 -0.09 -34.84 31.23
CA PRO E 43 1.33 -35.17 31.08
C PRO E 43 1.74 -35.18 29.62
N LEU E 44 3.04 -34.97 29.40
CA LEU E 44 3.62 -35.03 28.08
C LEU E 44 4.11 -36.44 27.72
N MET E 45 3.88 -37.42 28.59
CA MET E 45 4.30 -38.79 28.34
C MET E 45 3.28 -39.76 28.90
N SER E 46 3.38 -41.01 28.46
CA SER E 46 2.56 -42.09 28.97
C SER E 46 3.31 -43.38 28.71
N ASP E 47 2.77 -44.48 29.23
CA ASP E 47 3.35 -45.78 28.97
C ASP E 47 2.49 -46.50 27.94
N PRO E 48 2.75 -46.29 26.64
CA PRO E 48 1.88 -46.92 25.62
C PRO E 48 1.92 -48.43 25.64
N PHE E 49 2.95 -49.04 26.24
CA PHE E 49 3.12 -50.49 26.22
C PHE E 49 2.19 -51.13 27.25
N GLY E 50 0.89 -51.06 26.95
CA GLY E 50 -0.11 -51.75 27.74
C GLY E 50 -0.55 -51.02 28.99
N THR E 51 0.29 -51.04 30.02
CA THR E 51 -0.09 -50.45 31.30
C THR E 51 -0.24 -48.94 31.16
N ASN E 52 -1.29 -48.40 31.77
CA ASN E 52 -1.54 -46.96 31.75
C ASN E 52 -0.76 -46.32 32.89
N THR E 53 0.28 -45.56 32.54
CA THR E 53 1.12 -44.90 33.52
C THR E 53 1.45 -43.50 33.03
N TRP E 54 1.38 -42.53 33.93
CA TRP E 54 1.68 -41.14 33.61
C TRP E 54 3.03 -40.76 34.19
N PHE E 55 3.92 -40.26 33.33
CA PHE E 55 5.27 -39.87 33.72
C PHE E 55 5.40 -38.36 33.64
N TYR E 56 5.51 -37.71 34.80
CA TYR E 56 5.76 -36.28 34.86
C TYR E 56 7.26 -36.05 35.08
N VAL E 57 7.89 -35.40 34.12
CA VAL E 57 9.33 -35.15 34.16
C VAL E 57 9.56 -33.64 34.13
N PHE E 58 10.39 -33.15 35.04
CA PHE E 58 10.70 -31.73 35.17
C PHE E 58 12.19 -31.56 34.94
N ARG E 59 12.58 -31.37 33.69
CA ARG E 59 13.98 -31.30 33.28
C ARG E 59 14.29 -29.90 32.77
N GLN E 60 15.32 -29.27 33.34
CA GLN E 60 15.78 -27.96 32.89
C GLN E 60 17.30 -27.95 32.92
N GLN E 61 17.89 -27.23 31.97
CA GLN E 61 19.34 -27.18 31.82
C GLN E 61 19.73 -25.83 31.23
N PRO E 62 20.04 -24.84 32.07
CA PRO E 62 20.52 -23.56 31.55
C PRO E 62 21.91 -23.69 30.93
N GLY E 63 22.46 -22.57 30.45
CA GLY E 63 23.72 -22.60 29.74
C GLY E 63 24.91 -23.00 30.58
N HIS E 64 25.42 -24.21 30.34
CA HIS E 64 26.63 -24.71 31.01
C HIS E 64 26.53 -24.55 32.52
N GLU E 65 25.42 -25.04 33.08
CA GLU E 65 25.18 -24.94 34.52
C GLU E 65 24.60 -26.23 35.08
N GLY E 66 24.94 -27.37 34.47
CA GLY E 66 24.47 -28.65 34.96
C GLY E 66 23.04 -28.95 34.54
N VAL E 67 22.53 -30.06 35.06
CA VAL E 67 21.18 -30.53 34.75
C VAL E 67 20.48 -30.91 36.05
N THR E 68 19.22 -30.51 36.19
CA THR E 68 18.39 -30.88 37.32
C THR E 68 17.11 -31.52 36.78
N GLN E 69 16.75 -32.68 37.33
CA GLN E 69 15.57 -33.41 36.88
C GLN E 69 14.80 -33.90 38.08
N GLN E 70 13.50 -33.61 38.11
CA GLN E 70 12.58 -34.13 39.11
C GLN E 70 11.56 -35.00 38.40
N THR E 71 11.50 -36.27 38.80
CA THR E 71 10.64 -37.26 38.16
C THR E 71 9.49 -37.60 39.09
N LEU E 72 8.27 -37.63 38.53
CA LEU E 72 7.07 -37.98 39.27
C LEU E 72 6.27 -38.95 38.40
N THR E 73 6.30 -40.23 38.76
CA THR E 73 5.62 -41.27 38.00
C THR E 73 4.35 -41.68 38.73
N LEU E 74 3.22 -41.65 38.03
CA LEU E 74 1.92 -42.00 38.59
C LEU E 74 1.42 -43.27 37.93
N THR E 75 1.10 -44.26 38.75
CA THR E 75 0.58 -45.55 38.29
C THR E 75 -0.88 -45.65 38.70
N PHE E 76 -1.76 -45.82 37.71
CA PHE E 76 -3.20 -45.90 37.94
C PHE E 76 -3.65 -47.36 37.85
N ASN E 77 -4.97 -47.57 37.94
CA ASN E 77 -5.58 -48.88 37.85
C ASN E 77 -6.39 -48.98 36.55
N SER E 78 -7.09 -50.11 36.40
CA SER E 78 -7.88 -50.33 35.20
C SER E 78 -9.02 -49.33 35.07
N SER E 79 -9.45 -48.71 36.16
CA SER E 79 -10.55 -47.75 36.16
C SER E 79 -10.06 -46.31 36.28
N GLY E 80 -8.79 -46.05 35.94
CA GLY E 80 -8.26 -44.71 36.03
C GLY E 80 -8.25 -44.15 37.44
N VAL E 81 -7.84 -44.95 38.41
CA VAL E 81 -7.78 -44.56 39.80
C VAL E 81 -6.33 -44.65 40.27
N LEU E 82 -5.84 -43.57 40.86
CA LEU E 82 -4.45 -43.52 41.32
C LEU E 82 -4.25 -44.50 42.47
N THR E 83 -3.23 -45.35 42.36
CA THR E 83 -2.95 -46.35 43.39
C THR E 83 -1.51 -46.35 43.88
N ASN E 84 -0.60 -45.65 43.20
CA ASN E 84 0.80 -45.60 43.63
C ASN E 84 1.40 -44.26 43.26
N ILE E 85 2.41 -43.86 44.01
CA ILE E 85 3.12 -42.60 43.78
C ILE E 85 4.60 -42.84 43.97
N ASP E 86 5.41 -42.26 43.08
CA ASP E 86 6.87 -42.31 43.20
C ASP E 86 7.42 -40.95 42.83
N ASN E 87 8.24 -40.38 43.71
CA ASN E 87 8.83 -39.07 43.50
C ASN E 87 10.35 -39.18 43.61
N LYS E 88 11.06 -38.65 42.62
CA LYS E 88 12.52 -38.63 42.62
C LYS E 88 12.98 -37.18 42.58
N PRO E 89 13.33 -36.58 43.72
CA PRO E 89 13.70 -35.16 43.71
C PRO E 89 14.86 -34.84 42.79
N ALA E 90 15.83 -35.73 42.68
CA ALA E 90 16.98 -35.51 41.80
C ALA E 90 17.44 -36.83 41.21
N LEU E 91 18.05 -36.75 40.05
CA LEU E 91 18.56 -37.94 39.39
C LEU E 91 19.79 -38.48 40.11
N SER E 92 20.04 -39.77 39.93
CA SER E 92 21.18 -40.41 40.56
C SER E 92 22.48 -40.02 39.83
N ALA F 5 -43.29 -19.24 -42.11
CA ALA F 5 -41.99 -18.94 -41.47
C ALA F 5 -42.18 -18.59 -39.99
N PRO F 6 -41.11 -18.67 -39.20
CA PRO F 6 -41.23 -18.32 -37.78
C PRO F 6 -41.67 -16.88 -37.60
N GLN F 7 -42.50 -16.65 -36.59
CA GLN F 7 -43.05 -15.33 -36.29
C GLN F 7 -42.57 -14.90 -34.91
N VAL F 8 -42.05 -13.66 -34.83
CA VAL F 8 -41.57 -13.13 -33.57
C VAL F 8 -42.75 -12.79 -32.67
N VAL F 9 -42.72 -13.29 -31.43
CA VAL F 9 -43.77 -13.02 -30.46
C VAL F 9 -43.36 -11.93 -29.48
N ASP F 10 -42.17 -12.04 -28.91
CA ASP F 10 -41.66 -11.07 -27.95
C ASP F 10 -40.16 -10.91 -28.15
N LYS F 11 -39.66 -9.74 -27.76
CA LYS F 11 -38.24 -9.43 -27.86
C LYS F 11 -37.85 -8.53 -26.70
N VAL F 12 -36.56 -8.29 -26.56
CA VAL F 12 -36.03 -7.37 -25.56
C VAL F 12 -35.82 -6.02 -26.23
N ALA F 13 -36.50 -5.00 -25.72
CA ALA F 13 -36.44 -3.66 -26.30
C ALA F 13 -35.35 -2.79 -25.67
N ALA F 14 -35.15 -2.91 -24.35
CA ALA F 14 -34.11 -2.15 -23.67
C ALA F 14 -33.66 -2.94 -22.45
N VAL F 15 -32.39 -2.77 -22.09
CA VAL F 15 -31.78 -3.45 -20.96
C VAL F 15 -31.51 -2.41 -19.87
N VAL F 16 -31.91 -2.74 -18.65
CA VAL F 16 -31.75 -1.83 -17.52
C VAL F 16 -30.56 -2.28 -16.69
N ASN F 17 -30.11 -1.40 -15.79
CA ASN F 17 -29.00 -1.74 -14.90
C ASN F 17 -29.29 -3.01 -14.12
N ASN F 18 -30.52 -3.17 -13.65
CA ASN F 18 -30.93 -4.35 -12.91
C ASN F 18 -32.30 -4.83 -13.42
N GLY F 19 -32.49 -4.78 -14.73
CA GLY F 19 -33.76 -5.17 -15.30
C GLY F 19 -33.68 -5.21 -16.82
N VAL F 20 -34.85 -5.43 -17.43
CA VAL F 20 -34.94 -5.55 -18.88
C VAL F 20 -36.32 -5.07 -19.32
N VAL F 21 -36.38 -4.53 -20.53
CA VAL F 21 -37.62 -4.07 -21.14
C VAL F 21 -37.92 -4.96 -22.34
N LEU F 22 -39.14 -5.46 -22.41
CA LEU F 22 -39.56 -6.37 -23.47
C LEU F 22 -40.32 -5.62 -24.55
N GLU F 23 -40.15 -6.07 -25.79
CA GLU F 23 -40.79 -5.42 -26.92
C GLU F 23 -42.31 -5.60 -26.90
N SER F 24 -42.82 -6.55 -26.12
CA SER F 24 -44.26 -6.74 -26.03
C SER F 24 -44.96 -5.60 -25.30
N ASP F 25 -44.24 -4.88 -24.42
CA ASP F 25 -44.86 -3.80 -23.67
C ASP F 25 -45.16 -2.61 -24.55
N VAL F 26 -44.29 -2.30 -25.51
CA VAL F 26 -44.51 -1.14 -26.38
C VAL F 26 -45.71 -1.38 -27.28
N ASP F 27 -45.88 -2.62 -27.77
CA ASP F 27 -47.01 -2.92 -28.64
C ASP F 27 -48.33 -2.74 -27.90
N GLY F 28 -48.39 -3.17 -26.64
CA GLY F 28 -49.64 -3.06 -25.90
C GLY F 28 -50.10 -1.62 -25.75
N LEU F 29 -49.18 -0.73 -25.36
CA LEU F 29 -49.53 0.68 -25.24
C LEU F 29 -49.62 1.36 -26.59
N MET F 30 -48.91 0.84 -27.60
CA MET F 30 -49.02 1.38 -28.95
C MET F 30 -50.45 1.30 -29.46
N GLN F 31 -51.11 0.15 -29.23
CA GLN F 31 -52.51 0.02 -29.64
C GLN F 31 -53.42 0.86 -28.75
N SER F 32 -53.11 0.94 -27.45
CA SER F 32 -53.97 1.69 -26.54
C SER F 32 -54.03 3.17 -26.92
N VAL F 33 -52.87 3.76 -27.23
CA VAL F 33 -52.85 5.18 -27.61
C VAL F 33 -53.52 5.37 -28.96
N LYS F 34 -53.32 4.42 -29.89
CA LYS F 34 -53.98 4.52 -31.19
C LYS F 34 -55.50 4.47 -31.04
N LEU F 35 -56.00 3.56 -30.21
CA LEU F 35 -57.43 3.50 -29.95
C LEU F 35 -57.92 4.77 -29.26
N ASN F 36 -57.16 5.26 -28.29
CA ASN F 36 -57.55 6.48 -27.58
C ASN F 36 -57.56 7.69 -28.50
N ALA F 37 -56.63 7.73 -29.47
CA ALA F 37 -56.57 8.89 -30.36
C ALA F 37 -57.85 9.06 -31.15
N ALA F 38 -58.43 7.97 -31.64
CA ALA F 38 -59.66 8.07 -32.42
C ALA F 38 -60.80 8.67 -31.60
N GLN F 39 -60.93 8.24 -30.34
CA GLN F 39 -62.00 8.75 -29.49
C GLN F 39 -61.73 10.17 -29.00
N ALA F 40 -60.48 10.62 -29.06
CA ALA F 40 -60.10 11.91 -28.51
C ALA F 40 -60.09 13.03 -29.56
N ARG F 41 -60.51 12.73 -30.80
CA ARG F 41 -60.58 13.68 -31.90
C ARG F 41 -59.21 14.05 -32.45
N GLN F 42 -58.12 13.60 -31.83
CA GLN F 42 -56.77 13.92 -32.25
C GLN F 42 -56.25 12.78 -33.14
N GLN F 43 -56.03 13.09 -34.41
CA GLN F 43 -55.49 12.09 -35.33
C GLN F 43 -54.08 11.69 -34.92
N LEU F 44 -53.76 10.42 -35.13
CA LEU F 44 -52.47 9.84 -34.77
C LEU F 44 -51.89 9.11 -35.98
N PRO F 45 -51.41 9.86 -36.97
CA PRO F 45 -50.91 9.23 -38.20
C PRO F 45 -49.54 8.58 -38.03
N ASP F 46 -48.68 9.21 -37.23
CA ASP F 46 -47.31 8.71 -37.09
C ASP F 46 -47.30 7.31 -36.49
N ASP F 47 -46.48 6.44 -37.07
CA ASP F 47 -46.30 5.08 -36.58
C ASP F 47 -44.88 4.80 -36.12
N ALA F 48 -43.88 5.06 -36.98
CA ALA F 48 -42.50 4.81 -36.59
C ALA F 48 -42.04 5.77 -35.51
N THR F 49 -42.29 7.08 -35.72
CA THR F 49 -41.92 8.05 -34.70
C THR F 49 -42.72 7.86 -33.43
N LEU F 50 -44.03 7.58 -33.55
CA LEU F 50 -44.84 7.28 -32.39
C LEU F 50 -44.34 6.02 -31.68
N ARG F 51 -43.93 5.02 -32.47
CA ARG F 51 -43.31 3.83 -31.87
C ARG F 51 -42.05 4.22 -31.10
N HIS F 52 -41.28 5.17 -31.63
CA HIS F 52 -40.07 5.59 -30.94
C HIS F 52 -40.39 6.20 -29.59
N GLN F 53 -41.41 7.06 -29.53
CA GLN F 53 -41.73 7.75 -28.29
C GLN F 53 -42.21 6.79 -27.21
N ILE F 54 -43.04 5.81 -27.58
CA ILE F 54 -43.64 4.94 -26.57
C ILE F 54 -42.56 4.15 -25.84
N MET F 55 -41.53 3.71 -26.57
CA MET F 55 -40.44 2.98 -25.91
C MET F 55 -39.73 3.85 -24.89
N GLU F 56 -39.66 5.16 -25.14
CA GLU F 56 -39.08 6.06 -24.15
C GLU F 56 -39.92 6.05 -22.87
N ARG F 57 -41.25 6.03 -23.02
CA ARG F 57 -42.11 5.98 -21.84
C ARG F 57 -41.87 4.70 -21.05
N LEU F 58 -41.76 3.56 -21.74
CA LEU F 58 -41.46 2.31 -21.07
C LEU F 58 -40.08 2.36 -20.40
N ILE F 59 -39.10 2.94 -21.08
CA ILE F 59 -37.77 3.06 -20.51
C ILE F 59 -37.84 3.81 -19.18
N MET F 60 -38.51 4.95 -19.17
CA MET F 60 -38.71 5.68 -17.92
C MET F 60 -39.53 4.86 -16.94
N ASP F 61 -40.58 4.19 -17.43
CA ASP F 61 -41.42 3.39 -16.54
C ASP F 61 -40.63 2.26 -15.91
N GLN F 62 -39.82 1.57 -16.70
CA GLN F 62 -39.09 0.41 -16.17
C GLN F 62 -38.09 0.84 -15.11
N ILE F 63 -37.28 1.87 -15.41
CA ILE F 63 -36.27 2.30 -14.46
C ILE F 63 -36.91 2.87 -13.19
N ILE F 64 -37.96 3.67 -13.35
CA ILE F 64 -38.66 4.23 -12.19
C ILE F 64 -39.33 3.12 -11.40
N LEU F 65 -39.98 2.18 -12.09
CA LEU F 65 -40.60 1.05 -11.41
C LEU F 65 -39.57 0.20 -10.70
N GLN F 66 -38.37 0.08 -11.28
CA GLN F 66 -37.32 -0.73 -10.66
C GLN F 66 -36.95 -0.17 -9.30
N MET F 67 -36.80 1.15 -9.19
CA MET F 67 -36.42 1.76 -7.92
C MET F 67 -37.46 1.45 -6.85
N GLY F 68 -38.75 1.56 -7.19
CA GLY F 68 -39.79 1.26 -6.22
C GLY F 68 -39.63 -0.12 -5.62
N GLN F 69 -39.18 -1.09 -6.42
CA GLN F 69 -38.89 -2.41 -5.87
C GLN F 69 -37.71 -2.36 -4.92
N LYS F 70 -36.65 -1.61 -5.27
CA LYS F 70 -35.48 -1.54 -4.42
C LYS F 70 -35.81 -0.89 -3.08
N MET F 71 -36.56 0.22 -3.10
CA MET F 71 -36.89 0.93 -1.88
C MET F 71 -37.98 0.25 -1.07
N GLY F 72 -38.70 -0.70 -1.66
CA GLY F 72 -39.73 -1.42 -0.94
C GLY F 72 -41.09 -0.74 -1.04
N VAL F 73 -41.53 -0.45 -2.26
CA VAL F 73 -42.83 0.15 -2.53
C VAL F 73 -43.62 -0.82 -3.39
N LYS F 74 -44.83 -1.16 -2.94
CA LYS F 74 -45.68 -2.15 -3.60
C LYS F 74 -47.07 -1.56 -3.81
N ILE F 75 -47.93 -2.37 -4.42
CA ILE F 75 -49.32 -1.99 -4.67
C ILE F 75 -50.22 -3.07 -4.08
N SER F 76 -51.40 -2.64 -3.62
CA SER F 76 -52.38 -3.52 -3.03
C SER F 76 -53.44 -3.89 -4.05
N ASP F 77 -53.93 -5.13 -3.98
CA ASP F 77 -54.98 -5.56 -4.90
C ASP F 77 -56.25 -4.74 -4.71
N GLU F 78 -56.59 -4.42 -3.45
CA GLU F 78 -57.77 -3.61 -3.20
C GLU F 78 -57.65 -2.25 -3.87
N GLN F 79 -56.43 -1.72 -3.96
CA GLN F 79 -56.23 -0.43 -4.62
C GLN F 79 -56.65 -0.49 -6.08
N LEU F 80 -56.37 -1.61 -6.75
CA LEU F 80 -56.76 -1.76 -8.15
C LEU F 80 -58.27 -1.68 -8.29
N ASP F 81 -59.02 -2.29 -7.37
CA ASP F 81 -60.47 -2.21 -7.41
C ASP F 81 -60.92 -0.76 -7.30
N GLN F 82 -60.32 0.00 -6.37
CA GLN F 82 -60.61 1.42 -6.30
C GLN F 82 -60.14 2.14 -7.55
N ALA F 83 -58.97 1.75 -8.07
CA ALA F 83 -58.45 2.40 -9.28
C ALA F 83 -59.36 2.18 -10.48
N ILE F 84 -60.12 1.08 -10.49
CA ILE F 84 -61.04 0.84 -11.59
C ILE F 84 -62.08 1.95 -11.68
N ALA F 85 -62.40 2.58 -10.54
CA ALA F 85 -63.41 3.63 -10.56
C ALA F 85 -62.99 4.79 -11.46
N ASN F 86 -61.71 5.16 -11.43
CA ASN F 86 -61.21 6.30 -12.18
C ASN F 86 -60.26 5.91 -13.31
N ILE F 87 -59.34 4.97 -13.08
CA ILE F 87 -58.39 4.59 -14.12
C ILE F 87 -59.14 4.01 -15.32
N ALA F 88 -60.09 3.12 -15.05
CA ALA F 88 -60.95 2.55 -16.08
C ALA F 88 -62.17 3.41 -16.36
N LYS F 89 -62.33 4.53 -15.65
CA LYS F 89 -63.49 5.41 -15.82
C LYS F 89 -64.79 4.66 -15.62
N GLN F 90 -64.81 3.75 -14.63
CA GLN F 90 -66.03 3.02 -14.32
C GLN F 90 -67.14 3.98 -13.93
N ASN F 91 -66.81 5.10 -13.30
CA ASN F 91 -67.84 6.09 -12.97
C ASN F 91 -68.49 6.65 -14.23
N ASN F 92 -67.69 6.96 -15.25
CA ASN F 92 -68.24 7.47 -16.50
C ASN F 92 -69.05 6.38 -17.22
N MET F 93 -68.47 5.18 -17.35
CA MET F 93 -69.14 4.05 -17.97
C MET F 93 -69.29 2.97 -16.90
N THR F 94 -70.53 2.71 -16.48
CA THR F 94 -70.78 1.79 -15.37
C THR F 94 -70.59 0.35 -15.80
N LEU F 95 -69.34 -0.06 -16.00
CA LEU F 95 -69.02 -1.45 -16.34
C LEU F 95 -67.66 -1.77 -15.73
N ASP F 96 -67.68 -2.32 -14.52
CA ASP F 96 -66.45 -2.75 -13.86
C ASP F 96 -65.96 -4.10 -14.36
N GLN F 97 -66.82 -4.85 -15.04
CA GLN F 97 -66.40 -6.14 -15.60
C GLN F 97 -65.42 -5.92 -16.75
N MET F 98 -64.66 -6.96 -17.05
CA MET F 98 -63.69 -6.90 -18.14
C MET F 98 -64.35 -6.83 -19.50
N ARG F 99 -65.67 -7.05 -19.58
CA ARG F 99 -66.37 -7.01 -20.86
C ARG F 99 -66.16 -5.67 -21.57
N SER F 100 -65.96 -4.59 -20.81
CA SER F 100 -65.81 -3.28 -21.43
C SER F 100 -64.57 -3.22 -22.33
N ARG F 101 -63.55 -4.03 -22.04
CA ARG F 101 -62.29 -3.98 -22.79
C ARG F 101 -62.37 -4.87 -24.03
N LEU F 102 -63.29 -4.52 -24.92
CA LEU F 102 -63.46 -5.25 -26.17
C LEU F 102 -62.31 -5.03 -27.15
N ALA F 103 -61.44 -4.05 -26.89
CA ALA F 103 -60.47 -3.64 -27.89
C ALA F 103 -59.46 -4.75 -28.19
N TYR F 104 -58.85 -5.32 -27.14
CA TYR F 104 -57.79 -6.29 -27.33
C TYR F 104 -57.52 -7.00 -26.01
N ASP F 105 -56.53 -7.89 -26.02
CA ASP F 105 -56.09 -8.71 -24.90
C ASP F 105 -57.08 -9.82 -24.55
N GLY F 106 -58.13 -10.00 -25.34
CA GLY F 106 -59.03 -11.12 -25.13
C GLY F 106 -59.69 -11.13 -23.77
N LEU F 107 -59.94 -9.97 -23.19
CA LEU F 107 -60.61 -9.88 -21.89
C LEU F 107 -59.85 -10.66 -20.82
N ASN F 108 -58.53 -10.51 -20.80
CA ASN F 108 -57.69 -11.20 -19.84
C ASN F 108 -57.58 -10.36 -18.57
N TYR F 109 -58.04 -10.92 -17.45
CA TYR F 109 -58.11 -10.16 -16.20
C TYR F 109 -56.72 -9.75 -15.72
N ASN F 110 -55.78 -10.69 -15.69
CA ASN F 110 -54.48 -10.41 -15.09
C ASN F 110 -53.71 -9.35 -15.88
N THR F 111 -53.76 -9.42 -17.20
CA THR F 111 -52.95 -8.52 -18.03
C THR F 111 -53.32 -7.06 -17.77
N TYR F 112 -54.61 -6.73 -17.84
CA TYR F 112 -55.03 -5.34 -17.66
C TYR F 112 -54.81 -4.88 -16.23
N ARG F 113 -55.05 -5.75 -15.25
CA ARG F 113 -54.80 -5.37 -13.86
C ARG F 113 -53.34 -5.05 -13.64
N ASN F 114 -52.44 -5.87 -14.21
CA ASN F 114 -51.02 -5.53 -14.15
C ASN F 114 -50.73 -4.25 -14.89
N GLN F 115 -51.45 -4.00 -16.00
CA GLN F 115 -51.30 -2.73 -16.70
C GLN F 115 -51.70 -1.56 -15.82
N ILE F 116 -52.78 -1.72 -15.05
CA ILE F 116 -53.18 -0.67 -14.12
C ILE F 116 -52.15 -0.51 -13.01
N ARG F 117 -51.54 -1.63 -12.59
CA ARG F 117 -50.53 -1.56 -11.52
C ARG F 117 -49.36 -0.69 -11.94
N LYS F 118 -48.89 -0.81 -13.18
CA LYS F 118 -47.74 -0.05 -13.63
C LYS F 118 -48.03 1.45 -13.60
N GLU F 119 -49.26 1.85 -13.98
CA GLU F 119 -49.57 3.26 -14.12
C GLU F 119 -49.46 3.99 -12.79
N MET F 120 -49.95 3.37 -11.72
CA MET F 120 -49.97 4.02 -10.42
C MET F 120 -48.66 3.86 -9.65
N ILE F 121 -47.99 2.72 -9.79
CA ILE F 121 -46.76 2.50 -9.04
C ILE F 121 -45.71 3.54 -9.41
N ILE F 122 -45.62 3.89 -10.69
CA ILE F 122 -44.71 4.95 -11.11
C ILE F 122 -45.15 6.27 -10.51
N SER F 123 -46.46 6.55 -10.54
CA SER F 123 -46.95 7.83 -10.03
C SER F 123 -46.67 7.97 -8.54
N GLU F 124 -46.91 6.91 -7.77
CA GLU F 124 -46.73 7.00 -6.32
C GLU F 124 -45.28 7.32 -5.96
N VAL F 125 -44.34 6.54 -6.49
CA VAL F 125 -42.93 6.79 -6.20
C VAL F 125 -42.50 8.13 -6.79
N ARG F 126 -42.95 8.45 -7.99
CA ARG F 126 -42.60 9.73 -8.60
C ARG F 126 -43.10 10.89 -7.77
N ASN F 127 -44.34 10.80 -7.28
CA ASN F 127 -44.89 11.87 -6.44
C ASN F 127 -44.09 12.01 -5.15
N ASN F 128 -43.75 10.88 -4.52
CA ASN F 128 -43.02 10.93 -3.26
C ASN F 128 -41.61 11.50 -3.46
N GLU F 129 -40.89 11.01 -4.48
CA GLU F 129 -39.52 11.45 -4.68
C GLU F 129 -39.46 12.94 -5.00
N VAL F 130 -40.36 13.42 -5.86
CA VAL F 130 -40.36 14.83 -6.21
C VAL F 130 -40.82 15.67 -5.02
N ARG F 131 -41.83 15.18 -4.28
CA ARG F 131 -42.35 15.95 -3.15
C ARG F 131 -41.28 16.18 -2.09
N ARG F 132 -40.51 15.14 -1.76
CA ARG F 132 -39.45 15.29 -0.77
C ARG F 132 -38.32 16.20 -1.27
N ARG F 133 -38.23 16.41 -2.59
CA ARG F 133 -37.23 17.31 -3.14
C ARG F 133 -37.64 18.76 -3.08
N ILE F 134 -38.90 19.06 -2.78
CA ILE F 134 -39.37 20.44 -2.80
C ILE F 134 -38.86 21.18 -1.56
N THR F 135 -38.67 22.48 -1.72
CA THR F 135 -38.33 23.37 -0.62
C THR F 135 -39.23 24.60 -0.70
N ILE F 136 -39.78 25.01 0.44
CA ILE F 136 -40.73 26.10 0.50
C ILE F 136 -40.19 27.17 1.45
N LEU F 137 -40.21 28.42 1.01
CA LEU F 137 -39.79 29.54 1.85
C LEU F 137 -41.00 30.33 2.32
N PRO F 138 -41.04 30.75 3.59
CA PRO F 138 -42.14 31.64 4.01
C PRO F 138 -42.21 32.92 3.19
N GLN F 139 -41.07 33.39 2.69
CA GLN F 139 -41.07 34.60 1.87
C GLN F 139 -41.91 34.40 0.61
N GLU F 140 -41.74 33.26 -0.06
CA GLU F 140 -42.52 32.99 -1.26
C GLU F 140 -44.00 32.85 -0.95
N VAL F 141 -44.33 32.16 0.14
CA VAL F 141 -45.73 31.94 0.48
C VAL F 141 -46.43 33.27 0.74
N GLU F 142 -45.79 34.16 1.52
CA GLU F 142 -46.38 35.46 1.80
C GLU F 142 -46.49 36.29 0.53
N SER F 143 -45.46 36.27 -0.31
CA SER F 143 -45.48 37.06 -1.53
C SER F 143 -46.63 36.64 -2.44
N LEU F 144 -46.76 35.33 -2.69
CA LEU F 144 -47.83 34.84 -3.55
C LEU F 144 -49.20 35.03 -2.90
N ALA F 145 -49.29 34.79 -1.58
CA ALA F 145 -50.56 34.96 -0.90
C ALA F 145 -51.05 36.40 -1.01
N GLN F 146 -50.15 37.37 -0.80
CA GLN F 146 -50.51 38.76 -1.00
C GLN F 146 -50.83 39.05 -2.46
N GLN F 147 -50.07 38.46 -3.39
CA GLN F 147 -50.38 38.63 -4.81
C GLN F 147 -51.77 38.09 -5.13
N VAL F 148 -52.11 36.91 -4.63
CA VAL F 148 -53.46 36.39 -4.83
C VAL F 148 -54.47 37.17 -3.99
N GLY F 149 -54.02 37.78 -2.91
CA GLY F 149 -54.87 38.63 -2.09
C GLY F 149 -54.99 40.06 -2.56
N ASN F 150 -54.19 40.46 -3.55
CA ASN F 150 -54.22 41.84 -4.08
C ASN F 150 -55.37 41.93 -5.06
N GLN F 151 -56.53 42.40 -4.58
CA GLN F 151 -57.75 42.52 -5.35
C GLN F 151 -58.30 41.17 -5.81
N ASN F 152 -57.67 40.08 -5.39
CA ASN F 152 -58.03 38.74 -5.85
C ASN F 152 -58.11 38.70 -7.37
N ASP F 153 -57.06 39.23 -8.00
CA ASP F 153 -56.96 39.29 -9.45
C ASP F 153 -56.15 38.10 -9.97
N ALA F 154 -56.01 38.04 -11.29
CA ALA F 154 -55.22 37.00 -11.94
C ALA F 154 -55.90 35.64 -11.83
N SER F 155 -57.23 35.62 -11.95
CA SER F 155 -58.00 34.39 -11.96
C SER F 155 -58.11 33.79 -13.36
N THR F 156 -57.27 34.22 -14.29
CA THR F 156 -57.34 33.74 -15.67
C THR F 156 -57.05 32.24 -15.71
N GLU F 157 -57.85 31.52 -16.50
CA GLU F 157 -57.68 30.09 -16.71
C GLU F 157 -57.33 29.85 -18.17
N LEU F 158 -56.32 29.01 -18.41
CA LEU F 158 -55.78 28.80 -19.74
C LEU F 158 -55.73 27.32 -20.08
N ASN F 159 -56.09 26.99 -21.31
CA ASN F 159 -55.87 25.68 -21.90
C ASN F 159 -54.77 25.82 -22.94
N LEU F 160 -53.67 25.10 -22.75
CA LEU F 160 -52.45 25.37 -23.51
C LEU F 160 -51.81 24.05 -23.92
N SER F 161 -51.03 24.12 -25.01
CA SER F 161 -50.28 22.99 -25.53
C SER F 161 -48.80 23.31 -25.49
N HIS F 162 -47.98 22.32 -25.14
CA HIS F 162 -46.55 22.51 -24.93
C HIS F 162 -45.76 21.53 -25.77
N ILE F 163 -44.69 22.02 -26.39
CA ILE F 163 -43.74 21.20 -27.14
C ILE F 163 -42.36 21.42 -26.53
N LEU F 164 -41.67 20.32 -26.21
CA LEU F 164 -40.40 20.36 -25.50
C LEU F 164 -39.28 19.88 -26.41
N ILE F 165 -38.19 20.63 -26.43
CA ILE F 165 -36.97 20.23 -27.14
C ILE F 165 -35.93 19.90 -26.07
N PRO F 166 -35.62 18.62 -25.82
CA PRO F 166 -34.77 18.29 -24.67
C PRO F 166 -33.32 18.71 -24.89
N LEU F 167 -32.65 19.01 -23.79
CA LEU F 167 -31.22 19.28 -23.76
C LEU F 167 -30.62 18.65 -22.51
N PRO F 168 -29.36 18.24 -22.56
CA PRO F 168 -28.73 17.66 -21.37
C PRO F 168 -28.45 18.73 -20.32
N GLU F 169 -28.25 18.26 -19.08
CA GLU F 169 -27.95 19.17 -17.99
C GLU F 169 -26.66 19.94 -18.23
N ASN F 170 -25.74 19.36 -19.01
CA ASN F 170 -24.46 19.99 -19.31
C ASN F 170 -24.27 19.97 -20.83
N PRO F 171 -24.98 20.84 -21.55
CA PRO F 171 -24.91 20.85 -23.01
C PRO F 171 -23.75 21.67 -23.54
N THR F 172 -23.27 21.26 -24.71
CA THR F 172 -22.23 21.99 -25.42
C THR F 172 -22.86 23.09 -26.28
N SER F 173 -22.01 23.99 -26.78
CA SER F 173 -22.50 25.10 -27.57
C SER F 173 -23.20 24.62 -28.83
N ASP F 174 -22.64 23.60 -29.50
CA ASP F 174 -23.27 23.10 -30.72
C ASP F 174 -24.66 22.54 -30.44
N GLN F 175 -24.82 21.81 -29.35
CA GLN F 175 -26.14 21.31 -28.99
C GLN F 175 -27.09 22.46 -28.66
N VAL F 176 -26.59 23.48 -27.99
CA VAL F 176 -27.43 24.63 -27.64
C VAL F 176 -27.97 25.30 -28.91
N ASN F 177 -27.08 25.54 -29.87
CA ASN F 177 -27.50 26.17 -31.12
C ASN F 177 -28.46 25.27 -31.89
N GLU F 178 -28.18 23.97 -31.95
CA GLU F 178 -29.05 23.05 -32.68
C GLU F 178 -30.44 23.04 -32.08
N ALA F 179 -30.54 22.97 -30.75
CA ALA F 179 -31.86 23.01 -30.11
C ALA F 179 -32.54 24.35 -30.35
N GLU F 180 -31.79 25.45 -30.27
CA GLU F 180 -32.38 26.76 -30.51
C GLU F 180 -32.89 26.88 -31.94
N SER F 181 -32.10 26.42 -32.91
CA SER F 181 -32.54 26.49 -34.31
C SER F 181 -33.78 25.64 -34.53
N GLN F 182 -33.81 24.44 -33.97
CA GLN F 182 -34.99 23.59 -34.11
C GLN F 182 -36.21 24.23 -33.45
N ALA F 183 -36.02 24.81 -32.26
CA ALA F 183 -37.14 25.43 -31.56
C ALA F 183 -37.70 26.62 -32.35
N ARG F 184 -36.82 27.44 -32.92
CA ARG F 184 -37.27 28.57 -33.72
C ARG F 184 -38.04 28.10 -34.95
N ALA F 185 -37.53 27.05 -35.62
CA ALA F 185 -38.22 26.54 -36.81
C ALA F 185 -39.61 26.06 -36.48
N ILE F 186 -39.76 25.34 -35.36
CA ILE F 186 -41.09 24.86 -34.97
C ILE F 186 -42.03 26.04 -34.70
N VAL F 187 -41.51 27.07 -34.03
CA VAL F 187 -42.33 28.25 -33.77
C VAL F 187 -42.78 28.89 -35.08
N ASP F 188 -41.85 29.03 -36.03
CA ASP F 188 -42.22 29.57 -37.33
C ASP F 188 -43.22 28.67 -38.04
N GLN F 189 -43.00 27.35 -37.98
CA GLN F 189 -43.94 26.42 -38.60
C GLN F 189 -45.30 26.47 -37.92
N ALA F 190 -45.32 26.64 -36.61
CA ALA F 190 -46.59 26.65 -35.88
C ALA F 190 -47.49 27.79 -36.35
N ARG F 191 -46.92 28.98 -36.56
CA ARG F 191 -47.71 30.14 -36.95
C ARG F 191 -47.95 30.21 -38.45
N ASN F 192 -47.14 29.54 -39.27
CA ASN F 192 -47.29 29.64 -40.71
C ASN F 192 -48.45 28.83 -41.26
N GLY F 193 -48.98 27.88 -40.48
CA GLY F 193 -50.09 27.07 -40.91
C GLY F 193 -50.01 25.63 -40.47
N ALA F 194 -48.81 25.18 -40.09
CA ALA F 194 -48.64 23.80 -39.66
C ALA F 194 -49.42 23.55 -38.38
N ASP F 195 -50.06 22.39 -38.30
CA ASP F 195 -50.85 22.04 -37.14
C ASP F 195 -49.94 21.87 -35.92
N PHE F 196 -50.31 22.52 -34.81
CA PHE F 196 -49.51 22.42 -33.60
C PHE F 196 -49.51 21.00 -33.05
N GLY F 197 -50.65 20.31 -33.15
CA GLY F 197 -50.72 18.95 -32.62
C GLY F 197 -49.71 18.03 -33.27
N LYS F 198 -49.62 18.08 -34.61
CA LYS F 198 -48.68 17.22 -35.30
C LYS F 198 -47.24 17.54 -34.90
N LEU F 199 -46.92 18.82 -34.77
CA LEU F 199 -45.58 19.20 -34.31
C LEU F 199 -45.28 18.60 -32.94
N ALA F 200 -46.27 18.57 -32.07
CA ALA F 200 -46.07 17.95 -30.75
C ALA F 200 -45.75 16.46 -30.89
N ILE F 201 -46.44 15.77 -31.79
CA ILE F 201 -46.16 14.35 -32.00
C ILE F 201 -44.73 14.18 -32.51
N ALA F 202 -44.31 15.03 -33.44
CA ALA F 202 -43.03 14.82 -34.10
C ALA F 202 -41.85 15.18 -33.20
N HIS F 203 -41.96 16.29 -32.46
CA HIS F 203 -40.81 16.86 -31.76
C HIS F 203 -40.95 16.94 -30.25
N SER F 204 -42.16 17.02 -29.72
CA SER F 204 -42.32 17.22 -28.28
C SER F 204 -41.71 16.07 -27.50
N ALA F 205 -40.88 16.40 -26.51
CA ALA F 205 -40.34 15.43 -25.58
C ALA F 205 -41.14 15.36 -24.29
N ASP F 206 -42.20 16.15 -24.17
CA ASP F 206 -43.01 16.16 -22.95
C ASP F 206 -43.82 14.87 -22.85
N GLN F 207 -44.27 14.58 -21.63
CA GLN F 207 -45.12 13.41 -21.41
C GLN F 207 -46.43 13.52 -22.18
N GLN F 208 -46.82 14.72 -22.59
CA GLN F 208 -48.03 14.93 -23.37
C GLN F 208 -47.78 14.85 -24.87
N ALA F 209 -46.57 14.47 -25.28
CA ALA F 209 -46.26 14.43 -26.71
C ALA F 209 -47.23 13.52 -27.46
N LEU F 210 -47.57 12.38 -26.88
CA LEU F 210 -48.54 11.50 -27.52
C LEU F 210 -49.93 12.11 -27.55
N ASN F 211 -50.22 13.00 -26.60
CA ASN F 211 -51.52 13.67 -26.52
C ASN F 211 -51.54 14.99 -27.27
N GLY F 212 -50.51 15.27 -28.08
CA GLY F 212 -50.43 16.52 -28.80
C GLY F 212 -49.85 17.68 -28.01
N GLY F 213 -49.29 17.42 -26.83
CA GLY F 213 -48.74 18.46 -25.99
C GLY F 213 -49.75 19.17 -25.11
N GLN F 214 -51.02 18.80 -25.18
CA GLN F 214 -52.04 19.45 -24.37
C GLN F 214 -51.75 19.23 -22.89
N MET F 215 -51.79 20.33 -22.13
CA MET F 215 -51.57 20.28 -20.69
C MET F 215 -52.86 20.34 -19.88
N GLY F 216 -53.99 20.62 -20.52
CA GLY F 216 -55.26 20.72 -19.84
C GLY F 216 -55.51 22.11 -19.29
N TRP F 217 -56.73 22.31 -18.79
CA TRP F 217 -57.11 23.60 -18.22
C TRP F 217 -56.29 23.89 -16.97
N GLY F 218 -55.83 25.13 -16.84
CA GLY F 218 -55.04 25.54 -15.71
C GLY F 218 -55.08 27.04 -15.55
N ARG F 219 -54.35 27.52 -14.54
CA ARG F 219 -54.31 28.94 -14.22
C ARG F 219 -52.93 29.49 -14.56
N ILE F 220 -52.91 30.75 -15.01
CA ILE F 220 -51.68 31.35 -15.53
C ILE F 220 -50.59 31.34 -14.47
N GLN F 221 -50.95 31.63 -13.21
CA GLN F 221 -49.94 31.71 -12.16
C GLN F 221 -49.24 30.38 -11.92
N GLU F 222 -49.81 29.27 -12.39
CA GLU F 222 -49.15 27.98 -12.23
C GLU F 222 -47.79 27.97 -12.92
N LEU F 223 -47.73 28.47 -14.15
CA LEU F 223 -46.50 28.47 -14.91
C LEU F 223 -45.52 29.51 -14.36
N PRO F 224 -44.23 29.35 -14.60
CA PRO F 224 -43.25 30.31 -14.10
C PRO F 224 -43.40 31.66 -14.78
N GLY F 225 -42.69 32.64 -14.24
CA GLY F 225 -42.79 34.00 -14.75
C GLY F 225 -42.28 34.15 -16.17
N ILE F 226 -41.38 33.26 -16.59
CA ILE F 226 -40.83 33.34 -17.94
C ILE F 226 -41.94 33.19 -18.98
N PHE F 227 -42.91 32.32 -18.72
CA PHE F 227 -44.05 32.15 -19.62
C PHE F 227 -45.24 33.02 -19.24
N ALA F 228 -45.39 33.35 -17.95
CA ALA F 228 -46.53 34.16 -17.53
C ALA F 228 -46.51 35.53 -18.20
N GLN F 229 -45.33 36.16 -18.28
CA GLN F 229 -45.24 37.46 -18.91
C GLN F 229 -45.63 37.38 -20.39
N ALA F 230 -45.19 36.33 -21.08
CA ALA F 230 -45.56 36.17 -22.49
C ALA F 230 -47.04 35.87 -22.63
N LEU F 231 -47.59 35.01 -21.75
CA LEU F 231 -49.00 34.66 -21.84
C LEU F 231 -49.91 35.83 -21.51
N SER F 232 -49.41 36.84 -20.78
CA SER F 232 -50.25 37.98 -20.45
C SER F 232 -50.70 38.73 -21.69
N THR F 233 -49.82 38.87 -22.69
CA THR F 233 -50.14 39.60 -23.91
C THR F 233 -50.61 38.69 -25.04
N ALA F 234 -50.32 37.40 -24.97
CA ALA F 234 -50.70 36.49 -26.04
C ALA F 234 -52.21 36.28 -26.06
N LYS F 235 -52.77 36.16 -27.26
CA LYS F 235 -54.19 35.91 -27.45
C LYS F 235 -54.40 34.46 -27.87
N LYS F 236 -55.66 34.09 -28.08
CA LYS F 236 -55.99 32.72 -28.45
C LYS F 236 -55.30 32.34 -29.76
N GLY F 237 -54.70 31.16 -29.77
CA GLY F 237 -54.04 30.64 -30.97
C GLY F 237 -52.62 31.11 -31.18
N ASP F 238 -52.12 32.01 -30.36
CA ASP F 238 -50.76 32.50 -30.53
C ASP F 238 -49.74 31.46 -30.08
N ILE F 239 -48.53 31.58 -30.60
CA ILE F 239 -47.41 30.70 -30.28
C ILE F 239 -46.45 31.48 -29.41
N VAL F 240 -46.13 30.93 -28.24
CA VAL F 240 -45.23 31.55 -27.27
C VAL F 240 -43.93 30.78 -27.25
N GLY F 241 -42.81 31.48 -27.41
CA GLY F 241 -41.51 30.88 -27.42
C GLY F 241 -40.74 31.18 -28.68
N PRO F 242 -39.59 30.51 -28.87
CA PRO F 242 -38.98 29.52 -27.99
C PRO F 242 -38.25 30.15 -26.81
N ILE F 243 -38.19 29.47 -25.67
CA ILE F 243 -37.51 29.98 -24.48
C ILE F 243 -36.71 28.83 -23.88
N ARG F 244 -35.46 29.11 -23.52
CA ARG F 244 -34.57 28.11 -22.96
C ARG F 244 -34.74 28.00 -21.45
N SER F 245 -34.32 26.86 -20.92
CA SER F 245 -34.27 26.62 -19.48
C SER F 245 -33.30 25.46 -19.24
N GLY F 246 -33.30 24.95 -18.00
CA GLY F 246 -32.39 23.87 -17.67
C GLY F 246 -32.65 22.61 -18.47
N VAL F 247 -33.93 22.24 -18.62
CA VAL F 247 -34.26 21.01 -19.31
C VAL F 247 -34.12 21.16 -20.83
N GLY F 248 -34.46 22.32 -21.37
CA GLY F 248 -34.36 22.56 -22.78
C GLY F 248 -35.25 23.72 -23.20
N PHE F 249 -35.55 23.76 -24.50
CA PHE F 249 -36.37 24.81 -25.07
C PHE F 249 -37.85 24.41 -25.00
N HIS F 250 -38.71 25.43 -24.90
CA HIS F 250 -40.15 25.23 -24.80
C HIS F 250 -40.87 26.09 -25.82
N ILE F 251 -41.89 25.51 -26.45
CA ILE F 251 -42.77 26.21 -27.37
C ILE F 251 -44.20 25.97 -26.91
N LEU F 252 -44.94 27.06 -26.69
CA LEU F 252 -46.27 26.99 -26.10
C LEU F 252 -47.30 27.61 -27.05
N LYS F 253 -48.44 26.94 -27.17
CA LYS F 253 -49.57 27.45 -27.95
C LYS F 253 -50.79 27.47 -27.03
N VAL F 254 -51.38 28.65 -26.86
CA VAL F 254 -52.55 28.80 -26.00
C VAL F 254 -53.78 28.41 -26.82
N ASN F 255 -54.41 27.30 -26.46
CA ASN F 255 -55.58 26.83 -27.20
C ASN F 255 -56.83 27.63 -26.84
N ASP F 256 -56.99 27.99 -25.57
CA ASP F 256 -58.17 28.70 -25.13
C ASP F 256 -57.83 29.54 -23.90
N LEU F 257 -58.68 30.52 -23.63
CA LEU F 257 -58.51 31.43 -22.50
C LEU F 257 -59.87 31.72 -21.90
N ARG F 258 -59.92 31.82 -20.57
CA ARG F 258 -61.14 32.15 -19.87
C ARG F 258 -60.80 32.75 -18.51
N GLY F 259 -61.77 33.44 -17.94
CA GLY F 259 -61.58 34.06 -16.63
C GLY F 259 -62.90 34.47 -16.04
N GLU F 260 -62.92 34.59 -14.72
CA GLU F 260 -64.12 34.97 -13.99
C GLU F 260 -63.72 35.70 -12.71
N SER F 261 -64.66 36.47 -12.18
CA SER F 261 -64.45 37.24 -10.95
C SER F 261 -65.02 36.53 -9.73
N LYS F 262 -65.01 35.19 -9.74
CA LYS F 262 -65.53 34.41 -8.61
C LYS F 262 -64.52 34.43 -7.47
N ASN F 263 -64.41 35.60 -6.84
CA ASN F 263 -63.50 35.77 -5.73
C ASN F 263 -64.02 35.03 -4.50
N ILE F 264 -63.12 34.28 -3.85
CA ILE F 264 -63.47 33.49 -2.68
C ILE F 264 -63.28 34.38 -1.45
N SER F 265 -64.32 34.47 -0.62
CA SER F 265 -64.32 35.31 0.56
C SER F 265 -64.63 34.48 1.79
N VAL F 266 -64.03 34.86 2.91
CA VAL F 266 -64.23 34.16 4.18
C VAL F 266 -65.29 34.88 4.99
N VAL F 370 -63.40 38.07 3.72
CA VAL F 370 -62.13 38.72 3.96
C VAL F 370 -61.03 38.00 3.20
N ASP F 371 -60.26 38.76 2.41
CA ASP F 371 -59.12 38.20 1.67
C ASP F 371 -57.97 37.96 2.64
N LYS F 372 -58.16 36.94 3.49
CA LYS F 372 -57.18 36.62 4.52
C LYS F 372 -55.97 35.94 3.91
N THR F 373 -54.96 36.72 3.53
CA THR F 373 -53.75 36.17 2.96
C THR F 373 -52.98 35.30 3.95
N ASP F 374 -53.22 35.46 5.26
CA ASP F 374 -52.54 34.63 6.24
C ASP F 374 -53.15 33.23 6.31
N ALA F 375 -54.46 33.10 6.17
CA ALA F 375 -55.14 31.81 6.25
C ALA F 375 -55.86 31.44 4.97
N ALA F 376 -56.71 32.34 4.45
CA ALA F 376 -57.55 31.98 3.32
C ALA F 376 -56.73 31.78 2.05
N GLN F 377 -55.85 32.73 1.74
CA GLN F 377 -55.05 32.68 0.53
C GLN F 377 -53.63 32.19 0.78
N LYS F 378 -53.31 31.73 1.99
CA LYS F 378 -52.01 31.15 2.26
C LYS F 378 -51.94 29.69 1.81
N ASP F 379 -52.92 28.88 2.24
CA ASP F 379 -52.94 27.49 1.81
C ASP F 379 -53.12 27.39 0.30
N ARG F 380 -54.03 28.20 -0.27
CA ARG F 380 -54.21 28.19 -1.72
C ARG F 380 -52.95 28.68 -2.43
N ALA F 381 -52.34 29.76 -1.93
CA ALA F 381 -51.08 30.21 -2.51
C ALA F 381 -49.98 29.16 -2.31
N TYR F 382 -49.91 28.57 -1.12
CA TYR F 382 -48.96 27.49 -0.90
C TYR F 382 -49.28 26.30 -1.79
N ARG F 383 -50.56 25.95 -1.91
CA ARG F 383 -50.95 24.92 -2.86
C ARG F 383 -50.61 25.34 -4.29
N MET F 384 -50.87 26.60 -4.62
CA MET F 384 -50.48 27.12 -5.93
C MET F 384 -48.97 27.07 -6.09
N LEU F 385 -48.23 27.47 -5.06
CA LEU F 385 -46.77 27.41 -5.12
C LEU F 385 -46.29 25.98 -5.26
N MET F 386 -46.93 25.05 -4.54
CA MET F 386 -46.54 23.64 -4.63
C MET F 386 -46.75 23.11 -6.03
N ASN F 387 -47.84 23.53 -6.69
CA ASN F 387 -48.12 23.04 -8.04
C ASN F 387 -46.97 23.35 -8.98
N ARG F 388 -46.51 24.60 -8.99
CA ARG F 388 -45.36 24.96 -9.83
C ARG F 388 -44.11 24.25 -9.35
N LYS F 389 -43.94 24.13 -8.02
CA LYS F 389 -42.77 23.44 -7.49
C LYS F 389 -42.74 21.99 -7.97
N PHE F 390 -43.89 21.31 -7.96
CA PHE F 390 -43.93 19.94 -8.45
C PHE F 390 -43.54 19.87 -9.92
N SER F 391 -44.11 20.75 -10.74
CA SER F 391 -43.85 20.69 -12.18
C SER F 391 -42.38 20.96 -12.48
N GLU F 392 -41.80 21.98 -11.84
CA GLU F 392 -40.40 22.32 -12.10
C GLU F 392 -39.48 21.19 -11.70
N GLU F 393 -39.70 20.61 -10.52
CA GLU F 393 -38.85 19.53 -10.02
C GLU F 393 -39.28 18.15 -10.50
N ALA F 394 -40.46 18.05 -11.13
CA ALA F 394 -40.84 16.82 -11.81
C ALA F 394 -40.12 16.67 -13.14
N ALA F 395 -39.91 17.77 -13.86
CA ALA F 395 -39.17 17.72 -15.12
C ALA F 395 -37.68 17.51 -14.86
N SER F 396 -37.15 18.08 -13.79
CA SER F 396 -35.75 17.86 -13.45
C SER F 396 -35.50 16.43 -13.01
N TRP F 397 -36.40 15.87 -12.20
CA TRP F 397 -36.22 14.51 -11.71
C TRP F 397 -36.25 13.50 -12.85
N MET F 398 -37.22 13.62 -13.74
CA MET F 398 -37.36 12.66 -14.83
C MET F 398 -36.14 12.67 -15.73
N GLN F 399 -35.66 13.85 -16.10
CA GLN F 399 -34.47 13.94 -16.95
C GLN F 399 -33.25 13.39 -16.23
N GLU F 400 -33.16 13.62 -14.91
CA GLU F 400 -32.05 13.06 -14.15
C GLU F 400 -32.10 11.53 -14.16
N GLN F 401 -33.30 10.96 -14.05
CA GLN F 401 -33.44 9.51 -14.13
C GLN F 401 -32.99 8.99 -15.49
N ARG F 402 -33.37 9.70 -16.56
CA ARG F 402 -33.02 9.25 -17.91
C ARG F 402 -31.52 9.21 -18.10
N ALA F 403 -30.83 10.32 -17.80
CA ALA F 403 -29.40 10.40 -18.06
C ALA F 403 -28.63 9.37 -17.24
N SER F 404 -28.96 9.25 -15.95
CA SER F 404 -28.24 8.30 -15.10
C SER F 404 -28.59 6.86 -15.44
N ALA F 405 -29.82 6.61 -15.88
CA ALA F 405 -30.25 5.24 -16.14
C ALA F 405 -29.45 4.63 -17.29
N TYR F 406 -29.10 3.36 -17.13
CA TYR F 406 -28.41 2.62 -18.18
C TYR F 406 -29.43 2.04 -19.16
N VAL F 407 -29.14 2.19 -20.45
CA VAL F 407 -30.07 1.77 -21.49
C VAL F 407 -29.27 1.41 -22.74
N LYS F 408 -29.77 0.42 -23.48
CA LYS F 408 -29.18 0.04 -24.76
C LYS F 408 -30.31 -0.44 -25.66
N ILE F 409 -30.74 0.42 -26.58
CA ILE F 409 -31.83 0.06 -27.49
C ILE F 409 -31.44 -1.16 -28.29
N LEU F 410 -32.39 -2.07 -28.47
CA LEU F 410 -32.18 -3.32 -29.19
C LEU F 410 -32.99 -3.33 -30.47
N SER F 411 -32.42 -3.93 -31.52
CA SER F 411 -33.10 -4.08 -32.80
C SER F 411 -32.86 -5.49 -33.32
N ASN F 412 -33.79 -5.97 -34.13
CA ASN F 412 -33.70 -7.31 -34.70
C ASN F 412 -34.18 -7.32 -36.15
N TRP G 1 29.60 2.77 -4.87
CA TRP G 1 28.42 2.04 -5.39
C TRP G 1 28.65 0.53 -5.32
N ASN G 2 27.59 -0.21 -5.02
CA ASN G 2 27.66 -1.66 -4.95
C ASN G 2 26.33 -2.28 -5.35
C UX8 G 3 25.11 -5.00 -6.70
CA UX8 G 3 25.12 -3.67 -6.94
CG UX8 G 3 23.56 -3.87 -8.91
CE2 UX8 G 3 21.93 -5.19 -9.73
CB UX8 G 3 24.95 -3.40 -8.44
CD1 UX8 G 3 22.41 -3.14 -8.89
CD2 UX8 G 3 23.30 -5.15 -9.42
CE3 UX8 G 3 24.11 -6.26 -9.65
CZ3 UX8 G 3 23.56 -7.43 -10.19
CH2 UX8 G 3 22.19 -7.45 -10.48
CZ2 UX8 G 3 21.38 -6.35 -10.25
N UX8 G 3 26.35 -3.07 -6.42
NE1 UX8 G 3 21.44 -3.95 -9.38
O UX8 G 3 26.03 -5.81 -6.72
O9 UX8 G 3 25.15 -2.04 -8.71
HA UX8 G 3 24.33 -3.19 -6.56
HB2 UX8 G 3 25.63 -3.96 -8.91
HD1 UX8 G 3 22.31 -2.19 -8.57
HE3 UX8 G 3 25.08 -6.21 -9.43
HZ3 UX8 G 3 24.13 -8.23 -10.35
HZ2 UX8 G 3 20.41 -6.39 -10.47
H UX8 G 3 27.18 -3.30 -6.92
HE1 UX8 G 3 20.47 -3.69 -9.49
N SER G 4 23.89 -5.41 -6.39
CA SER G 4 23.56 -6.82 -6.16
C SER G 4 22.35 -7.21 -7.01
N LYS G 5 22.42 -8.40 -7.60
CA LYS G 5 21.36 -8.91 -8.47
C LYS G 5 21.10 -10.37 -8.08
N SER G 6 20.06 -10.59 -7.28
CA SER G 6 19.72 -11.94 -6.86
C SER G 6 19.38 -12.81 -8.06
N PHE G 7 19.94 -14.02 -8.09
CA PHE G 7 19.67 -14.95 -9.17
C PHE G 7 19.18 -16.28 -8.60
#